data_4UW1
#
_entry.id   4UW1
#
_cell.length_a   80.589
_cell.length_b   82.312
_cell.length_c   86.727
_cell.angle_alpha   71.38
_cell.angle_beta   67.31
_cell.angle_gamma   89.51
#
_symmetry.space_group_name_H-M   'P 1'
#
loop_
_entity.id
_entity.type
_entity.pdbx_description
1 polymer TANKYRASE-1
2 non-polymer 'ZINC ION'
3 non-polymer GLYCEROL
4 non-polymer 1,2-ETHANEDIOL
5 non-polymer 3-{4-[(dimethylamino)methyl]phenyl}-5-methoxyisoquinolin-1(2H)-one
#
_entity_poly.entity_id   1
_entity_poly.type   'polypeptide(L)'
_entity_poly.pdbx_seq_one_letter_code
;MHHHHHHSSGVDLGTENLYFQSMQGTNPYLTFHCVNQGTILLDLAPEDKEYQSVEEEMQSTIREHRDGGNAGGIFNRYNV
IRIQKVVNKKLRERFCHRQKEVSEENHNHHNERMLFHGSPFINAIIHKGFDERHAYIGGMFGAGIYFAENSSKSNQYVYG
IGGGTGCPTHKDRSCYICHRQMLFCRVTLGKSFLQFSTIKMAHAPPGHHSVIGRPSVNGLAYAEYVIYRGEQAYPEYLIT
YQIMKPEAPSQTATAAEQ
;
_entity_poly.pdbx_strand_id   A,B,C,D,E,F,G,H
#
loop_
_chem_comp.id
_chem_comp.type
_chem_comp.name
_chem_comp.formula
92R non-polymer 3-{4-[(dimethylamino)methyl]phenyl}-5-methoxyisoquinolin-1(2H)-one 'C19 H20 N2 O2'
EDO non-polymer 1,2-ETHANEDIOL 'C2 H6 O2'
GOL non-polymer GLYCEROL 'C3 H8 O3'
ZN non-polymer 'ZINC ION' 'Zn 2'
#
# COMPACT_ATOMS: atom_id res chain seq x y z
N GLY A 38 4.57 -16.79 0.14
CA GLY A 38 5.85 -16.17 0.44
C GLY A 38 6.74 -17.06 1.27
N THR A 39 6.29 -18.28 1.52
CA THR A 39 7.06 -19.24 2.32
C THR A 39 7.29 -20.54 1.56
N ILE A 40 8.54 -20.93 1.41
CA ILE A 40 8.86 -22.21 0.76
C ILE A 40 9.47 -23.20 1.74
N LEU A 41 8.94 -24.41 1.76
CA LEU A 41 9.43 -25.45 2.66
C LEU A 41 10.40 -26.39 1.94
N LEU A 42 11.56 -26.60 2.55
CA LEU A 42 12.59 -27.45 1.93
C LEU A 42 12.82 -28.73 2.72
N ASP A 43 12.32 -29.85 2.20
CA ASP A 43 12.48 -31.14 2.84
C ASP A 43 13.94 -31.57 2.92
N LEU A 44 14.44 -31.75 4.14
CA LEU A 44 15.81 -32.19 4.34
C LEU A 44 15.90 -33.71 4.26
N ALA A 45 16.83 -34.20 3.45
CA ALA A 45 17.03 -35.64 3.28
C ALA A 45 17.50 -36.28 4.58
N PRO A 46 16.94 -37.45 4.92
CA PRO A 46 17.26 -38.18 6.16
C PRO A 46 18.73 -38.54 6.30
N GLU A 47 19.47 -38.47 5.20
CA GLU A 47 20.89 -38.85 5.21
C GLU A 47 21.78 -37.62 5.40
N ASP A 48 21.17 -36.44 5.47
CA ASP A 48 21.91 -35.21 5.66
C ASP A 48 22.26 -35.00 7.13
N LYS A 49 23.33 -34.25 7.38
CA LYS A 49 23.81 -34.02 8.74
C LYS A 49 22.84 -33.19 9.56
N GLU A 50 22.24 -32.18 8.92
CA GLU A 50 21.31 -31.28 9.61
C GLU A 50 20.08 -32.02 10.12
N TYR A 51 19.54 -32.90 9.29
CA TYR A 51 18.37 -33.70 9.64
C TYR A 51 18.60 -34.50 10.92
N GLN A 52 19.69 -35.27 10.93
CA GLN A 52 20.01 -36.12 12.08
C GLN A 52 20.44 -35.30 13.28
N SER A 53 20.98 -34.11 13.04
CA SER A 53 21.36 -33.22 14.12
C SER A 53 20.12 -32.71 14.86
N VAL A 54 19.14 -32.26 14.08
CA VAL A 54 17.88 -31.80 14.62
C VAL A 54 17.14 -32.93 15.33
N GLU A 55 17.08 -34.09 14.68
CA GLU A 55 16.42 -35.26 15.26
C GLU A 55 17.07 -35.66 16.58
N GLU A 56 18.40 -35.69 16.61
CA GLU A 56 19.13 -36.01 17.83
C GLU A 56 18.89 -34.96 18.90
N GLU A 57 18.72 -33.71 18.47
CA GLU A 57 18.43 -32.62 19.39
C GLU A 57 17.00 -32.71 19.91
N MET A 58 16.16 -33.48 19.23
CA MET A 58 14.76 -33.60 19.60
C MET A 58 14.50 -34.81 20.50
N GLN A 59 15.06 -35.95 20.15
CA GLN A 59 14.79 -37.19 20.88
C GLN A 59 15.65 -37.34 22.13
N SER A 60 16.65 -36.48 22.28
CA SER A 60 17.52 -36.54 23.44
C SER A 60 17.02 -35.63 24.56
N THR A 61 16.21 -34.64 24.20
CA THR A 61 15.68 -33.69 25.18
C THR A 61 14.30 -34.11 25.66
N ILE A 62 13.99 -35.39 25.57
CA ILE A 62 12.71 -35.90 26.05
C ILE A 62 12.81 -36.23 27.53
N ARG A 63 11.91 -35.66 28.33
CA ARG A 63 11.92 -35.87 29.77
C ARG A 63 10.54 -36.23 30.28
N GLU A 64 10.48 -36.91 31.42
CA GLU A 64 9.22 -37.24 32.05
C GLU A 64 8.69 -36.03 32.81
N HIS A 65 7.43 -35.68 32.57
CA HIS A 65 6.82 -34.52 33.21
C HIS A 65 5.98 -34.93 34.41
N ARG A 66 5.75 -33.98 35.32
CA ARG A 66 5.05 -34.27 36.57
C ARG A 66 3.54 -34.47 36.38
N ASP A 67 3.07 -34.29 35.16
CA ASP A 67 1.65 -34.49 34.87
C ASP A 67 1.37 -35.93 34.48
N GLY A 68 2.42 -36.74 34.43
CA GLY A 68 2.30 -38.15 34.10
C GLY A 68 2.00 -38.39 32.63
N GLY A 69 2.32 -37.42 31.79
CA GLY A 69 2.06 -37.53 30.37
C GLY A 69 0.60 -37.39 30.03
N ASN A 70 -0.08 -36.46 30.70
CA ASN A 70 -1.50 -36.21 30.43
C ASN A 70 -1.70 -35.37 29.19
N ALA A 71 -1.03 -34.22 29.13
CA ALA A 71 -1.18 -33.29 28.03
C ALA A 71 -0.48 -33.77 26.76
N GLY A 72 0.82 -34.01 26.87
CA GLY A 72 1.63 -34.40 25.71
C GLY A 72 1.51 -35.87 25.35
N GLY A 73 0.96 -36.66 26.26
CA GLY A 73 0.81 -38.09 26.03
C GLY A 73 1.96 -38.89 26.60
N ILE A 74 1.89 -40.21 26.47
CA ILE A 74 2.93 -41.08 27.00
C ILE A 74 3.85 -41.57 25.87
N PHE A 75 5.13 -41.22 25.96
CA PHE A 75 6.11 -41.60 24.96
C PHE A 75 7.53 -41.54 25.50
N ASN A 76 8.46 -42.17 24.81
CA ASN A 76 9.86 -42.16 25.21
C ASN A 76 10.77 -41.76 24.05
N ARG A 77 10.24 -41.84 22.83
CA ARG A 77 10.96 -41.43 21.64
C ARG A 77 9.99 -41.17 20.49
N TYR A 78 10.27 -40.12 19.72
CA TYR A 78 9.39 -39.74 18.62
C TYR A 78 9.60 -40.59 17.37
N ASN A 79 8.64 -40.49 16.44
CA ASN A 79 8.77 -41.08 15.12
C ASN A 79 8.80 -39.97 14.07
N VAL A 80 10.01 -39.49 13.75
CA VAL A 80 10.17 -38.36 12.85
C VAL A 80 9.79 -38.71 11.42
N ILE A 81 8.76 -38.04 10.89
CA ILE A 81 8.37 -38.24 9.50
C ILE A 81 9.23 -37.40 8.58
N ARG A 82 9.25 -36.09 8.81
CA ARG A 82 10.02 -35.20 7.93
C ARG A 82 10.44 -33.89 8.60
N ILE A 83 11.64 -33.44 8.27
CA ILE A 83 12.15 -32.16 8.78
C ILE A 83 12.35 -31.19 7.61
N GLN A 84 11.58 -30.11 7.61
CA GLN A 84 11.60 -29.16 6.50
C GLN A 84 12.06 -27.77 6.94
N LYS A 85 13.01 -27.19 6.20
CA LYS A 85 13.46 -25.84 6.51
C LYS A 85 12.51 -24.79 5.95
N VAL A 86 12.11 -23.85 6.80
CA VAL A 86 11.21 -22.77 6.39
C VAL A 86 12.00 -21.62 5.78
N VAL A 87 11.67 -21.28 4.54
CA VAL A 87 12.37 -20.22 3.83
C VAL A 87 11.45 -19.04 3.52
N ASN A 88 11.84 -17.88 4.04
CA ASN A 88 11.12 -16.63 3.85
C ASN A 88 12.05 -15.46 4.12
N LYS A 89 12.47 -14.77 3.05
CA LYS A 89 13.49 -13.74 3.14
C LYS A 89 13.09 -12.54 4.00
N LYS A 90 11.80 -12.23 4.02
CA LYS A 90 11.29 -11.08 4.77
C LYS A 90 11.42 -11.30 6.28
N LEU A 91 10.92 -12.44 6.74
CA LEU A 91 10.99 -12.79 8.15
C LEU A 91 12.44 -12.88 8.61
N ARG A 92 13.31 -13.36 7.74
CA ARG A 92 14.74 -13.43 8.03
C ARG A 92 15.34 -12.03 8.10
N GLU A 93 14.81 -11.12 7.29
CA GLU A 93 15.27 -9.73 7.30
C GLU A 93 14.92 -9.07 8.62
N ARG A 94 13.67 -9.24 9.06
CA ARG A 94 13.23 -8.71 10.36
C ARG A 94 14.05 -9.32 11.48
N PHE A 95 14.20 -10.64 11.45
CA PHE A 95 14.92 -11.37 12.48
C PHE A 95 16.37 -10.90 12.60
N CYS A 96 17.03 -10.74 11.46
CA CYS A 96 18.43 -10.30 11.45
C CYS A 96 18.57 -8.84 11.84
N HIS A 97 17.57 -8.03 11.50
CA HIS A 97 17.57 -6.62 11.88
C HIS A 97 17.48 -6.48 13.40
N ARG A 98 16.49 -7.14 13.98
CA ARG A 98 16.31 -7.14 15.43
C ARG A 98 17.51 -7.77 16.13
N GLN A 99 18.09 -8.78 15.49
CA GLN A 99 19.27 -9.44 16.02
C GLN A 99 20.44 -8.47 16.07
N LYS A 100 20.52 -7.61 15.06
CA LYS A 100 21.55 -6.59 15.00
C LYS A 100 21.32 -5.54 16.08
N GLU A 101 20.06 -5.19 16.32
CA GLU A 101 19.72 -4.24 17.37
C GLU A 101 20.09 -4.77 18.75
N VAL A 102 19.72 -6.02 19.02
CA VAL A 102 20.03 -6.66 20.30
C VAL A 102 21.53 -6.80 20.47
N SER A 103 22.23 -7.20 19.42
CA SER A 103 23.68 -7.32 19.45
C SER A 103 24.32 -5.98 19.78
N GLU A 104 23.80 -4.91 19.18
CA GLU A 104 24.31 -3.57 19.43
C GLU A 104 24.00 -3.10 20.85
N GLU A 105 23.04 -3.75 21.48
CA GLU A 105 22.63 -3.38 22.84
C GLU A 105 23.01 -4.46 23.86
N ASN A 106 23.90 -5.37 23.46
CA ASN A 106 24.33 -6.44 24.36
C ASN A 106 25.74 -6.94 24.07
N HIS A 107 26.72 -6.05 24.23
CA HIS A 107 28.14 -6.39 24.15
C HIS A 107 28.54 -7.04 22.83
N ASN A 108 27.86 -6.66 21.75
CA ASN A 108 28.11 -7.22 20.42
C ASN A 108 28.03 -8.74 20.40
N HIS A 109 27.17 -9.30 21.25
CA HIS A 109 27.03 -10.74 21.35
C HIS A 109 25.57 -11.15 21.45
N HIS A 110 24.94 -11.41 20.30
CA HIS A 110 23.57 -11.86 20.26
C HIS A 110 23.48 -13.33 20.66
N ASN A 111 22.80 -13.61 21.77
CA ASN A 111 22.69 -14.97 22.27
C ASN A 111 21.64 -15.78 21.50
N GLU A 112 22.03 -16.28 20.33
CA GLU A 112 21.15 -17.13 19.54
C GLU A 112 21.15 -18.55 20.08
N ARG A 113 19.96 -19.09 20.34
CA ARG A 113 19.82 -20.44 20.84
C ARG A 113 18.70 -21.19 20.13
N MET A 114 18.99 -22.42 19.70
CA MET A 114 18.01 -23.26 19.05
C MET A 114 17.07 -23.87 20.09
N LEU A 115 15.81 -23.46 20.06
CA LEU A 115 14.84 -23.90 21.06
C LEU A 115 13.56 -24.43 20.40
N PHE A 116 12.85 -25.30 21.11
CA PHE A 116 11.63 -25.90 20.58
C PHE A 116 10.40 -25.04 20.86
N HIS A 117 9.32 -25.30 20.11
CA HIS A 117 8.08 -24.56 20.27
C HIS A 117 6.91 -25.33 19.66
N GLY A 118 5.93 -25.66 20.49
CA GLY A 118 4.74 -26.34 20.03
C GLY A 118 3.51 -25.47 20.13
N SER A 119 2.73 -25.42 19.06
CA SER A 119 1.55 -24.56 18.99
C SER A 119 0.54 -25.09 17.98
N PRO A 120 -0.75 -24.90 18.26
CA PRO A 120 -1.80 -25.30 17.30
C PRO A 120 -1.89 -24.36 16.10
N PHE A 121 -1.03 -23.36 16.06
CA PHE A 121 -1.03 -22.39 14.96
C PHE A 121 0.33 -22.33 14.27
N ILE A 122 0.89 -23.50 13.98
CA ILE A 122 2.22 -23.59 13.39
C ILE A 122 2.27 -22.99 11.99
N ASN A 123 1.31 -23.34 11.15
CA ASN A 123 1.27 -22.84 9.78
C ASN A 123 1.24 -21.31 9.72
N ALA A 124 0.48 -20.71 10.65
CA ALA A 124 0.41 -19.26 10.74
C ALA A 124 1.76 -18.67 11.12
N ILE A 125 2.55 -19.43 11.86
CA ILE A 125 3.88 -18.99 12.27
C ILE A 125 4.87 -19.10 11.12
N ILE A 126 4.82 -20.21 10.39
CA ILE A 126 5.75 -20.43 9.30
C ILE A 126 5.37 -19.58 8.08
N HIS A 127 4.16 -19.02 8.08
CA HIS A 127 3.72 -18.16 6.99
C HIS A 127 3.86 -16.68 7.31
N LYS A 128 3.54 -16.30 8.54
CA LYS A 128 3.51 -14.89 8.92
C LYS A 128 4.61 -14.51 9.90
N GLY A 129 5.24 -15.50 10.52
CA GLY A 129 6.29 -15.24 11.49
C GLY A 129 5.76 -15.22 12.91
N PHE A 130 6.66 -15.16 13.88
CA PHE A 130 6.27 -15.06 15.28
C PHE A 130 5.65 -13.71 15.59
N ASP A 131 4.63 -13.72 16.44
CA ASP A 131 3.90 -12.49 16.76
C ASP A 131 3.58 -12.43 18.25
N GLU A 132 4.06 -11.37 18.91
CA GLU A 132 3.84 -11.22 20.35
C GLU A 132 2.42 -10.76 20.65
N ARG A 133 1.66 -10.46 19.60
CA ARG A 133 0.25 -10.10 19.76
C ARG A 133 -0.57 -11.34 20.06
N HIS A 134 -0.04 -12.50 19.72
CA HIS A 134 -0.66 -13.78 20.03
C HIS A 134 0.15 -14.52 21.09
N ALA A 135 0.64 -13.78 22.07
CA ALA A 135 1.49 -14.33 23.11
C ALA A 135 0.71 -15.12 24.16
N TYR A 136 1.42 -15.93 24.93
CA TYR A 136 0.81 -16.73 25.98
C TYR A 136 0.51 -15.88 27.20
N ILE A 137 -0.69 -15.31 27.25
CA ILE A 137 -1.12 -14.47 28.37
C ILE A 137 -1.16 -15.28 29.66
N GLY A 138 -1.54 -16.55 29.54
CA GLY A 138 -1.61 -17.45 30.68
C GLY A 138 -0.25 -18.00 31.09
N GLY A 139 0.81 -17.44 30.51
CA GLY A 139 2.16 -17.86 30.83
C GLY A 139 2.56 -17.44 32.24
N MET A 140 3.65 -18.00 32.73
CA MET A 140 4.10 -17.73 34.09
C MET A 140 4.87 -16.42 34.17
N PHE A 141 5.51 -16.04 33.06
CA PHE A 141 6.32 -14.82 33.02
C PHE A 141 5.64 -13.71 32.22
N GLY A 142 4.32 -13.74 32.15
CA GLY A 142 3.56 -12.72 31.47
C GLY A 142 3.26 -13.03 30.02
N ALA A 143 2.47 -12.17 29.39
CA ALA A 143 2.06 -12.39 28.01
C ALA A 143 3.25 -12.25 27.04
N GLY A 144 4.01 -13.33 26.91
CA GLY A 144 5.13 -13.37 26.00
C GLY A 144 5.16 -14.64 25.20
N ILE A 145 6.13 -14.75 24.29
CA ILE A 145 6.30 -15.96 23.49
C ILE A 145 7.28 -16.90 24.19
N TYR A 146 6.85 -18.15 24.40
CA TYR A 146 7.61 -19.10 25.19
C TYR A 146 8.31 -20.14 24.32
N PHE A 147 9.41 -20.67 24.84
CA PHE A 147 10.20 -21.71 24.16
C PHE A 147 10.80 -22.66 25.20
N ALA A 148 10.72 -23.95 24.91
CA ALA A 148 11.26 -24.96 25.82
C ALA A 148 12.55 -25.57 25.27
N GLU A 149 13.46 -25.91 26.18
CA GLU A 149 14.70 -26.58 25.79
C GLU A 149 14.43 -28.07 25.58
N ASN A 150 13.35 -28.54 26.20
CA ASN A 150 12.94 -29.94 26.08
C ASN A 150 11.81 -30.09 25.06
N SER A 151 11.96 -31.05 24.16
CA SER A 151 11.00 -31.26 23.08
C SER A 151 9.62 -31.66 23.59
N SER A 152 9.58 -32.46 24.64
CA SER A 152 8.32 -32.94 25.20
C SER A 152 7.50 -31.80 25.80
N LYS A 153 8.20 -30.87 26.44
CA LYS A 153 7.55 -29.72 27.06
C LYS A 153 6.86 -28.87 26.01
N SER A 154 7.45 -28.81 24.81
CA SER A 154 6.84 -28.10 23.69
C SER A 154 5.74 -28.96 23.07
N ASN A 155 5.87 -30.27 23.18
CA ASN A 155 4.85 -31.19 22.70
C ASN A 155 3.58 -31.06 23.55
N GLN A 156 3.74 -30.58 24.78
CA GLN A 156 2.62 -30.35 25.67
C GLN A 156 1.70 -29.25 25.17
N TYR A 157 2.15 -28.47 24.19
CA TYR A 157 1.38 -27.34 23.70
C TYR A 157 1.10 -27.42 22.19
N VAL A 158 1.32 -28.59 21.60
CA VAL A 158 1.06 -28.78 20.18
C VAL A 158 -0.43 -28.72 19.89
N TYR A 159 -1.21 -29.43 20.69
CA TYR A 159 -2.66 -29.48 20.51
C TYR A 159 -3.37 -28.42 21.36
N GLY A 160 -2.62 -27.41 21.81
CA GLY A 160 -3.18 -26.33 22.57
C GLY A 160 -2.66 -26.23 23.99
N ILE A 161 -3.19 -25.26 24.74
CA ILE A 161 -2.78 -25.03 26.12
C ILE A 161 -3.14 -26.21 27.01
N GLY A 162 -2.14 -26.77 27.68
CA GLY A 162 -2.35 -27.90 28.57
C GLY A 162 -2.76 -29.15 27.84
N GLY A 163 -2.33 -29.26 26.58
CA GLY A 163 -2.67 -30.41 25.75
C GLY A 163 -3.93 -30.19 24.95
N GLY A 164 -4.71 -29.19 25.34
CA GLY A 164 -5.96 -28.87 24.66
C GLY A 164 -6.96 -30.00 24.72
N THR A 165 -7.56 -30.31 23.58
CA THR A 165 -8.53 -31.40 23.50
C THR A 165 -8.01 -32.55 22.66
N GLY A 166 -6.76 -32.45 22.23
CA GLY A 166 -6.11 -33.53 21.51
C GLY A 166 -6.21 -33.45 20.01
N CYS A 167 -5.97 -34.58 19.35
CA CYS A 167 -5.99 -34.66 17.88
C CYS A 167 -7.38 -34.36 17.34
N PRO A 168 -7.45 -33.75 16.15
CA PRO A 168 -8.73 -33.38 15.54
C PRO A 168 -9.49 -34.56 14.95
N THR A 169 -8.87 -35.74 14.96
CA THR A 169 -9.48 -36.93 14.36
C THR A 169 -10.02 -37.90 15.40
N HIS A 170 -9.17 -38.32 16.32
CA HIS A 170 -9.54 -39.32 17.31
C HIS A 170 -9.84 -38.71 18.67
N LYS A 171 -9.69 -37.39 18.77
CA LYS A 171 -9.93 -36.65 20.01
C LYS A 171 -9.09 -37.19 21.16
N ASP A 172 -7.84 -37.52 20.87
CA ASP A 172 -6.93 -38.05 21.88
C ASP A 172 -5.61 -37.29 21.86
N ARG A 173 -5.20 -36.76 22.99
CA ARG A 173 -3.96 -35.99 23.08
C ARG A 173 -2.77 -36.90 23.35
N SER A 174 -3.01 -38.20 23.33
CA SER A 174 -1.94 -39.18 23.44
C SER A 174 -1.98 -40.09 22.22
N CYS A 175 -2.50 -39.56 21.12
CA CYS A 175 -2.65 -40.32 19.88
C CYS A 175 -1.30 -40.65 19.24
N TYR A 176 -1.09 -41.92 18.94
CA TYR A 176 0.14 -42.39 18.33
C TYR A 176 -0.01 -42.50 16.82
N ILE A 177 -1.21 -42.19 16.32
CA ILE A 177 -1.52 -42.34 14.90
C ILE A 177 -1.35 -41.03 14.13
N CYS A 178 -2.00 -39.98 14.61
CA CYS A 178 -1.99 -38.70 13.91
C CYS A 178 -0.60 -38.09 13.85
N HIS A 179 -0.31 -37.42 12.74
CA HIS A 179 0.98 -36.76 12.55
C HIS A 179 1.01 -35.41 13.25
N ARG A 180 1.84 -35.30 14.28
CA ARG A 180 1.99 -34.04 14.99
C ARG A 180 3.12 -33.22 14.40
N GLN A 181 3.14 -31.93 14.73
CA GLN A 181 4.20 -31.04 14.26
C GLN A 181 4.70 -30.13 15.38
N MET A 182 5.97 -29.75 15.31
CA MET A 182 6.50 -28.73 16.21
C MET A 182 7.59 -27.93 15.50
N LEU A 183 8.10 -26.91 16.18
CA LEU A 183 9.04 -25.98 15.55
C LEU A 183 10.38 -25.89 16.28
N PHE A 184 11.45 -26.22 15.57
CA PHE A 184 12.81 -26.03 16.06
C PHE A 184 13.31 -24.67 15.58
N CYS A 185 13.13 -23.65 16.42
CA CYS A 185 13.38 -22.27 16.03
C CYS A 185 14.72 -21.73 16.55
N ARG A 186 15.13 -20.59 15.99
CA ARG A 186 16.31 -19.88 16.46
C ARG A 186 15.89 -18.63 17.22
N VAL A 187 16.16 -18.62 18.53
CA VAL A 187 15.69 -17.54 19.39
C VAL A 187 16.84 -16.63 19.84
N THR A 188 16.65 -15.33 19.67
CA THR A 188 17.62 -14.34 20.12
C THR A 188 17.30 -13.88 21.54
N LEU A 189 18.11 -14.32 22.49
CA LEU A 189 17.87 -14.00 23.90
C LEU A 189 18.53 -12.69 24.32
N GLY A 190 19.77 -12.49 23.91
CA GLY A 190 20.51 -11.30 24.30
C GLY A 190 20.77 -11.28 25.79
N LYS A 191 20.64 -10.10 26.39
CA LYS A 191 20.77 -9.97 27.84
C LYS A 191 19.56 -10.59 28.54
N SER A 192 19.73 -11.81 29.03
CA SER A 192 18.63 -12.55 29.62
C SER A 192 18.41 -12.17 31.08
N PHE A 193 17.17 -12.33 31.54
CA PHE A 193 16.80 -12.03 32.93
C PHE A 193 16.30 -13.29 33.63
N LEU A 194 17.08 -13.77 34.59
CA LEU A 194 16.78 -15.04 35.25
C LEU A 194 15.84 -14.89 36.43
N GLN A 195 14.54 -15.05 36.18
CA GLN A 195 13.54 -15.05 37.24
C GLN A 195 13.07 -16.48 37.49
N PHE A 196 13.00 -16.88 38.76
CA PHE A 196 12.65 -18.25 39.10
C PHE A 196 11.22 -18.36 39.60
N SER A 197 10.71 -17.30 40.23
CA SER A 197 9.35 -17.29 40.74
C SER A 197 8.38 -16.73 39.69
N THR A 198 7.09 -16.74 40.02
CA THR A 198 6.07 -16.25 39.10
C THR A 198 6.03 -14.73 39.07
N ILE A 199 6.62 -14.15 38.03
CA ILE A 199 6.64 -12.70 37.87
C ILE A 199 6.07 -12.30 36.50
N LYS A 200 4.80 -11.91 36.48
CA LYS A 200 4.17 -11.49 35.24
C LYS A 200 4.71 -10.14 34.76
N MET A 201 4.75 -9.97 33.44
CA MET A 201 5.21 -8.72 32.84
C MET A 201 4.78 -8.63 31.39
N ALA A 202 4.65 -7.41 30.87
CA ALA A 202 4.20 -7.19 29.50
C ALA A 202 5.38 -7.18 28.54
N HIS A 203 6.54 -6.79 29.04
CA HIS A 203 7.74 -6.71 28.20
C HIS A 203 8.96 -7.23 28.94
N ALA A 204 10.12 -7.14 28.29
CA ALA A 204 11.38 -7.53 28.90
C ALA A 204 11.83 -6.46 29.89
N PRO A 205 12.52 -6.88 30.97
CA PRO A 205 13.08 -5.95 31.95
C PRO A 205 14.02 -4.93 31.31
N PRO A 206 14.15 -3.74 31.94
CA PRO A 206 15.04 -2.68 31.43
C PRO A 206 16.48 -3.16 31.21
N GLY A 207 16.98 -2.96 30.00
CA GLY A 207 18.34 -3.37 29.67
C GLY A 207 18.43 -4.84 29.28
N HIS A 208 17.28 -5.49 29.21
CA HIS A 208 17.23 -6.91 28.86
C HIS A 208 16.42 -7.14 27.59
N HIS A 209 16.41 -8.38 27.11
CA HIS A 209 15.71 -8.72 25.88
C HIS A 209 14.87 -9.99 26.04
N SER A 210 15.17 -10.77 27.07
CA SER A 210 14.46 -12.02 27.30
C SER A 210 14.36 -12.35 28.79
N VAL A 211 13.45 -13.27 29.12
CA VAL A 211 13.27 -13.72 30.50
C VAL A 211 13.41 -15.24 30.58
N ILE A 212 14.47 -15.70 31.23
CA ILE A 212 14.72 -17.13 31.38
C ILE A 212 14.30 -17.62 32.76
N GLY A 213 13.48 -18.67 32.79
CA GLY A 213 13.09 -19.29 34.04
C GLY A 213 13.78 -20.62 34.23
N ARG A 214 14.79 -20.65 35.10
CA ARG A 214 15.54 -21.88 35.35
C ARG A 214 14.84 -22.72 36.40
N PRO A 215 14.94 -24.06 36.27
CA PRO A 215 14.29 -25.04 37.15
C PRO A 215 14.55 -24.80 38.65
N SER A 216 13.50 -24.95 39.44
CA SER A 216 13.60 -24.78 40.89
C SER A 216 12.83 -25.87 41.62
N VAL A 217 13.35 -26.30 42.76
CA VAL A 217 12.69 -27.31 43.58
C VAL A 217 11.35 -26.76 44.08
N ASN A 218 10.30 -27.58 43.94
CA ASN A 218 8.94 -27.17 44.27
C ASN A 218 8.51 -25.94 43.48
N GLY A 219 9.08 -25.77 42.30
CA GLY A 219 8.73 -24.67 41.41
C GLY A 219 8.49 -25.18 40.00
N LEU A 220 9.36 -24.78 39.07
CA LEU A 220 9.27 -25.27 37.70
C LEU A 220 10.30 -26.37 37.48
N ALA A 221 9.91 -27.40 36.74
CA ALA A 221 10.76 -28.58 36.56
C ALA A 221 11.83 -28.37 35.49
N TYR A 222 11.45 -27.76 34.37
CA TYR A 222 12.37 -27.54 33.27
C TYR A 222 12.44 -26.07 32.89
N ALA A 223 13.57 -25.67 32.30
CA ALA A 223 13.82 -24.28 31.97
C ALA A 223 12.88 -23.77 30.88
N GLU A 224 12.50 -22.49 31.00
CA GLU A 224 11.67 -21.84 29.99
C GLU A 224 12.34 -20.58 29.47
N TYR A 225 12.08 -20.24 28.22
CA TYR A 225 12.67 -19.06 27.60
C TYR A 225 11.59 -18.15 27.03
N VAL A 226 11.55 -16.91 27.52
CA VAL A 226 10.49 -15.99 27.11
C VAL A 226 11.03 -14.79 26.34
N ILE A 227 10.44 -14.51 25.18
CA ILE A 227 10.74 -13.29 24.45
C ILE A 227 9.46 -12.54 24.11
N TYR A 228 9.49 -11.22 24.23
CA TYR A 228 8.28 -10.42 24.05
C TYR A 228 8.30 -9.67 22.73
N ARG A 229 9.08 -10.19 21.79
CA ARG A 229 9.15 -9.65 20.44
C ARG A 229 9.26 -10.77 19.43
N GLY A 230 8.33 -10.81 18.48
CA GLY A 230 8.30 -11.86 17.47
C GLY A 230 9.48 -11.80 16.51
N GLU A 231 10.22 -10.69 16.57
CA GLU A 231 11.38 -10.49 15.71
C GLU A 231 12.62 -11.17 16.26
N GLN A 232 12.51 -11.75 17.45
CA GLN A 232 13.64 -12.40 18.09
C GLN A 232 13.58 -13.92 17.94
N ALA A 233 12.70 -14.39 17.07
CA ALA A 233 12.57 -15.82 16.81
C ALA A 233 12.27 -16.09 15.34
N TYR A 234 12.78 -17.20 14.84
CA TYR A 234 12.64 -17.56 13.43
C TYR A 234 12.49 -19.08 13.29
N PRO A 235 11.31 -19.54 12.87
CA PRO A 235 11.03 -20.97 12.73
C PRO A 235 11.93 -21.63 11.69
N GLU A 236 13.18 -21.92 12.07
CA GLU A 236 14.14 -22.50 11.15
C GLU A 236 13.74 -23.89 10.68
N TYR A 237 13.29 -24.72 11.62
CA TYR A 237 12.93 -26.09 11.28
C TYR A 237 11.49 -26.43 11.62
N LEU A 238 10.80 -27.03 10.65
CA LEU A 238 9.45 -27.54 10.83
C LEU A 238 9.51 -29.05 10.92
N ILE A 239 9.18 -29.58 12.10
CA ILE A 239 9.31 -31.00 12.36
C ILE A 239 7.97 -31.72 12.37
N THR A 240 7.79 -32.63 11.42
CA THR A 240 6.61 -33.49 11.37
C THR A 240 6.98 -34.87 11.92
N TYR A 241 6.32 -35.24 13.01
CA TYR A 241 6.69 -36.42 13.79
C TYR A 241 5.48 -37.16 14.34
N GLN A 242 5.74 -38.19 15.14
CA GLN A 242 4.72 -38.91 15.88
C GLN A 242 5.24 -39.28 17.27
N ILE A 243 4.40 -39.91 18.08
CA ILE A 243 4.84 -40.45 19.36
C ILE A 243 4.70 -41.97 19.35
N MET A 244 5.62 -42.66 20.01
CA MET A 244 5.66 -44.11 20.00
C MET A 244 5.16 -44.72 21.31
N LYS A 245 4.34 -45.75 21.21
CA LYS A 245 3.78 -46.42 22.37
C LYS A 245 4.75 -47.46 22.92
N PRO A 246 5.06 -47.37 24.23
CA PRO A 246 5.95 -48.31 24.91
C PRO A 246 5.45 -49.75 24.84
N GLY B 38 -24.93 28.65 -3.09
CA GLY B 38 -25.59 27.74 -2.18
C GLY B 38 -24.62 26.95 -1.33
N THR B 39 -25.00 25.72 -0.98
CA THR B 39 -24.18 24.87 -0.13
C THR B 39 -23.84 23.56 -0.83
N ILE B 40 -22.56 23.22 -0.86
CA ILE B 40 -22.11 21.97 -1.45
C ILE B 40 -21.74 20.95 -0.39
N LEU B 41 -22.06 19.68 -0.64
CA LEU B 41 -21.75 18.60 0.30
C LEU B 41 -20.70 17.67 -0.28
N LEU B 42 -19.53 17.63 0.34
CA LEU B 42 -18.43 16.80 -0.14
C LEU B 42 -18.32 15.50 0.66
N ASP B 43 -18.71 14.39 0.04
CA ASP B 43 -18.70 13.09 0.69
C ASP B 43 -17.28 12.63 1.00
N LEU B 44 -17.00 12.42 2.28
CA LEU B 44 -15.69 11.93 2.70
C LEU B 44 -15.60 10.41 2.55
N ALA B 45 -14.50 9.95 1.99
CA ALA B 45 -14.26 8.52 1.82
C ALA B 45 -14.07 7.86 3.19
N PRO B 46 -14.56 6.62 3.34
CA PRO B 46 -14.42 5.85 4.57
C PRO B 46 -12.97 5.68 5.03
N GLU B 47 -12.03 5.90 4.11
CA GLU B 47 -10.61 5.84 4.44
C GLU B 47 -9.96 7.23 4.29
N ASP B 48 -9.84 7.93 5.41
CA ASP B 48 -9.28 9.27 5.41
C ASP B 48 -8.85 9.66 6.82
N LYS B 49 -7.90 10.58 6.91
CA LYS B 49 -7.46 11.10 8.20
C LYS B 49 -8.62 11.81 8.90
N GLU B 50 -9.32 12.65 8.14
CA GLU B 50 -10.47 13.40 8.64
C GLU B 50 -11.57 12.46 9.12
N TYR B 51 -12.01 11.57 8.23
CA TYR B 51 -13.05 10.60 8.51
C TYR B 51 -12.75 9.78 9.76
N GLN B 52 -11.57 9.17 9.76
CA GLN B 52 -11.13 8.35 10.88
C GLN B 52 -11.08 9.16 12.17
N SER B 53 -10.58 10.39 12.10
CA SER B 53 -10.47 11.24 13.28
C SER B 53 -11.84 11.58 13.87
N VAL B 54 -12.75 12.08 13.03
CA VAL B 54 -14.05 12.53 13.51
C VAL B 54 -14.89 11.36 14.01
N GLU B 55 -14.77 10.20 13.36
CA GLU B 55 -15.48 9.02 13.86
C GLU B 55 -14.85 8.56 15.17
N GLU B 56 -13.53 8.66 15.26
CA GLU B 56 -12.81 8.30 16.48
C GLU B 56 -13.30 9.12 17.66
N GLU B 57 -13.45 10.43 17.45
CA GLU B 57 -13.89 11.30 18.53
C GLU B 57 -15.39 11.18 18.79
N MET B 58 -16.15 10.77 17.77
CA MET B 58 -17.59 10.58 17.95
C MET B 58 -17.89 9.27 18.69
N GLN B 59 -16.96 8.33 18.60
CA GLN B 59 -17.13 7.03 19.22
C GLN B 59 -16.45 6.97 20.59
N SER B 60 -15.45 7.83 20.79
CA SER B 60 -14.73 7.89 22.05
C SER B 60 -15.53 8.65 23.11
N THR B 61 -16.45 9.49 22.65
CA THR B 61 -17.23 10.33 23.54
C THR B 61 -18.58 9.72 23.89
N ILE B 62 -18.63 8.40 23.99
CA ILE B 62 -19.82 7.71 24.46
C ILE B 62 -19.88 7.79 25.97
N ARG B 63 -21.03 8.16 26.52
CA ARG B 63 -21.17 8.33 27.96
C ARG B 63 -22.44 7.69 28.51
N GLU B 64 -22.36 7.19 29.74
CA GLU B 64 -23.52 6.63 30.41
C GLU B 64 -24.32 7.72 31.10
N HIS B 65 -25.43 8.11 30.49
CA HIS B 65 -26.26 9.20 31.00
C HIS B 65 -27.13 8.77 32.17
N ARG B 66 -27.49 9.74 33.02
CA ARG B 66 -28.41 9.50 34.12
C ARG B 66 -29.84 9.47 33.62
N ASP B 67 -30.00 9.76 32.33
CA ASP B 67 -31.30 9.72 31.68
C ASP B 67 -31.79 8.29 31.54
N GLY B 68 -30.85 7.37 31.38
CA GLY B 68 -31.18 5.95 31.25
C GLY B 68 -31.35 5.52 29.81
N GLY B 69 -31.34 6.49 28.90
CA GLY B 69 -31.53 6.21 27.49
C GLY B 69 -32.95 6.46 27.04
N ASN B 70 -33.66 7.29 27.80
CA ASN B 70 -35.05 7.61 27.48
C ASN B 70 -35.16 8.58 26.31
N ALA B 71 -34.21 9.51 26.23
CA ALA B 71 -34.23 10.54 25.20
C ALA B 71 -33.29 10.20 24.05
N GLY B 72 -32.04 9.92 24.38
CA GLY B 72 -31.04 9.61 23.38
C GLY B 72 -31.17 8.22 22.79
N GLY B 73 -31.59 7.27 23.62
CA GLY B 73 -31.72 5.89 23.21
C GLY B 73 -30.74 4.98 23.93
N ILE B 74 -30.87 3.68 23.70
CA ILE B 74 -30.00 2.70 24.34
C ILE B 74 -28.94 2.19 23.38
N PHE B 75 -27.68 2.41 23.72
CA PHE B 75 -26.55 2.00 22.88
C PHE B 75 -25.23 2.05 23.63
N ASN B 76 -24.20 1.43 23.04
CA ASN B 76 -22.86 1.48 23.60
C ASN B 76 -21.88 2.06 22.59
N ARG B 77 -22.25 2.00 21.32
CA ARG B 77 -21.43 2.53 20.24
C ARG B 77 -22.26 2.74 18.98
N TYR B 78 -21.95 3.79 18.23
CA TYR B 78 -22.67 4.08 16.99
C TYR B 78 -22.15 3.25 15.82
N ASN B 79 -22.77 3.47 14.67
CA ASN B 79 -22.17 3.12 13.39
C ASN B 79 -22.65 4.12 12.35
N VAL B 80 -21.73 4.60 11.51
CA VAL B 80 -22.04 5.68 10.59
C VAL B 80 -22.35 5.19 9.18
N ILE B 81 -23.25 5.90 8.50
CA ILE B 81 -23.56 5.60 7.12
C ILE B 81 -22.57 6.32 6.22
N ARG B 82 -22.45 7.63 6.41
CA ARG B 82 -21.51 8.46 5.66
C ARG B 82 -21.25 9.77 6.37
N ILE B 83 -20.07 10.34 6.13
CA ILE B 83 -19.71 11.63 6.71
C ILE B 83 -19.41 12.61 5.59
N GLN B 84 -20.06 13.78 5.64
CA GLN B 84 -19.94 14.77 4.57
C GLN B 84 -19.45 16.11 5.10
N LYS B 85 -18.61 16.78 4.31
CA LYS B 85 -18.17 18.13 4.64
C LYS B 85 -19.10 19.17 4.03
N VAL B 86 -19.48 20.15 4.84
CA VAL B 86 -20.38 21.20 4.38
C VAL B 86 -19.60 22.43 3.94
N VAL B 87 -19.78 22.82 2.68
CA VAL B 87 -19.09 23.99 2.14
C VAL B 87 -20.07 25.07 1.72
N ASN B 88 -19.99 26.21 2.40
CA ASN B 88 -20.82 27.36 2.06
C ASN B 88 -19.99 28.64 2.14
N LYS B 89 -19.99 29.41 1.05
CA LYS B 89 -19.16 30.60 0.95
C LYS B 89 -19.58 31.68 1.95
N LYS B 90 -20.87 31.99 1.98
CA LYS B 90 -21.40 33.02 2.88
C LYS B 90 -21.15 32.66 4.34
N LEU B 91 -21.49 31.42 4.70
CA LEU B 91 -21.33 30.94 6.07
C LEU B 91 -19.87 31.01 6.51
N ARG B 92 -18.96 30.58 5.63
CA ARG B 92 -17.54 30.61 5.93
C ARG B 92 -17.04 32.04 6.07
N GLU B 93 -17.58 32.94 5.23
CA GLU B 93 -17.21 34.35 5.28
C GLU B 93 -17.59 34.96 6.63
N ARG B 94 -18.86 34.80 7.00
CA ARG B 94 -19.34 35.31 8.28
C ARG B 94 -18.57 34.69 9.45
N PHE B 95 -18.35 33.39 9.38
CA PHE B 95 -17.65 32.65 10.43
C PHE B 95 -16.24 33.18 10.64
N CYS B 96 -15.46 33.25 9.57
CA CYS B 96 -14.07 33.70 9.66
C CYS B 96 -13.97 35.18 9.99
N HIS B 97 -14.97 35.95 9.58
CA HIS B 97 -15.00 37.38 9.91
C HIS B 97 -15.20 37.56 11.42
N ARG B 98 -16.21 36.90 11.96
CA ARG B 98 -16.48 36.95 13.39
C ARG B 98 -15.31 36.41 14.20
N GLN B 99 -14.70 35.33 13.70
CA GLN B 99 -13.55 34.74 14.36
C GLN B 99 -12.37 35.71 14.35
N LYS B 100 -12.26 36.49 13.29
CA LYS B 100 -11.24 37.52 13.19
C LYS B 100 -11.48 38.60 14.23
N GLU B 101 -12.74 39.00 14.37
CA GLU B 101 -13.11 39.99 15.39
C GLU B 101 -12.77 39.49 16.79
N VAL B 102 -13.16 38.26 17.09
CA VAL B 102 -12.88 37.65 18.39
C VAL B 102 -11.38 37.57 18.64
N SER B 103 -10.62 37.24 17.59
CA SER B 103 -9.16 37.21 17.67
C SER B 103 -8.61 38.59 18.00
N GLU B 104 -9.22 39.62 17.44
CA GLU B 104 -8.82 40.99 17.73
C GLU B 104 -9.22 41.40 19.15
N GLU B 105 -10.10 40.63 19.78
CA GLU B 105 -10.60 40.96 21.10
C GLU B 105 -10.13 39.97 22.16
N ASN B 106 -9.28 39.02 21.76
CA ASN B 106 -8.77 38.04 22.71
C ASN B 106 -7.30 37.69 22.45
N HIS B 107 -6.48 38.73 22.29
CA HIS B 107 -5.03 38.59 22.14
C HIS B 107 -4.65 37.59 21.04
N ASN B 108 -5.27 37.72 19.87
CA ASN B 108 -5.02 36.83 18.75
C ASN B 108 -5.22 35.36 19.11
N HIS B 109 -6.27 35.07 19.86
CA HIS B 109 -6.57 33.71 20.27
C HIS B 109 -8.08 33.49 20.32
N HIS B 110 -8.63 32.87 19.28
CA HIS B 110 -10.06 32.65 19.18
C HIS B 110 -10.49 31.39 19.92
N ASN B 111 -9.53 30.53 20.24
CA ASN B 111 -9.79 29.29 20.98
C ASN B 111 -10.90 28.45 20.35
N GLU B 112 -10.65 27.97 19.13
CA GLU B 112 -11.65 27.21 18.39
C GLU B 112 -11.64 25.74 18.76
N ARG B 113 -12.83 25.15 18.91
CA ARG B 113 -12.96 23.75 19.25
C ARG B 113 -13.99 23.03 18.38
N MET B 114 -13.75 21.75 18.12
CA MET B 114 -14.67 20.92 17.36
C MET B 114 -15.72 20.31 18.28
N LEU B 115 -16.97 20.73 18.12
CA LEU B 115 -18.03 20.31 19.03
C LEU B 115 -19.26 19.79 18.30
N PHE B 116 -19.96 18.86 18.93
CA PHE B 116 -21.14 18.24 18.32
C PHE B 116 -22.39 19.10 18.48
N HIS B 117 -23.40 18.83 17.65
CA HIS B 117 -24.67 19.54 17.74
C HIS B 117 -25.81 18.70 17.18
N GLY B 118 -26.84 18.51 18.00
CA GLY B 118 -28.02 17.77 17.58
C GLY B 118 -29.25 18.65 17.53
N SER B 119 -29.97 18.58 16.41
CA SER B 119 -31.16 19.40 16.21
C SER B 119 -32.05 18.79 15.13
N PRO B 120 -33.38 18.93 15.29
CA PRO B 120 -34.31 18.41 14.29
C PRO B 120 -34.30 19.22 12.99
N PHE B 121 -33.56 20.32 12.97
CA PHE B 121 -33.50 21.20 11.81
C PHE B 121 -32.10 21.25 11.20
N ILE B 122 -31.50 20.08 11.00
CA ILE B 122 -30.13 19.99 10.49
C ILE B 122 -29.96 20.67 9.14
N ASN B 123 -30.84 20.35 8.19
CA ASN B 123 -30.76 20.91 6.85
C ASN B 123 -30.86 22.43 6.84
N ALA B 124 -31.71 22.97 7.70
CA ALA B 124 -31.85 24.42 7.83
C ALA B 124 -30.55 25.05 8.31
N ILE B 125 -29.83 24.31 9.15
CA ILE B 125 -28.56 24.78 9.69
C ILE B 125 -27.45 24.71 8.65
N ILE B 126 -27.45 23.65 7.85
CA ILE B 126 -26.42 23.49 6.83
C ILE B 126 -26.74 24.31 5.57
N HIS B 127 -27.93 24.91 5.53
CA HIS B 127 -28.31 25.72 4.39
C HIS B 127 -28.28 27.22 4.68
N LYS B 128 -28.69 27.61 5.89
CA LYS B 128 -28.74 29.03 6.24
C LYS B 128 -27.88 29.37 7.46
N GLY B 129 -27.17 28.38 7.99
CA GLY B 129 -26.26 28.59 9.09
C GLY B 129 -26.94 28.63 10.46
N PHE B 130 -26.13 28.75 11.50
CA PHE B 130 -26.64 28.88 12.86
C PHE B 130 -27.31 30.24 13.05
N ASP B 131 -28.38 30.27 13.84
CA ASP B 131 -29.10 31.50 14.09
C ASP B 131 -29.50 31.60 15.57
N GLU B 132 -28.99 32.63 16.24
CA GLU B 132 -29.27 32.82 17.66
C GLU B 132 -30.70 33.29 17.90
N ARG B 133 -31.42 33.55 16.81
CA ARG B 133 -32.83 33.92 16.89
C ARG B 133 -33.68 32.68 17.11
N HIS B 134 -33.11 31.51 16.79
CA HIS B 134 -33.74 30.23 17.07
C HIS B 134 -32.99 29.52 18.19
N ALA B 135 -32.59 30.29 19.19
CA ALA B 135 -31.78 29.77 20.29
C ALA B 135 -32.60 28.89 21.21
N TYR B 136 -31.90 28.04 21.97
CA TYR B 136 -32.54 27.17 22.94
C TYR B 136 -32.90 27.98 24.19
N ILE B 137 -34.11 28.51 24.21
CA ILE B 137 -34.56 29.42 25.27
C ILE B 137 -34.50 28.78 26.65
N GLY B 138 -34.98 27.55 26.76
CA GLY B 138 -35.00 26.85 28.03
C GLY B 138 -33.67 26.23 28.39
N GLY B 139 -32.58 26.88 27.98
CA GLY B 139 -31.25 26.38 28.24
C GLY B 139 -30.80 26.61 29.66
N MET B 140 -29.83 25.81 30.09
CA MET B 140 -29.27 25.95 31.43
C MET B 140 -28.49 27.25 31.57
N PHE B 141 -27.92 27.71 30.46
CA PHE B 141 -27.10 28.91 30.48
C PHE B 141 -27.64 30.01 29.56
N GLY B 142 -28.96 30.15 29.56
CA GLY B 142 -29.60 31.23 28.82
C GLY B 142 -30.03 30.86 27.41
N ALA B 143 -30.68 31.81 26.74
CA ALA B 143 -31.15 31.60 25.37
C ALA B 143 -30.00 31.73 24.38
N GLY B 144 -29.41 30.60 24.00
CA GLY B 144 -28.31 30.60 23.06
C GLY B 144 -28.19 29.25 22.35
N ILE B 145 -27.14 29.10 21.55
CA ILE B 145 -26.87 27.86 20.84
C ILE B 145 -25.93 26.98 21.67
N TYR B 146 -26.33 25.72 21.87
CA TYR B 146 -25.60 24.81 22.73
C TYR B 146 -24.88 23.72 21.95
N PHE B 147 -23.74 23.29 22.48
CA PHE B 147 -22.93 22.25 21.86
C PHE B 147 -22.38 21.31 22.94
N ALA B 148 -22.11 20.07 22.55
CA ALA B 148 -21.56 19.09 23.49
C ALA B 148 -20.31 18.43 22.92
N GLU B 149 -19.30 18.26 23.76
CA GLU B 149 -18.08 17.56 23.37
C GLU B 149 -18.34 16.06 23.34
N ASN B 150 -19.40 15.63 24.03
CA ASN B 150 -19.81 14.25 24.03
C ASN B 150 -20.94 14.00 23.04
N SER B 151 -20.73 13.06 22.13
CA SER B 151 -21.65 12.81 21.03
C SER B 151 -23.06 12.40 21.50
N SER B 152 -23.13 11.67 22.61
CA SER B 152 -24.41 11.18 23.11
C SER B 152 -25.32 12.31 23.57
N LYS B 153 -24.73 13.30 24.22
CA LYS B 153 -25.47 14.44 24.72
C LYS B 153 -26.13 15.22 23.58
N SER B 154 -25.39 15.37 22.49
CA SER B 154 -25.93 16.02 21.29
C SER B 154 -26.93 15.11 20.60
N ASN B 155 -26.75 13.80 20.77
CA ASN B 155 -27.68 12.82 20.21
C ASN B 155 -29.02 12.86 20.93
N GLN B 156 -29.00 13.35 22.17
CA GLN B 156 -30.21 13.46 22.96
C GLN B 156 -31.18 14.54 22.44
N TYR B 157 -30.70 15.37 21.52
CA TYR B 157 -31.51 16.48 21.00
C TYR B 157 -31.71 16.41 19.50
N VAL B 158 -31.38 15.27 18.89
CA VAL B 158 -31.52 15.11 17.45
C VAL B 158 -32.99 15.13 17.04
N TYR B 159 -33.82 14.39 17.77
CA TYR B 159 -35.24 14.30 17.46
C TYR B 159 -36.06 15.30 18.28
N GLY B 160 -35.38 16.32 18.80
CA GLY B 160 -36.05 17.38 19.53
C GLY B 160 -35.70 17.43 21.00
N ILE B 161 -36.33 18.34 21.73
CA ILE B 161 -36.10 18.50 23.17
C ILE B 161 -36.51 17.26 23.94
N GLY B 162 -35.60 16.74 24.76
CA GLY B 162 -35.86 15.55 25.53
C GLY B 162 -36.05 14.33 24.64
N GLY B 163 -35.45 14.39 23.46
CA GLY B 163 -35.57 13.30 22.49
C GLY B 163 -36.82 13.44 21.63
N GLY B 164 -37.71 14.36 22.03
CA GLY B 164 -38.94 14.58 21.30
C GLY B 164 -39.80 13.34 21.18
N THR B 165 -40.39 13.15 20.01
CA THR B 165 -41.22 11.98 19.75
C THR B 165 -40.44 10.93 18.99
N GLY B 166 -39.11 11.05 19.01
CA GLY B 166 -38.25 10.12 18.32
C GLY B 166 -38.28 10.30 16.82
N CYS B 167 -37.92 9.25 16.09
CA CYS B 167 -37.93 9.28 14.63
C CYS B 167 -39.34 9.52 14.09
N PRO B 168 -39.45 10.20 12.95
CA PRO B 168 -40.76 10.52 12.36
C PRO B 168 -41.43 9.33 11.68
N THR B 169 -40.78 8.17 11.71
CA THR B 169 -41.31 7.00 11.02
C THR B 169 -41.89 5.96 11.99
N HIS B 170 -41.13 5.62 13.01
CA HIS B 170 -41.54 4.59 13.97
C HIS B 170 -41.88 5.18 15.33
N LYS B 171 -41.63 6.48 15.50
CA LYS B 171 -41.84 7.18 16.76
C LYS B 171 -41.13 6.50 17.93
N ASP B 172 -39.86 6.19 17.72
CA ASP B 172 -39.04 5.56 18.74
C ASP B 172 -37.83 6.44 19.04
N ARG B 173 -37.62 6.73 20.32
CA ARG B 173 -36.46 7.53 20.74
C ARG B 173 -35.22 6.65 20.85
N SER B 174 -35.37 5.37 20.51
CA SER B 174 -34.25 4.44 20.53
C SER B 174 -34.31 3.52 19.32
N CYS B 175 -34.75 4.05 18.18
CA CYS B 175 -34.84 3.29 16.95
C CYS B 175 -33.46 2.90 16.43
N TYR B 176 -33.34 1.68 15.91
CA TYR B 176 -32.08 1.19 15.40
C TYR B 176 -32.12 0.99 13.88
N ILE B 177 -33.10 1.62 13.24
CA ILE B 177 -33.28 1.46 11.80
C ILE B 177 -33.15 2.79 11.05
N CYS B 178 -33.82 3.82 11.57
CA CYS B 178 -33.82 5.12 10.93
C CYS B 178 -32.46 5.81 11.06
N HIS B 179 -32.09 6.57 10.03
CA HIS B 179 -30.80 7.26 10.00
C HIS B 179 -30.85 8.59 10.74
N ARG B 180 -30.20 8.64 11.89
CA ARG B 180 -30.07 9.88 12.64
C ARG B 180 -28.92 10.71 12.10
N GLN B 181 -29.03 12.03 12.21
CA GLN B 181 -27.97 12.92 11.72
C GLN B 181 -27.61 13.99 12.74
N MET B 182 -26.31 14.17 12.97
CA MET B 182 -25.85 15.25 13.83
C MET B 182 -24.73 16.03 13.16
N LEU B 183 -24.33 17.13 13.78
CA LEU B 183 -23.33 18.01 13.18
C LEU B 183 -22.03 18.04 13.98
N PHE B 184 -20.91 18.08 13.26
CA PHE B 184 -19.60 18.24 13.87
C PHE B 184 -19.06 19.61 13.45
N CYS B 185 -19.18 20.58 14.35
CA CYS B 185 -18.97 21.98 14.00
C CYS B 185 -17.69 22.59 14.58
N ARG B 186 -17.26 23.67 13.94
CA ARG B 186 -16.16 24.50 14.45
C ARG B 186 -16.74 25.64 15.28
N VAL B 187 -16.52 25.60 16.58
CA VAL B 187 -17.09 26.62 17.47
C VAL B 187 -16.03 27.58 17.99
N THR B 188 -16.24 28.87 17.74
CA THR B 188 -15.34 29.91 18.22
C THR B 188 -15.70 30.30 19.65
N LEU B 189 -14.82 29.97 20.59
CA LEU B 189 -15.08 30.21 22.00
C LEU B 189 -14.58 31.57 22.46
N GLY B 190 -13.34 31.89 22.14
CA GLY B 190 -12.72 33.14 22.56
C GLY B 190 -12.49 33.15 24.06
N LYS B 191 -12.91 34.22 24.72
CA LYS B 191 -12.81 34.31 26.17
C LYS B 191 -13.90 33.49 26.83
N SER B 192 -13.64 32.20 27.01
CA SER B 192 -14.62 31.29 27.58
C SER B 192 -14.94 31.63 29.03
N PHE B 193 -16.18 31.38 29.43
CA PHE B 193 -16.64 31.70 30.78
C PHE B 193 -17.09 30.43 31.48
N LEU B 194 -16.20 29.85 32.28
CA LEU B 194 -16.46 28.58 32.95
C LEU B 194 -17.38 28.73 34.16
N GLN B 195 -18.42 27.91 34.22
CA GLN B 195 -19.43 27.96 35.27
C GLN B 195 -19.80 26.55 35.72
N PHE B 196 -20.49 26.45 36.84
CA PHE B 196 -21.00 25.17 37.32
C PHE B 196 -22.52 25.22 37.52
N SER B 197 -22.99 26.27 38.20
CA SER B 197 -24.40 26.41 38.51
C SER B 197 -25.21 26.86 37.30
N THR B 198 -26.53 26.83 37.43
CA THR B 198 -27.42 27.19 36.33
C THR B 198 -27.89 28.63 36.43
N ILE B 199 -27.42 29.47 35.51
CA ILE B 199 -27.86 30.86 35.42
C ILE B 199 -28.32 31.18 34.00
N LYS B 200 -29.23 32.14 33.87
CA LYS B 200 -29.73 32.52 32.56
C LYS B 200 -29.03 33.75 32.03
N MET B 201 -28.83 33.79 30.71
CA MET B 201 -28.16 34.92 30.06
C MET B 201 -28.73 35.20 28.69
N ALA B 202 -28.73 36.46 28.29
CA ALA B 202 -29.21 36.86 26.97
C ALA B 202 -28.05 36.91 25.99
N HIS B 203 -26.88 37.30 26.48
CA HIS B 203 -25.68 37.34 25.66
C HIS B 203 -24.48 36.84 26.46
N ALA B 204 -23.32 36.84 25.83
CA ALA B 204 -22.09 36.50 26.53
C ALA B 204 -21.73 37.61 27.51
N PRO B 205 -21.20 37.24 28.69
CA PRO B 205 -20.78 38.21 29.71
C PRO B 205 -19.74 39.18 29.17
N PRO B 206 -19.72 40.42 29.70
CA PRO B 206 -18.78 41.47 29.29
C PRO B 206 -17.32 41.00 29.29
N GLY B 207 -16.68 41.07 28.13
CA GLY B 207 -15.30 40.64 27.99
C GLY B 207 -15.18 39.18 27.66
N HIS B 208 -16.31 38.54 27.40
CA HIS B 208 -16.34 37.11 27.07
C HIS B 208 -17.12 36.88 25.78
N HIS B 209 -16.94 35.70 25.19
CA HIS B 209 -17.54 35.40 23.89
C HIS B 209 -18.31 34.08 23.90
N SER B 210 -18.13 33.29 24.96
CA SER B 210 -18.83 32.02 25.08
C SER B 210 -18.94 31.60 26.55
N VAL B 211 -19.94 30.77 26.84
CA VAL B 211 -20.17 30.29 28.19
C VAL B 211 -20.01 28.78 28.27
N ILE B 212 -19.06 28.32 29.08
CA ILE B 212 -18.81 26.89 29.22
C ILE B 212 -19.27 26.37 30.57
N GLY B 213 -20.27 25.50 30.55
CA GLY B 213 -20.75 24.87 31.77
C GLY B 213 -20.06 23.56 32.03
N ARG B 214 -19.00 23.61 32.84
CA ARG B 214 -18.23 22.41 33.19
C ARG B 214 -18.99 21.57 34.21
N PRO B 215 -18.80 20.23 34.16
CA PRO B 215 -19.47 19.34 35.10
C PRO B 215 -19.00 19.53 36.53
N SER B 216 -19.88 19.26 37.49
CA SER B 216 -19.55 19.40 38.91
C SER B 216 -19.95 18.15 39.68
N VAL B 217 -19.98 18.25 41.00
CA VAL B 217 -20.37 17.13 41.85
C VAL B 217 -21.84 16.80 41.68
N ASN B 218 -22.70 17.73 42.07
CA ASN B 218 -24.14 17.56 41.93
C ASN B 218 -24.71 18.45 40.82
N GLY B 219 -23.84 19.26 40.23
CA GLY B 219 -24.25 20.21 39.20
C GLY B 219 -24.60 19.56 37.88
N LEU B 220 -23.68 19.63 36.93
CA LEU B 220 -23.91 19.10 35.59
C LEU B 220 -23.11 17.83 35.36
N ALA B 221 -23.59 16.97 34.46
CA ALA B 221 -22.93 15.71 34.17
C ALA B 221 -21.77 15.88 33.19
N TYR B 222 -22.01 16.61 32.12
CA TYR B 222 -20.98 16.81 31.09
C TYR B 222 -20.92 18.26 30.63
N ALA B 223 -19.74 18.65 30.14
CA ALA B 223 -19.48 20.04 29.77
C ALA B 223 -20.35 20.50 28.60
N GLU B 224 -20.94 21.70 28.76
CA GLU B 224 -21.72 22.30 27.68
C GLU B 224 -21.04 23.55 27.16
N TYR B 225 -21.05 23.72 25.84
CA TYR B 225 -20.42 24.88 25.22
C TYR B 225 -21.46 25.75 24.54
N VAL B 226 -21.70 26.93 25.11
CA VAL B 226 -22.79 27.79 24.65
C VAL B 226 -22.28 29.07 23.99
N ILE B 227 -22.75 29.34 22.78
CA ILE B 227 -22.44 30.59 22.10
C ILE B 227 -23.71 31.34 21.75
N TYR B 228 -23.63 32.67 21.73
CA TYR B 228 -24.82 33.50 21.57
C TYR B 228 -24.84 34.18 20.21
N ARG B 229 -24.00 33.70 19.30
CA ARG B 229 -23.95 34.21 17.94
C ARG B 229 -23.86 33.07 16.93
N GLY B 230 -24.68 33.14 15.88
CA GLY B 230 -24.72 32.10 14.87
C GLY B 230 -23.47 32.07 14.01
N GLU B 231 -22.75 33.19 13.98
CA GLU B 231 -21.54 33.29 13.16
C GLU B 231 -20.30 32.81 13.91
N GLN B 232 -20.51 32.28 15.11
CA GLN B 232 -19.40 31.72 15.88
C GLN B 232 -19.40 30.19 15.80
N ALA B 233 -20.14 29.66 14.84
CA ALA B 233 -20.18 28.22 14.62
C ALA B 233 -20.36 27.90 13.14
N TYR B 234 -19.63 26.89 12.67
CA TYR B 234 -19.74 26.46 11.28
C TYR B 234 -19.88 24.95 11.21
N PRO B 235 -21.05 24.47 10.81
CA PRO B 235 -21.32 23.02 10.72
C PRO B 235 -20.47 22.38 9.63
N GLU B 236 -19.18 22.24 9.90
CA GLU B 236 -18.23 21.76 8.90
C GLU B 236 -18.51 20.32 8.47
N TYR B 237 -18.78 19.45 9.43
CA TYR B 237 -19.04 18.04 9.12
C TYR B 237 -20.49 17.66 9.34
N LEU B 238 -21.08 16.99 8.35
CA LEU B 238 -22.43 16.46 8.46
C LEU B 238 -22.39 14.95 8.67
N ILE B 239 -22.77 14.50 9.85
CA ILE B 239 -22.65 13.09 10.21
C ILE B 239 -23.97 12.34 10.16
N THR B 240 -24.08 11.44 9.19
CA THR B 240 -25.20 10.50 9.11
C THR B 240 -24.79 9.19 9.77
N TYR B 241 -25.58 8.74 10.74
CA TYR B 241 -25.22 7.59 11.55
C TYR B 241 -26.46 6.99 12.20
N GLN B 242 -26.25 5.95 13.01
CA GLN B 242 -27.31 5.45 13.89
C GLN B 242 -26.74 4.57 15.00
N ILE B 243 -27.57 4.34 16.01
CA ILE B 243 -27.16 3.61 17.20
C ILE B 243 -27.30 2.10 17.03
N MET B 244 -26.41 1.35 17.68
CA MET B 244 -26.42 -0.10 17.59
C MET B 244 -26.94 -0.74 18.87
N LYS B 245 -27.89 -1.66 18.71
CA LYS B 245 -28.48 -2.35 19.86
C LYS B 245 -27.52 -3.38 20.45
N PRO B 246 -27.23 -3.24 21.76
CA PRO B 246 -26.33 -4.16 22.47
C PRO B 246 -26.83 -5.60 22.44
N GLY C 38 -22.24 22.86 -9.10
CA GLY C 38 -21.66 24.19 -9.20
C GLY C 38 -20.24 24.24 -8.65
N THR C 39 -19.60 25.40 -8.81
CA THR C 39 -18.24 25.58 -8.33
C THR C 39 -18.14 26.79 -7.40
N ILE C 40 -17.71 26.56 -6.18
CA ILE C 40 -17.59 27.62 -5.17
C ILE C 40 -16.14 28.08 -5.03
N LEU C 41 -15.93 29.38 -5.12
CA LEU C 41 -14.60 29.96 -4.98
C LEU C 41 -14.42 30.64 -3.63
N LEU C 42 -13.80 29.92 -2.69
CA LEU C 42 -13.59 30.44 -1.34
C LEU C 42 -12.36 31.35 -1.28
N ASP C 43 -12.58 32.65 -1.17
CA ASP C 43 -11.48 33.60 -1.09
C ASP C 43 -10.69 33.42 0.19
N LEU C 44 -9.40 33.11 0.05
CA LEU C 44 -8.52 32.94 1.20
C LEU C 44 -8.02 34.28 1.73
N ALA C 45 -8.07 34.44 3.05
CA ALA C 45 -7.62 35.67 3.69
C ALA C 45 -6.09 35.78 3.62
N PRO C 46 -5.59 37.00 3.33
CA PRO C 46 -4.16 37.28 3.21
C PRO C 46 -3.36 36.98 4.48
N GLU C 47 -4.04 36.90 5.62
CA GLU C 47 -3.37 36.64 6.89
C GLU C 47 -3.40 35.17 7.27
N ASP C 48 -3.99 34.35 6.40
CA ASP C 48 -4.03 32.91 6.63
C ASP C 48 -2.69 32.28 6.29
N LYS C 49 -2.37 31.17 6.95
CA LYS C 49 -1.12 30.47 6.71
C LYS C 49 -1.12 29.79 5.33
N GLU C 50 -2.31 29.40 4.89
CA GLU C 50 -2.49 28.74 3.59
C GLU C 50 -2.15 29.70 2.45
N TYR C 51 -2.75 30.88 2.50
CA TYR C 51 -2.51 31.94 1.52
C TYR C 51 -1.02 32.26 1.43
N GLN C 52 -0.40 32.47 2.58
CA GLN C 52 1.02 32.79 2.65
C GLN C 52 1.89 31.64 2.14
N SER C 53 1.40 30.42 2.33
CA SER C 53 2.12 29.23 1.84
C SER C 53 2.09 29.19 0.32
N VAL C 54 0.91 29.39 -0.25
CA VAL C 54 0.75 29.41 -1.70
C VAL C 54 1.59 30.52 -2.33
N GLU C 55 1.49 31.72 -1.77
CA GLU C 55 2.25 32.85 -2.27
C GLU C 55 3.75 32.61 -2.11
N GLU C 56 4.13 31.90 -1.05
CA GLU C 56 5.53 31.56 -0.84
C GLU C 56 6.03 30.61 -1.92
N GLU C 57 5.24 29.60 -2.22
CA GLU C 57 5.60 28.62 -3.24
C GLU C 57 5.59 29.24 -4.64
N MET C 58 4.80 30.29 -4.81
CA MET C 58 4.72 30.98 -6.09
C MET C 58 5.86 31.96 -6.29
N GLN C 59 6.28 32.63 -5.21
CA GLN C 59 7.30 33.67 -5.30
C GLN C 59 8.72 33.11 -5.18
N SER C 60 8.84 31.85 -4.76
CA SER C 60 10.15 31.25 -4.59
C SER C 60 10.58 30.47 -5.84
N THR C 61 9.64 30.26 -6.74
CA THR C 61 9.90 29.49 -7.95
C THR C 61 9.83 30.34 -9.21
N ILE C 62 10.52 31.47 -9.19
CA ILE C 62 10.51 32.40 -10.32
C ILE C 62 11.44 31.94 -11.42
N ARG C 63 12.76 32.11 -11.18
CA ARG C 63 13.81 31.71 -12.12
C ARG C 63 13.79 32.51 -13.43
N GLU C 64 14.97 32.74 -13.99
CA GLU C 64 15.09 33.48 -15.24
C GLU C 64 14.96 32.56 -16.45
N HIS C 65 14.02 32.89 -17.33
CA HIS C 65 13.79 32.10 -18.52
CA HIS C 65 13.79 32.10 -18.52
C HIS C 65 14.23 32.84 -19.78
N ARG C 66 14.34 32.11 -20.89
CA ARG C 66 14.77 32.70 -22.15
C ARG C 66 13.64 33.49 -22.80
N ASN C 70 10.62 37.66 -25.05
CA ASN C 70 9.98 37.20 -23.84
C ASN C 70 8.52 36.82 -24.06
N ALA C 71 8.11 35.68 -23.50
CA ALA C 71 6.75 35.20 -23.64
C ALA C 71 5.92 35.53 -22.40
N GLY C 72 6.57 35.49 -21.25
CA GLY C 72 5.91 35.80 -20.00
C GLY C 72 6.18 37.24 -19.57
N GLY C 73 7.14 37.86 -20.23
CA GLY C 73 7.49 39.24 -19.93
C GLY C 73 8.72 39.35 -19.05
N ILE C 74 9.18 40.58 -18.84
CA ILE C 74 10.36 40.82 -18.00
C ILE C 74 9.95 41.24 -16.59
N PHE C 75 10.23 40.38 -15.62
CA PHE C 75 9.92 40.66 -14.22
C PHE C 75 10.80 39.83 -13.31
N ASN C 76 10.65 40.03 -12.00
CA ASN C 76 11.42 39.29 -11.01
C ASN C 76 10.62 39.09 -9.74
N ARG C 77 9.37 39.54 -9.76
CA ARG C 77 8.51 39.49 -8.58
C ARG C 77 7.05 39.61 -9.00
N TYR C 78 6.14 39.09 -8.18
CA TYR C 78 4.72 39.18 -8.47
C TYR C 78 4.01 40.12 -7.51
N ASN C 79 2.85 40.62 -7.94
CA ASN C 79 1.95 41.37 -7.08
C ASN C 79 0.61 40.65 -7.00
N VAL C 80 0.51 39.70 -6.08
CA VAL C 80 -0.68 38.88 -5.95
C VAL C 80 -1.87 39.68 -5.44
N ILE C 81 -2.99 39.59 -6.14
CA ILE C 81 -4.22 40.28 -5.74
C ILE C 81 -5.05 39.40 -4.82
N ARG C 82 -5.42 38.22 -5.30
CA ARG C 82 -6.27 37.31 -4.53
C ARG C 82 -6.04 35.85 -4.89
N ILE C 83 -6.07 34.99 -3.87
CA ILE C 83 -5.95 33.55 -4.07
C ILE C 83 -7.24 32.87 -3.65
N GLN C 84 -7.83 32.09 -4.54
CA GLN C 84 -9.14 31.50 -4.30
C GLN C 84 -9.14 29.98 -4.33
N LYS C 85 -9.86 29.38 -3.39
CA LYS C 85 -10.01 27.92 -3.32
C LYS C 85 -11.15 27.44 -4.20
N VAL C 86 -10.83 26.65 -5.21
CA VAL C 86 -11.84 26.10 -6.11
C VAL C 86 -12.45 24.83 -5.54
N VAL C 87 -13.78 24.82 -5.40
CA VAL C 87 -14.48 23.67 -4.83
C VAL C 87 -15.59 23.17 -5.73
N ASN C 88 -15.54 21.88 -6.09
CA ASN C 88 -16.58 21.25 -6.87
C ASN C 88 -16.65 19.76 -6.52
N LYS C 89 -17.87 19.24 -6.39
CA LYS C 89 -18.08 17.87 -5.95
C LYS C 89 -17.69 16.85 -7.02
N LYS C 90 -18.04 17.12 -8.27
CA LYS C 90 -17.79 16.20 -9.37
C LYS C 90 -16.29 16.01 -9.61
N LEU C 91 -15.58 17.13 -9.76
CA LEU C 91 -14.14 17.10 -10.00
C LEU C 91 -13.42 16.39 -8.86
N ARG C 92 -13.85 16.68 -7.63
CA ARG C 92 -13.30 16.01 -6.46
C ARG C 92 -13.54 14.51 -6.54
N GLU C 93 -14.75 14.13 -6.95
CA GLU C 93 -15.13 12.74 -7.09
C GLU C 93 -14.22 12.00 -8.07
N ARG C 94 -14.09 12.53 -9.28
CA ARG C 94 -13.27 11.90 -10.30
C ARG C 94 -11.79 11.86 -9.89
N PHE C 95 -11.29 13.00 -9.43
CA PHE C 95 -9.92 13.14 -8.98
C PHE C 95 -9.57 12.09 -7.93
N CYS C 96 -10.37 12.02 -6.87
CA CYS C 96 -10.16 11.05 -5.81
C CYS C 96 -10.33 9.62 -6.31
N HIS C 97 -11.22 9.44 -7.28
CA HIS C 97 -11.48 8.11 -7.85
C HIS C 97 -10.25 7.55 -8.54
N ARG C 98 -9.79 8.22 -9.60
CA ARG C 98 -8.59 7.76 -10.30
C ARG C 98 -7.38 7.84 -9.38
N GLN C 99 -7.39 8.73 -8.39
CA GLN C 99 -6.33 8.75 -7.40
C GLN C 99 -6.26 7.41 -6.68
N LYS C 100 -7.44 6.91 -6.30
CA LYS C 100 -7.56 5.59 -5.68
C LYS C 100 -7.11 4.50 -6.64
N GLU C 101 -7.41 4.69 -7.93
CA GLU C 101 -6.98 3.72 -8.94
C GLU C 101 -5.46 3.62 -9.07
N VAL C 102 -4.80 4.77 -9.13
CA VAL C 102 -3.34 4.86 -9.21
C VAL C 102 -2.73 4.30 -7.93
N SER C 103 -3.37 4.59 -6.80
CA SER C 103 -2.96 4.00 -5.54
C SER C 103 -2.97 2.48 -5.64
N GLU C 104 -4.06 1.94 -6.17
CA GLU C 104 -4.20 0.50 -6.35
C GLU C 104 -3.19 -0.05 -7.36
N GLU C 105 -2.68 0.82 -8.23
CA GLU C 105 -1.73 0.41 -9.26
C GLU C 105 -0.29 0.76 -8.91
N ASN C 106 -0.09 1.31 -7.71
CA ASN C 106 1.26 1.70 -7.29
C ASN C 106 1.45 1.65 -5.77
N HIS C 107 1.18 0.48 -5.20
CA HIS C 107 1.41 0.22 -3.78
C HIS C 107 0.75 1.24 -2.85
N ASN C 108 -0.50 1.58 -3.14
CA ASN C 108 -1.28 2.53 -2.33
C ASN C 108 -0.57 3.85 -2.10
N HIS C 109 0.26 4.25 -3.07
CA HIS C 109 1.01 5.49 -2.97
C HIS C 109 0.69 6.41 -4.14
N HIS C 110 -0.31 7.27 -3.97
CA HIS C 110 -0.67 8.21 -5.02
C HIS C 110 0.29 9.40 -5.02
N ASN C 111 1.35 9.29 -5.80
CA ASN C 111 2.35 10.34 -5.89
C ASN C 111 1.75 11.66 -6.36
N GLU C 112 1.36 12.50 -5.41
CA GLU C 112 0.73 13.77 -5.73
C GLU C 112 1.67 14.94 -5.40
N ARG C 113 1.74 15.91 -6.30
CA ARG C 113 2.60 17.07 -6.11
C ARG C 113 1.89 18.36 -6.51
N MET C 114 2.18 19.44 -5.76
CA MET C 114 1.61 20.74 -6.06
C MET C 114 2.37 21.42 -7.19
N LEU C 115 1.70 21.60 -8.32
CA LEU C 115 2.33 22.18 -9.50
C LEU C 115 1.53 23.36 -10.04
N PHE C 116 2.10 24.07 -11.01
CA PHE C 116 1.45 25.22 -11.60
C PHE C 116 0.89 24.90 -12.98
N HIS C 117 -0.20 25.59 -13.35
CA HIS C 117 -0.78 25.45 -14.67
C HIS C 117 -1.25 26.79 -15.21
N GLY C 118 -0.80 27.13 -16.41
CA GLY C 118 -1.19 28.36 -17.07
C GLY C 118 -1.87 28.10 -18.39
N SER C 119 -3.08 28.65 -18.55
CA SER C 119 -3.86 28.46 -19.76
C SER C 119 -4.88 29.57 -19.93
N PRO C 120 -5.09 30.02 -21.19
CA PRO C 120 -6.10 31.04 -21.49
C PRO C 120 -7.52 30.57 -21.20
N PHE C 121 -7.72 29.25 -21.22
CA PHE C 121 -9.02 28.66 -20.95
C PHE C 121 -9.12 28.23 -19.50
N ILE C 122 -8.60 29.07 -18.61
CA ILE C 122 -8.50 28.74 -17.18
C ILE C 122 -9.87 28.57 -16.52
N ASN C 123 -10.86 29.34 -16.97
CA ASN C 123 -12.21 29.25 -16.42
C ASN C 123 -12.83 27.90 -16.70
N ALA C 124 -12.70 27.44 -17.95
CA ALA C 124 -13.20 26.14 -18.35
C ALA C 124 -12.51 25.03 -17.55
N ILE C 125 -11.29 25.31 -17.10
CA ILE C 125 -10.55 24.37 -16.27
C ILE C 125 -11.08 24.38 -14.84
N ILE C 126 -11.46 25.55 -14.34
CA ILE C 126 -11.89 25.64 -12.94
C ILE C 126 -13.41 25.49 -12.75
N HIS C 127 -14.14 25.22 -13.82
CA HIS C 127 -15.56 24.87 -13.67
C HIS C 127 -15.91 23.53 -14.29
N LYS C 128 -15.29 23.21 -15.43
CA LYS C 128 -15.54 21.92 -16.07
C LYS C 128 -14.52 20.88 -15.63
N GLY C 129 -13.34 21.34 -15.24
CA GLY C 129 -12.26 20.46 -14.86
C GLY C 129 -11.28 20.26 -16.01
N PHE C 130 -10.13 19.68 -15.69
CA PHE C 130 -9.13 19.38 -16.71
C PHE C 130 -9.65 18.39 -17.74
N ASP C 131 -9.42 18.69 -19.01
CA ASP C 131 -9.84 17.81 -20.09
C ASP C 131 -8.63 17.45 -20.95
N GLU C 132 -8.30 16.15 -20.98
CA GLU C 132 -7.17 15.68 -21.76
C GLU C 132 -7.41 15.87 -23.25
N ARG C 133 -8.68 15.98 -23.62
CA ARG C 133 -9.06 16.29 -25.00
C ARG C 133 -8.66 17.72 -25.33
N HIS C 134 -8.60 18.03 -26.62
CA HIS C 134 -8.05 19.29 -27.14
C HIS C 134 -6.83 19.75 -26.33
N ALA C 135 -5.78 18.93 -26.37
CA ALA C 135 -4.59 19.16 -25.55
C ALA C 135 -3.76 20.34 -26.04
N TYR C 136 -2.44 20.19 -25.95
CA TYR C 136 -1.50 21.24 -26.35
C TYR C 136 -1.71 21.65 -27.80
N GLY C 138 -3.91 20.80 -30.35
CA GLY C 138 -3.90 19.67 -31.26
C GLY C 138 -4.55 18.41 -30.75
N GLY C 139 -3.89 17.70 -29.85
CA GLY C 139 -2.60 18.10 -29.31
C GLY C 139 -1.41 17.73 -30.17
N PHE C 141 1.77 20.02 -30.28
CA PHE C 141 2.94 20.40 -29.51
C PHE C 141 3.08 19.52 -28.27
N GLY C 142 1.98 18.86 -27.92
CA GLY C 142 1.96 17.91 -26.82
C GLY C 142 0.63 17.18 -26.82
N ALA C 143 0.66 15.87 -26.58
CA ALA C 143 -0.56 15.08 -26.62
C ALA C 143 -1.16 14.88 -25.24
N GLY C 144 -1.01 15.88 -24.37
CA GLY C 144 -1.50 15.78 -23.01
C GLY C 144 -1.60 17.12 -22.29
N ILE C 145 -1.63 17.05 -20.97
CA ILE C 145 -1.73 18.24 -20.11
C ILE C 145 -0.38 18.49 -19.42
N TYR C 146 0.07 19.74 -19.44
CA TYR C 146 1.39 20.08 -18.95
C TYR C 146 1.36 20.95 -17.70
N PHE C 147 2.32 20.71 -16.80
CA PHE C 147 2.43 21.44 -15.54
C PHE C 147 3.89 21.77 -15.25
N ALA C 148 4.12 22.89 -14.57
CA ALA C 148 5.46 23.29 -14.18
C ALA C 148 5.54 23.53 -12.67
N GLU C 149 6.72 23.30 -12.10
CA GLU C 149 6.92 23.55 -10.68
C GLU C 149 7.38 24.98 -10.46
N ASN C 150 7.69 25.67 -11.55
CA ASN C 150 8.06 27.08 -11.50
C ASN C 150 6.89 27.95 -11.97
N SER C 151 6.63 29.02 -11.22
CA SER C 151 5.47 29.87 -11.48
C SER C 151 5.58 30.61 -12.82
N SER C 152 6.78 31.09 -13.15
CA SER C 152 6.98 31.85 -14.37
C SER C 152 6.91 30.98 -15.62
N LYS C 153 7.46 29.78 -15.53
CA LYS C 153 7.42 28.82 -16.62
C LYS C 153 5.98 28.53 -17.03
N SER C 154 5.09 28.52 -16.05
CA SER C 154 3.67 28.34 -16.29
C SER C 154 3.03 29.66 -16.69
N ASN C 155 3.65 30.76 -16.27
CA ASN C 155 3.17 32.10 -16.61
C ASN C 155 3.39 32.40 -18.09
N GLN C 156 4.30 31.65 -18.71
CA GLN C 156 4.59 31.82 -20.13
CA GLN C 156 4.60 31.82 -20.12
C GLN C 156 3.48 31.25 -21.01
N TYR C 157 2.38 30.84 -20.40
CA TYR C 157 1.27 30.26 -21.16
C TYR C 157 -0.09 30.78 -20.70
N VAL C 158 -0.09 31.91 -20.00
CA VAL C 158 -1.33 32.48 -19.48
C VAL C 158 -2.17 33.08 -20.61
N TYR C 159 -1.54 33.87 -21.47
CA TYR C 159 -2.24 34.53 -22.57
C TYR C 159 -2.25 33.67 -23.84
N GLY C 160 -1.98 32.38 -23.69
CA GLY C 160 -1.98 31.46 -24.81
C GLY C 160 -0.63 30.85 -25.10
N ILE C 161 -0.55 30.04 -26.14
CA ILE C 161 0.69 29.40 -26.52
C ILE C 161 1.68 30.40 -27.10
N GLY C 162 2.86 30.48 -26.49
CA GLY C 162 3.88 31.41 -26.93
C GLY C 162 3.63 32.82 -26.44
N GLY C 163 2.70 32.95 -25.49
CA GLY C 163 2.34 34.25 -24.94
C GLY C 163 1.12 34.83 -25.63
N GLY C 164 0.69 34.20 -26.71
CA GLY C 164 -0.49 34.63 -27.44
C GLY C 164 -0.43 36.06 -27.92
N THR C 165 -1.58 36.72 -27.93
CA THR C 165 -1.66 38.12 -28.33
C THR C 165 -1.51 39.02 -27.11
N GLY C 166 -1.04 38.45 -26.01
CA GLY C 166 -0.86 39.19 -24.77
C GLY C 166 -2.17 39.51 -24.09
N CYS C 167 -2.17 40.59 -23.31
CA CYS C 167 -3.37 41.04 -22.63
C CYS C 167 -4.44 41.47 -23.63
N PRO C 168 -5.72 41.24 -23.30
CA PRO C 168 -6.82 41.58 -24.20
C PRO C 168 -7.05 43.09 -24.34
N THR C 169 -6.41 43.87 -23.49
CA THR C 169 -6.61 45.32 -23.50
C THR C 169 -5.54 46.05 -24.32
N HIS C 170 -4.28 45.89 -23.93
CA HIS C 170 -3.19 46.64 -24.55
C HIS C 170 -2.45 45.84 -25.60
N LYS C 171 -2.87 44.59 -25.81
CA LYS C 171 -2.20 43.66 -26.72
C LYS C 171 -0.72 43.53 -26.36
N ASP C 172 -0.46 43.39 -25.07
CA ASP C 172 0.92 43.31 -24.57
C ASP C 172 1.15 41.99 -23.85
N ARG C 173 2.23 41.31 -24.21
CA ARG C 173 2.60 40.06 -23.56
C ARG C 173 3.37 40.32 -22.26
N SER C 174 3.66 41.59 -21.99
CA SER C 174 4.38 41.97 -20.79
C SER C 174 3.74 43.16 -20.10
N CYS C 175 2.41 43.18 -20.04
CA CYS C 175 1.69 44.26 -19.37
C CYS C 175 1.78 44.12 -17.86
N TYR C 176 2.02 45.24 -17.19
CA TYR C 176 2.15 45.25 -15.73
C TYR C 176 0.91 45.84 -15.07
N ILE C 177 -0.16 45.98 -15.85
CA ILE C 177 -1.39 46.58 -15.36
C ILE C 177 -2.51 45.55 -15.25
N CYS C 178 -2.73 44.81 -16.33
CA CYS C 178 -3.81 43.83 -16.39
C CYS C 178 -3.63 42.69 -15.39
N HIS C 179 -4.72 42.26 -14.79
CA HIS C 179 -4.70 41.16 -13.83
C HIS C 179 -4.61 39.81 -14.54
N ARG C 180 -3.48 39.12 -14.34
CA ARG C 180 -3.30 37.79 -14.90
C ARG C 180 -3.83 36.74 -13.93
N GLN C 181 -4.17 35.57 -14.45
CA GLN C 181 -4.65 34.48 -13.62
C GLN C 181 -4.04 33.14 -14.01
N MET C 182 -3.53 32.42 -13.01
CA MET C 182 -3.05 31.06 -13.25
C MET C 182 -3.45 30.15 -12.11
N LEU C 183 -3.16 28.86 -12.25
CA LEU C 183 -3.64 27.87 -11.30
C LEU C 183 -2.54 27.17 -10.52
N PHE C 184 -2.78 26.97 -9.23
CA PHE C 184 -1.91 26.13 -8.41
C PHE C 184 -2.65 24.83 -8.13
N CYS C 185 -2.42 23.83 -8.98
CA CYS C 185 -3.15 22.58 -8.94
C CYS C 185 -2.40 21.49 -8.21
N ARG C 186 -3.14 20.46 -7.78
CA ARG C 186 -2.55 19.28 -7.19
C ARG C 186 -2.60 18.14 -8.19
N VAL C 187 -1.44 17.75 -8.69
CA VAL C 187 -1.36 16.77 -9.76
C VAL C 187 -0.92 15.38 -9.26
N THR C 188 -1.73 14.37 -9.57
CA THR C 188 -1.38 12.99 -9.24
C THR C 188 -0.44 12.41 -10.28
N LEU C 189 0.84 12.33 -9.94
CA LEU C 189 1.85 11.84 -10.87
C LEU C 189 1.81 10.31 -10.97
N GLY C 190 2.03 9.64 -9.85
CA GLY C 190 2.08 8.18 -9.83
C GLY C 190 3.48 7.69 -10.19
N LYS C 191 3.55 6.54 -10.84
CA LYS C 191 4.84 6.01 -11.29
C LYS C 191 5.36 6.81 -12.47
N SER C 192 6.00 7.94 -12.19
CA SER C 192 6.47 8.84 -13.23
C SER C 192 7.55 8.22 -14.09
N PHE C 193 7.44 8.45 -15.40
CA PHE C 193 8.45 8.00 -16.35
C PHE C 193 9.30 9.18 -16.82
N LEU C 194 10.62 9.05 -16.67
CA LEU C 194 11.52 10.14 -17.01
C LEU C 194 12.08 9.99 -18.42
N GLN C 195 11.63 10.86 -19.32
CA GLN C 195 12.13 10.87 -20.68
C GLN C 195 13.37 11.75 -20.81
N PHE C 196 14.25 11.40 -21.72
CA PHE C 196 15.46 12.18 -21.96
C PHE C 196 15.41 12.85 -23.33
N SER C 197 14.97 12.08 -24.32
CA SER C 197 14.81 12.60 -25.67
C SER C 197 13.38 13.12 -25.88
N THR C 198 13.19 13.90 -26.94
CA THR C 198 11.88 14.47 -27.24
C THR C 198 10.96 13.45 -27.92
N ILE C 199 10.68 12.36 -27.21
CA ILE C 199 9.80 11.32 -27.73
C ILE C 199 8.40 11.49 -27.17
N LYS C 200 7.62 12.36 -27.79
CA LYS C 200 6.27 12.66 -27.30
C LYS C 200 5.29 11.54 -27.64
N MET C 201 4.53 11.13 -26.63
CA MET C 201 3.63 9.99 -26.76
C MET C 201 2.18 10.41 -26.55
N ALA C 202 1.26 9.47 -26.76
CA ALA C 202 -0.17 9.77 -26.65
C ALA C 202 -0.71 9.38 -25.27
N HIS C 203 -0.01 8.48 -24.59
CA HIS C 203 -0.42 8.05 -23.26
C HIS C 203 0.79 7.79 -22.37
N ALA C 204 0.55 7.57 -21.09
CA ALA C 204 1.62 7.21 -20.17
C ALA C 204 2.16 5.83 -20.52
N PRO C 205 3.46 5.61 -20.30
CA PRO C 205 4.07 4.29 -20.55
C PRO C 205 3.42 3.19 -19.73
N PRO C 206 3.48 1.93 -20.21
CA PRO C 206 2.90 0.78 -19.51
C PRO C 206 3.38 0.67 -18.07
N GLY C 207 2.45 0.75 -17.12
CA GLY C 207 2.78 0.68 -15.71
C GLY C 207 3.13 2.03 -15.13
N HIS C 208 2.90 3.09 -15.91
CA HIS C 208 3.20 4.45 -15.49
C HIS C 208 1.98 5.34 -15.61
N HIS C 209 2.01 6.49 -14.94
CA HIS C 209 0.83 7.36 -14.90
C HIS C 209 1.16 8.82 -15.24
N SER C 210 2.42 9.12 -15.50
CA SER C 210 2.84 10.47 -15.84
C SER C 210 4.22 10.49 -16.50
N VAL C 211 4.56 11.61 -17.13
CA VAL C 211 5.86 11.76 -17.77
C VAL C 211 6.58 13.01 -17.31
N ILE C 212 7.76 12.83 -16.72
CA ILE C 212 8.56 13.95 -16.24
C ILE C 212 9.77 14.20 -17.14
N GLY C 213 9.86 15.41 -17.68
CA GLY C 213 10.96 15.76 -18.57
C GLY C 213 11.78 16.93 -18.07
N ARG C 214 12.87 17.24 -18.76
CA ARG C 214 13.75 18.34 -18.37
C ARG C 214 14.49 18.94 -19.56
N PRO C 215 13.77 19.60 -20.47
CA PRO C 215 14.42 20.22 -21.63
C PRO C 215 15.13 21.51 -21.27
N SER C 216 16.03 21.97 -22.14
CA SER C 216 16.82 23.18 -21.89
C SER C 216 16.38 24.34 -22.76
N VAL C 217 15.89 25.39 -22.12
CA VAL C 217 15.48 26.60 -22.83
C VAL C 217 16.65 27.55 -23.02
N ASN C 218 17.45 27.30 -24.06
CA ASN C 218 18.62 28.09 -24.37
C ASN C 218 19.60 28.19 -23.20
N GLY C 219 19.96 27.04 -22.64
CA GLY C 219 20.91 26.99 -21.53
C GLY C 219 20.32 26.42 -20.26
N LEU C 220 19.43 27.19 -19.64
CA LEU C 220 18.79 26.76 -18.39
C LEU C 220 17.69 25.74 -18.65
N ALA C 221 17.79 24.59 -18.00
CA ALA C 221 16.79 23.54 -18.16
C ALA C 221 15.64 23.71 -17.19
N TYR C 222 14.46 23.22 -17.56
CA TYR C 222 13.28 23.34 -16.71
CA TYR C 222 13.29 23.32 -16.69
C TYR C 222 12.46 22.05 -16.72
N ALA C 223 11.99 21.65 -15.54
CA ALA C 223 11.21 20.43 -15.40
C ALA C 223 9.84 20.56 -16.07
N GLU C 224 9.28 19.41 -16.46
CA GLU C 224 7.97 19.38 -17.11
C GLU C 224 7.18 18.17 -16.65
N TYR C 225 6.02 18.41 -16.05
CA TYR C 225 5.20 17.33 -15.52
C TYR C 225 3.97 17.12 -16.39
N VAL C 226 3.90 15.97 -17.05
CA VAL C 226 2.88 15.71 -18.05
C VAL C 226 1.91 14.61 -17.63
N ILE C 227 0.62 14.92 -17.66
CA ILE C 227 -0.41 13.92 -17.38
C ILE C 227 -1.33 13.75 -18.59
N TYR C 228 -1.73 12.52 -18.86
CA TYR C 228 -2.47 12.20 -20.07
C TYR C 228 -3.95 11.91 -19.80
N ARG C 229 -4.43 12.45 -18.69
CA ARG C 229 -5.85 12.38 -18.33
C ARG C 229 -6.24 13.56 -17.44
N GLY C 230 -7.44 14.09 -17.64
CA GLY C 230 -7.89 15.26 -16.91
C GLY C 230 -8.16 15.07 -15.43
N GLU C 231 -8.57 13.86 -15.04
CA GLU C 231 -8.90 13.61 -13.63
C GLU C 231 -7.65 13.40 -12.78
N GLN C 232 -6.48 13.54 -13.40
CA GLN C 232 -5.21 13.42 -12.68
C GLN C 232 -4.95 14.63 -11.80
N ALA C 233 -5.40 15.79 -12.25
CA ALA C 233 -5.14 17.03 -11.53
C ALA C 233 -6.43 17.76 -11.15
N TYR C 234 -6.36 18.48 -10.04
CA TYR C 234 -7.50 19.26 -9.56
C TYR C 234 -7.06 20.69 -9.24
N PRO C 235 -7.66 21.67 -9.93
CA PRO C 235 -7.31 23.08 -9.70
C PRO C 235 -7.63 23.52 -8.28
N GLU C 236 -6.70 23.27 -7.37
CA GLU C 236 -6.92 23.57 -5.96
C GLU C 236 -6.98 25.07 -5.71
N TYR C 237 -5.96 25.79 -6.17
CA TYR C 237 -5.90 27.23 -5.93
C TYR C 237 -6.01 28.05 -7.22
N LEU C 238 -6.83 29.10 -7.17
CA LEU C 238 -6.95 30.05 -8.26
C LEU C 238 -6.21 31.34 -7.91
N ILE C 239 -5.17 31.66 -8.66
CA ILE C 239 -4.33 32.80 -8.34
C ILE C 239 -4.48 33.95 -9.32
N THR C 240 -4.95 35.08 -8.81
CA THR C 240 -4.97 36.33 -9.56
C THR C 240 -3.77 37.17 -9.12
N TYR C 241 -3.00 37.65 -10.09
CA TYR C 241 -1.73 38.30 -9.78
C TYR C 241 -1.32 39.32 -10.84
N GLN C 242 -0.27 40.07 -10.54
CA GLN C 242 0.37 40.93 -11.52
C GLN C 242 1.87 40.64 -11.57
N ILE C 243 2.54 41.17 -12.58
CA ILE C 243 4.00 41.09 -12.65
C ILE C 243 4.60 42.45 -12.32
N MET C 244 5.67 42.44 -11.52
CA MET C 244 6.27 43.70 -11.09
C MET C 244 7.51 44.05 -11.90
N LYS C 245 7.51 45.24 -12.49
CA LYS C 245 8.62 45.71 -13.30
C LYS C 245 9.78 46.18 -12.43
N PRO C 246 10.99 45.66 -12.70
CA PRO C 246 12.21 46.06 -11.99
C PRO C 246 12.50 47.55 -12.16
N GLU C 247 13.12 48.16 -11.15
CA GLU C 247 13.45 49.59 -11.21
C GLU C 247 14.64 49.84 -12.13
N GLY D 38 10.56 -25.91 -10.42
CA GLY D 38 10.60 -26.25 -9.01
C GLY D 38 11.99 -26.10 -8.42
N THR D 39 12.66 -25.02 -8.78
CA THR D 39 14.01 -24.74 -8.28
C THR D 39 14.01 -23.53 -7.36
N ILE D 40 14.60 -23.68 -6.18
CA ILE D 40 14.65 -22.59 -5.21
C ILE D 40 16.08 -22.13 -4.96
N LEU D 41 16.31 -20.82 -5.05
CA LEU D 41 17.64 -20.26 -4.85
C LEU D 41 17.76 -19.62 -3.47
N LEU D 42 18.60 -20.21 -2.62
CA LEU D 42 18.80 -19.73 -1.26
C LEU D 42 19.95 -18.74 -1.16
N ASP D 43 19.62 -17.47 -0.92
CA ASP D 43 20.65 -16.45 -0.75
C ASP D 43 21.39 -16.64 0.57
N LEU D 44 22.69 -16.87 0.48
CA LEU D 44 23.52 -17.10 1.66
C LEU D 44 24.07 -15.78 2.21
N ALA D 45 24.02 -15.64 3.53
CA ALA D 45 24.50 -14.44 4.19
C ALA D 45 26.02 -14.34 4.13
N PRO D 46 26.55 -13.14 3.94
CA PRO D 46 28.00 -12.90 3.88
C PRO D 46 28.72 -13.32 5.17
N GLU D 47 28.00 -13.28 6.29
CA GLU D 47 28.58 -13.64 7.58
C GLU D 47 28.36 -15.10 7.93
N ASP D 48 28.05 -15.91 6.93
CA ASP D 48 27.83 -17.34 7.13
C ASP D 48 29.12 -18.11 6.86
N LYS D 49 29.20 -19.33 7.39
CA LYS D 49 30.40 -20.15 7.24
C LYS D 49 30.54 -20.70 5.83
N GLU D 50 29.43 -21.21 5.29
CA GLU D 50 29.43 -21.80 3.95
C GLU D 50 29.79 -20.77 2.88
N TYR D 51 29.20 -19.58 3.00
CA TYR D 51 29.45 -18.48 2.07
C TYR D 51 30.94 -18.15 2.02
N GLN D 52 31.52 -17.94 3.21
CA GLN D 52 32.93 -17.59 3.32
C GLN D 52 33.84 -18.73 2.89
N SER D 53 33.36 -19.96 3.01
CA SER D 53 34.13 -21.13 2.59
C SER D 53 34.21 -21.20 1.07
N VAL D 54 33.04 -21.14 0.42
CA VAL D 54 32.97 -21.13 -1.04
C VAL D 54 33.76 -19.97 -1.61
N GLU D 55 33.57 -18.79 -1.03
CA GLU D 55 34.32 -17.60 -1.44
C GLU D 55 35.81 -17.83 -1.27
N GLU D 56 36.19 -18.48 -0.16
CA GLU D 56 37.59 -18.76 0.13
C GLU D 56 38.22 -19.63 -0.96
N GLU D 57 37.55 -20.72 -1.32
CA GLU D 57 38.12 -21.60 -2.34
C GLU D 57 38.10 -20.94 -3.71
N MET D 58 37.12 -20.06 -3.94
CA MET D 58 37.05 -19.38 -5.24
C MET D 58 38.18 -18.34 -5.37
N GLN D 59 38.56 -17.74 -4.25
CA GLN D 59 39.62 -16.74 -4.26
C GLN D 59 41.01 -17.38 -4.22
N SER D 60 41.09 -18.58 -3.65
CA SER D 60 42.37 -19.25 -3.48
C SER D 60 42.76 -20.09 -4.69
N THR D 61 41.84 -20.28 -5.62
CA THR D 61 42.11 -21.08 -6.80
C THR D 61 42.19 -20.23 -8.07
N ILE D 62 42.64 -19.00 -7.91
CA ILE D 62 42.85 -18.10 -9.05
C ILE D 62 44.29 -18.26 -9.55
N ARG D 63 44.45 -18.40 -10.87
CA ARG D 63 45.75 -18.63 -11.45
C ARG D 63 46.03 -17.74 -12.65
N GLU D 64 47.31 -17.56 -12.97
CA GLU D 64 47.71 -16.82 -14.16
C GLU D 64 47.89 -17.77 -15.34
N HIS D 65 46.91 -17.81 -16.22
CA HIS D 65 46.91 -18.74 -17.34
C HIS D 65 47.84 -18.29 -18.46
N ARG D 66 48.22 -19.24 -19.32
CA ARG D 66 49.08 -18.95 -20.45
C ARG D 66 48.32 -18.22 -21.55
N ASP D 67 47.01 -18.12 -21.37
CA ASP D 67 46.16 -17.37 -22.29
C ASP D 67 46.56 -15.91 -22.30
N GLY D 68 46.87 -15.38 -21.12
CA GLY D 68 47.24 -13.98 -20.99
C GLY D 68 46.05 -13.12 -20.62
N GLY D 69 45.01 -13.76 -20.09
CA GLY D 69 43.80 -13.06 -19.71
C GLY D 69 43.04 -12.56 -20.92
N ASN D 70 43.00 -13.37 -21.97
CA ASN D 70 42.31 -13.00 -23.20
C ASN D 70 40.86 -13.46 -23.18
N ALA D 71 40.59 -14.53 -22.45
CA ALA D 71 39.23 -15.06 -22.34
C ALA D 71 38.61 -14.66 -21.00
N GLY D 72 39.21 -15.11 -19.91
CA GLY D 72 38.71 -14.80 -18.58
C GLY D 72 38.97 -13.36 -18.19
N GLY D 73 39.97 -12.75 -18.80
CA GLY D 73 40.32 -11.37 -18.52
C GLY D 73 41.48 -11.24 -17.55
N ILE D 74 41.90 -10.01 -17.29
CA ILE D 74 42.99 -9.75 -16.37
C ILE D 74 42.46 -9.39 -14.98
N PHE D 75 42.75 -10.25 -14.01
CA PHE D 75 42.28 -10.04 -12.64
C PHE D 75 43.10 -10.86 -11.65
N ASN D 76 43.11 -10.42 -10.40
CA ASN D 76 43.83 -11.14 -9.35
C ASN D 76 42.90 -11.65 -8.25
N ARG D 77 41.72 -11.03 -8.15
CA ARG D 77 40.74 -11.43 -7.15
C ARG D 77 39.32 -11.17 -7.64
N TYR D 78 38.36 -11.87 -7.04
CA TYR D 78 36.96 -11.72 -7.43
C TYR D 78 36.20 -10.79 -6.49
N ASN D 79 35.35 -9.96 -7.07
CA ASN D 79 34.42 -9.15 -6.30
C ASN D 79 33.07 -9.85 -6.22
N VAL D 80 32.90 -10.66 -5.18
CA VAL D 80 31.70 -11.48 -5.02
C VAL D 80 30.47 -10.63 -4.72
N ILE D 81 29.39 -10.86 -5.46
CA ILE D 81 28.13 -10.17 -5.21
C ILE D 81 27.26 -11.00 -4.27
N ARG D 82 27.01 -12.24 -4.66
CA ARG D 82 26.16 -13.14 -3.87
C ARG D 82 26.40 -14.60 -4.21
N ILE D 83 26.32 -15.46 -3.20
CA ILE D 83 26.44 -16.90 -3.40
C ILE D 83 25.13 -17.58 -3.00
N GLN D 84 24.52 -18.28 -3.94
CA GLN D 84 23.21 -18.87 -3.72
C GLN D 84 23.24 -20.39 -3.82
N LYS D 85 22.52 -21.05 -2.92
CA LYS D 85 22.37 -22.49 -2.96
C LYS D 85 21.19 -22.90 -3.83
N VAL D 86 21.47 -23.64 -4.90
CA VAL D 86 20.41 -24.14 -5.77
C VAL D 86 19.80 -25.41 -5.18
N VAL D 87 18.50 -25.37 -4.90
CA VAL D 87 17.81 -26.50 -4.32
C VAL D 87 16.73 -27.01 -5.27
N ASN D 88 16.82 -28.30 -5.60
CA ASN D 88 15.86 -28.94 -6.48
C ASN D 88 15.71 -30.42 -6.13
N LYS D 89 14.47 -30.86 -5.94
CA LYS D 89 14.19 -32.22 -5.49
C LYS D 89 14.54 -33.27 -6.54
N LYS D 90 14.13 -33.02 -7.78
CA LYS D 90 14.34 -33.96 -8.87
C LYS D 90 15.83 -34.14 -9.19
N LEU D 91 16.53 -33.03 -9.37
CA LEU D 91 17.94 -33.06 -9.74
C LEU D 91 18.80 -33.78 -8.71
N ARG D 92 18.51 -33.59 -7.43
CA ARG D 92 19.28 -34.23 -6.37
C ARG D 92 18.79 -35.67 -6.19
N GLU D 93 17.56 -35.93 -6.60
CA GLU D 93 17.06 -37.32 -6.62
C GLU D 93 17.91 -38.13 -7.60
N ARG D 94 18.04 -37.61 -8.81
CA ARG D 94 18.89 -38.24 -9.83
C ARG D 94 20.34 -38.30 -9.36
N PHE D 95 20.82 -37.20 -8.78
CA PHE D 95 22.20 -37.10 -8.30
C PHE D 95 22.51 -38.19 -7.27
N CYS D 96 21.60 -38.36 -6.31
CA CYS D 96 21.78 -39.32 -5.23
C CYS D 96 21.59 -40.75 -5.72
N HIS D 97 20.75 -40.92 -6.74
CA HIS D 97 20.56 -42.24 -7.34
C HIS D 97 21.86 -42.69 -8.01
N ARG D 98 22.36 -41.85 -8.92
CA ARG D 98 23.60 -42.14 -9.62
C ARG D 98 24.77 -42.28 -8.64
N GLN D 99 24.75 -41.45 -7.60
CA GLN D 99 25.78 -41.50 -6.57
C GLN D 99 25.74 -42.83 -5.84
N LYS D 100 24.54 -43.34 -5.61
CA LYS D 100 24.36 -44.64 -4.95
C LYS D 100 24.88 -45.76 -5.84
N GLU D 101 24.59 -45.66 -7.14
CA GLU D 101 25.07 -46.67 -8.09
C GLU D 101 26.60 -46.69 -8.15
N VAL D 102 27.19 -45.52 -8.36
CA VAL D 102 28.64 -45.37 -8.42
C VAL D 102 29.30 -45.86 -7.14
N SER D 103 28.69 -45.52 -6.01
CA SER D 103 29.20 -45.96 -4.71
C SER D 103 29.18 -47.49 -4.62
N GLU D 104 28.05 -48.08 -5.02
CA GLU D 104 27.91 -49.53 -5.03
C GLU D 104 28.92 -50.17 -5.97
N GLU D 105 29.39 -49.41 -6.95
CA GLU D 105 30.36 -49.92 -7.91
C GLU D 105 31.81 -49.62 -7.50
N ASN D 106 31.98 -48.75 -6.50
CA ASN D 106 33.32 -48.31 -6.13
C ASN D 106 33.60 -48.29 -4.63
N HIS D 107 33.75 -49.47 -4.04
CA HIS D 107 34.14 -49.61 -2.63
C HIS D 107 33.27 -48.81 -1.66
N ASN D 108 31.98 -48.67 -1.98
CA ASN D 108 31.06 -47.83 -1.21
C ASN D 108 31.56 -46.39 -1.14
N HIS D 109 32.39 -46.00 -2.11
CA HIS D 109 32.94 -44.65 -2.19
C HIS D 109 32.53 -43.98 -3.49
N HIS D 110 31.69 -42.94 -3.38
CA HIS D 110 31.27 -42.20 -4.55
C HIS D 110 32.34 -41.19 -4.95
N ASN D 111 33.25 -40.89 -4.02
CA ASN D 111 34.37 -39.98 -4.25
C ASN D 111 33.92 -38.64 -4.80
N GLU D 112 33.31 -37.82 -3.94
CA GLU D 112 32.75 -36.54 -4.35
C GLU D 112 33.73 -35.39 -4.12
N ARG D 113 33.79 -34.47 -5.10
CA ARG D 113 34.64 -33.29 -4.98
C ARG D 113 33.91 -32.03 -5.44
N MET D 114 34.10 -30.94 -4.69
CA MET D 114 33.53 -29.65 -5.04
C MET D 114 34.36 -28.98 -6.14
N LEU D 115 33.74 -28.77 -7.29
CA LEU D 115 34.46 -28.23 -8.44
C LEU D 115 33.71 -27.08 -9.11
N PHE D 116 34.45 -26.20 -9.79
CA PHE D 116 33.85 -25.06 -10.47
C PHE D 116 33.38 -25.43 -11.88
N HIS D 117 32.51 -24.61 -12.44
CA HIS D 117 31.99 -24.85 -13.78
C HIS D 117 31.45 -23.57 -14.42
N GLY D 118 32.11 -23.13 -15.48
CA GLY D 118 31.68 -21.94 -16.19
C GLY D 118 30.99 -22.28 -17.50
N SER D 119 29.82 -21.71 -17.72
CA SER D 119 29.04 -21.97 -18.93
C SER D 119 28.07 -20.83 -19.23
N PRO D 120 27.91 -20.49 -20.51
CA PRO D 120 26.97 -19.45 -20.93
C PRO D 120 25.51 -19.88 -20.76
N PHE D 121 25.30 -21.17 -20.52
CA PHE D 121 23.96 -21.71 -20.32
C PHE D 121 23.76 -22.16 -18.87
N ILE D 122 24.24 -21.35 -17.93
CA ILE D 122 24.14 -21.68 -16.51
C ILE D 122 22.70 -21.81 -16.06
N ASN D 123 21.81 -21.04 -16.69
CA ASN D 123 20.38 -21.07 -16.38
C ASN D 123 19.80 -22.46 -16.58
N ALA D 124 20.09 -23.04 -17.74
CA ALA D 124 19.60 -24.38 -18.08
C ALA D 124 20.14 -25.42 -17.11
N ILE D 125 21.32 -25.17 -16.57
CA ILE D 125 21.95 -26.10 -15.63
C ILE D 125 21.31 -26.00 -14.25
N ILE D 126 20.96 -24.79 -13.83
CA ILE D 126 20.35 -24.60 -12.52
C ILE D 126 18.84 -24.75 -12.56
N HIS D 127 18.29 -24.99 -13.75
CA HIS D 127 16.85 -25.18 -13.89
C HIS D 127 16.49 -26.58 -14.37
N LYS D 128 17.32 -27.14 -15.25
CA LYS D 128 17.04 -28.47 -15.81
C LYS D 128 18.08 -29.50 -15.38
N GLY D 129 19.21 -29.02 -14.85
CA GLY D 129 20.28 -29.90 -14.43
C GLY D 129 21.31 -30.09 -15.53
N PHE D 130 22.38 -30.82 -15.22
CA PHE D 130 23.40 -31.12 -16.21
C PHE D 130 22.88 -32.12 -17.23
N ASP D 131 23.25 -31.91 -18.50
CA ASP D 131 22.82 -32.80 -19.56
C ASP D 131 23.99 -33.16 -20.46
N GLU D 132 24.32 -34.45 -20.53
CA GLU D 132 25.46 -34.92 -21.32
C GLU D 132 25.15 -34.91 -22.82
N ARG D 133 23.92 -34.53 -23.17
CA ARG D 133 23.53 -34.41 -24.56
C ARG D 133 24.03 -33.10 -25.15
N HIS D 134 24.23 -32.11 -24.28
CA HIS D 134 24.86 -30.86 -24.67
C HIS D 134 26.31 -30.85 -24.22
N ALA D 135 27.00 -31.95 -24.51
CA ALA D 135 28.36 -32.17 -24.03
C ALA D 135 29.38 -31.28 -24.74
N TYR D 136 30.61 -31.32 -24.25
CA TYR D 136 31.72 -30.59 -24.85
C TYR D 136 32.48 -31.48 -25.82
N ILE D 137 32.00 -31.54 -27.06
CA ILE D 137 32.60 -32.39 -28.09
C ILE D 137 34.01 -31.93 -28.42
N GLY D 138 34.22 -30.62 -28.44
CA GLY D 138 35.52 -30.04 -28.75
C GLY D 138 36.52 -30.17 -27.62
N GLY D 139 36.13 -30.87 -26.55
CA GLY D 139 36.99 -31.06 -25.40
C GLY D 139 38.15 -31.98 -25.68
N MET D 140 39.02 -32.14 -24.68
CA MET D 140 40.22 -32.94 -24.82
C MET D 140 39.95 -34.43 -24.63
N PHE D 141 39.13 -34.75 -23.63
CA PHE D 141 38.87 -36.14 -23.27
C PHE D 141 37.53 -36.62 -23.78
N GLY D 142 37.04 -36.01 -24.86
CA GLY D 142 35.81 -36.45 -25.50
C GLY D 142 34.60 -35.63 -25.14
N ALA D 143 33.49 -35.92 -25.81
CA ALA D 143 32.24 -35.20 -25.58
C ALA D 143 31.65 -35.54 -24.20
N GLY D 144 31.79 -34.60 -23.27
CA GLY D 144 31.29 -34.81 -21.91
C GLY D 144 31.10 -33.49 -21.18
N ILE D 145 31.10 -33.58 -19.85
CA ILE D 145 30.96 -32.39 -18.99
C ILE D 145 32.26 -32.16 -18.23
N TYR D 146 32.78 -30.94 -18.33
CA TYR D 146 34.08 -30.61 -17.76
C TYR D 146 33.96 -29.75 -16.51
N PHE D 147 34.95 -29.86 -15.63
CA PHE D 147 35.01 -29.08 -14.39
C PHE D 147 36.46 -28.73 -14.08
N ALA D 148 36.66 -27.54 -13.52
CA ALA D 148 38.00 -27.11 -13.12
C ALA D 148 38.04 -26.79 -11.64
N GLU D 149 39.09 -27.26 -10.96
CA GLU D 149 39.27 -26.97 -9.54
C GLU D 149 39.76 -25.54 -9.37
N ASN D 150 40.16 -24.92 -10.47
CA ASN D 150 40.58 -23.52 -10.48
C ASN D 150 39.50 -22.63 -11.08
N SER D 151 39.04 -21.67 -10.28
CA SER D 151 37.90 -20.83 -10.65
C SER D 151 38.14 -20.00 -11.91
N SER D 152 39.40 -19.65 -12.16
CA SER D 152 39.74 -18.81 -13.32
C SER D 152 39.55 -19.56 -14.64
N LYS D 153 39.91 -20.84 -14.65
CA LYS D 153 39.77 -21.65 -15.85
C LYS D 153 38.29 -21.82 -16.20
N SER D 154 37.45 -21.88 -15.17
CA SER D 154 36.01 -21.93 -15.38
C SER D 154 35.49 -20.56 -15.79
N ASN D 155 36.18 -19.51 -15.34
CA ASN D 155 35.83 -18.16 -15.73
C ASN D 155 36.13 -17.94 -17.22
N GLN D 156 37.06 -18.72 -17.75
CA GLN D 156 37.40 -18.66 -19.17
C GLN D 156 36.27 -19.16 -20.06
N TYR D 157 35.30 -19.85 -19.48
CA TYR D 157 34.20 -20.42 -20.25
C TYR D 157 32.84 -19.86 -19.86
N VAL D 158 32.83 -18.73 -19.15
CA VAL D 158 31.58 -18.12 -18.73
C VAL D 158 30.80 -17.55 -19.91
N TYR D 159 31.50 -16.82 -20.78
CA TYR D 159 30.87 -16.19 -21.93
C TYR D 159 31.01 -17.03 -23.20
N GLY D 160 31.23 -18.32 -23.03
CA GLY D 160 31.35 -19.23 -24.16
C GLY D 160 32.75 -19.81 -24.29
N ILE D 161 32.96 -20.58 -25.35
CA ILE D 161 34.26 -21.20 -25.60
C ILE D 161 35.28 -20.17 -26.07
N GLY D 162 36.41 -20.10 -25.36
CA GLY D 162 37.48 -19.18 -25.72
C GLY D 162 37.12 -17.73 -25.48
N GLY D 163 36.29 -17.49 -24.47
CA GLY D 163 35.87 -16.14 -24.13
C GLY D 163 34.61 -15.73 -24.86
N GLY D 164 34.37 -16.32 -26.02
CA GLY D 164 33.19 -16.03 -26.81
C GLY D 164 33.13 -14.58 -27.26
N THR D 165 31.94 -13.99 -27.18
CA THR D 165 31.75 -12.59 -27.54
C THR D 165 31.81 -11.71 -26.30
N GLY D 166 32.21 -12.29 -25.18
CA GLY D 166 32.30 -11.57 -23.93
C GLY D 166 30.93 -11.27 -23.34
N CYS D 167 30.86 -10.20 -22.54
CA CYS D 167 29.60 -9.79 -21.92
C CYS D 167 28.59 -9.38 -23.00
N PRO D 168 27.31 -9.61 -22.73
CA PRO D 168 26.25 -9.27 -23.70
C PRO D 168 26.00 -7.76 -23.78
N THR D 169 26.68 -6.99 -22.94
CA THR D 169 26.48 -5.54 -22.91
C THR D 169 27.58 -4.80 -23.65
N HIS D 170 28.81 -4.87 -23.12
CA HIS D 170 29.92 -4.11 -23.66
C HIS D 170 30.73 -4.91 -24.68
N LYS D 171 30.32 -6.15 -24.92
CA LYS D 171 31.02 -7.06 -25.83
C LYS D 171 32.49 -7.19 -25.47
N ASP D 172 32.77 -7.18 -24.16
CA ASP D 172 34.13 -7.29 -23.66
C ASP D 172 34.32 -8.60 -22.91
N ARG D 173 35.36 -9.34 -23.27
CA ARG D 173 35.67 -10.59 -22.59
C ARG D 173 36.42 -10.32 -21.28
N SER D 174 36.80 -9.07 -21.08
CA SER D 174 37.49 -8.67 -19.86
C SER D 174 36.72 -7.56 -19.14
N CYS D 175 35.39 -7.63 -19.22
CA CYS D 175 34.54 -6.61 -18.61
C CYS D 175 34.62 -6.64 -17.09
N TYR D 176 34.69 -5.46 -16.49
CA TYR D 176 34.78 -5.35 -15.04
C TYR D 176 33.49 -4.79 -14.43
N ILE D 177 32.49 -4.59 -15.28
CA ILE D 177 31.23 -4.00 -14.83
C ILE D 177 30.14 -5.06 -14.63
N CYS D 178 29.83 -5.79 -15.70
CA CYS D 178 28.73 -6.75 -15.70
C CYS D 178 28.90 -7.85 -14.67
N HIS D 179 27.77 -8.41 -14.23
CA HIS D 179 27.79 -9.53 -13.30
C HIS D 179 28.01 -10.84 -14.02
N ARG D 180 29.11 -11.51 -13.72
CA ARG D 180 29.37 -12.83 -14.27
C ARG D 180 28.86 -13.90 -13.31
N GLN D 181 28.41 -15.02 -13.84
CA GLN D 181 27.91 -16.10 -13.00
C GLN D 181 28.59 -17.43 -13.32
N MET D 182 29.15 -18.06 -12.30
CA MET D 182 29.71 -19.40 -12.48
C MET D 182 29.15 -20.34 -11.43
N LEU D 183 29.31 -21.64 -11.68
CA LEU D 183 28.73 -22.65 -10.82
C LEU D 183 29.75 -23.32 -9.93
N PHE D 184 29.29 -23.72 -8.74
CA PHE D 184 30.10 -24.44 -7.78
C PHE D 184 29.40 -25.75 -7.43
N CYS D 185 29.75 -26.80 -8.16
CA CYS D 185 28.98 -28.04 -8.14
C CYS D 185 29.63 -29.18 -7.37
N ARG D 186 28.78 -30.09 -6.90
CA ARG D 186 29.24 -31.37 -6.36
C ARG D 186 29.48 -32.32 -7.53
N VAL D 187 30.68 -32.86 -7.63
CA VAL D 187 31.01 -33.77 -8.72
C VAL D 187 31.36 -35.17 -8.21
N THR D 188 30.57 -36.15 -8.62
CA THR D 188 30.80 -37.54 -8.26
C THR D 188 31.79 -38.19 -9.24
N LEU D 189 33.04 -38.29 -8.83
CA LEU D 189 34.09 -38.83 -9.69
C LEU D 189 34.11 -40.35 -9.67
N GLY D 190 33.90 -40.93 -8.49
CA GLY D 190 33.97 -42.37 -8.33
C GLY D 190 35.37 -42.88 -8.62
N LYS D 191 35.45 -43.99 -9.35
CA LYS D 191 36.74 -44.52 -9.78
C LYS D 191 37.29 -43.65 -10.91
N SER D 192 38.23 -42.77 -10.57
CA SER D 192 38.79 -41.85 -11.55
C SER D 192 39.76 -42.54 -12.50
N PHE D 193 39.96 -41.92 -13.66
CA PHE D 193 40.88 -42.45 -14.67
C PHE D 193 41.93 -41.40 -15.04
N LEU D 194 43.16 -41.62 -14.60
CA LEU D 194 44.24 -40.66 -14.82
C LEU D 194 44.68 -40.62 -16.28
N GLN D 195 44.76 -39.41 -16.82
CA GLN D 195 45.18 -39.21 -18.20
C GLN D 195 46.02 -37.93 -18.35
N PHE D 196 46.90 -37.92 -19.34
CA PHE D 196 47.74 -36.76 -19.61
C PHE D 196 47.59 -36.31 -21.05
N SER D 197 47.58 -37.29 -21.96
CA SER D 197 47.45 -37.01 -23.39
C SER D 197 46.01 -36.68 -23.77
N THR D 198 45.78 -36.46 -25.07
CA THR D 198 44.44 -36.15 -25.57
C THR D 198 43.74 -37.41 -26.05
N ILE D 199 42.95 -38.03 -25.16
CA ILE D 199 42.25 -39.26 -25.49
C ILE D 199 40.75 -39.01 -25.63
N LYS D 200 40.28 -38.94 -26.87
CA LYS D 200 38.85 -38.76 -27.15
C LYS D 200 38.06 -39.94 -26.61
N MET D 201 36.97 -39.65 -25.91
CA MET D 201 36.18 -40.69 -25.25
C MET D 201 34.69 -40.36 -25.25
N ALA D 202 33.86 -41.38 -25.48
CA ALA D 202 32.42 -41.20 -25.47
C ALA D 202 31.86 -41.40 -24.06
N HIS D 203 32.45 -42.33 -23.32
CA HIS D 203 32.04 -42.61 -21.96
C HIS D 203 33.26 -42.87 -21.08
N ALA D 204 33.03 -43.06 -19.79
CA ALA D 204 34.10 -43.41 -18.86
C ALA D 204 34.64 -44.80 -19.19
N PRO D 205 35.94 -45.02 -18.95
CA PRO D 205 36.55 -46.34 -19.17
C PRO D 205 35.87 -47.41 -18.33
N PRO D 206 35.86 -48.66 -18.82
CA PRO D 206 35.24 -49.80 -18.13
C PRO D 206 35.76 -49.95 -16.69
N GLY D 207 34.87 -49.75 -15.72
CA GLY D 207 35.25 -49.84 -14.32
C GLY D 207 35.53 -48.47 -13.72
N HIS D 208 35.30 -47.43 -14.51
CA HIS D 208 35.51 -46.06 -14.07
C HIS D 208 34.24 -45.23 -14.21
N HIS D 209 34.27 -44.01 -13.72
CA HIS D 209 33.10 -43.14 -13.76
C HIS D 209 33.48 -41.72 -14.18
N SER D 210 34.76 -41.43 -14.13
CA SER D 210 35.26 -40.10 -14.50
C SER D 210 36.67 -40.17 -15.07
N VAL D 211 37.00 -39.18 -15.89
CA VAL D 211 38.34 -39.07 -16.47
C VAL D 211 39.03 -37.80 -16.00
N ILE D 212 40.12 -37.96 -15.26
CA ILE D 212 40.85 -36.81 -14.73
C ILE D 212 42.09 -36.53 -15.55
N GLY D 213 42.23 -35.28 -16.00
CA GLY D 213 43.39 -34.85 -16.74
C GLY D 213 44.37 -34.09 -15.87
N ARG D 214 45.47 -34.75 -15.52
CA ARG D 214 46.52 -34.14 -14.73
C ARG D 214 47.50 -33.39 -15.61
N PRO D 215 47.97 -32.23 -15.15
CA PRO D 215 48.92 -31.39 -15.91
C PRO D 215 50.22 -32.13 -16.23
N SER D 216 50.54 -32.22 -17.51
CA SER D 216 51.75 -32.88 -17.96
C SER D 216 52.63 -31.91 -18.75
N VAL D 217 53.89 -32.29 -18.96
CA VAL D 217 54.82 -31.47 -19.70
C VAL D 217 54.37 -31.30 -21.15
N ASN D 218 54.32 -30.06 -21.61
CA ASN D 218 53.87 -29.72 -22.96
C ASN D 218 52.47 -30.24 -23.25
N GLY D 219 51.64 -30.30 -22.20
CA GLY D 219 50.28 -30.79 -22.34
C GLY D 219 49.27 -29.89 -21.63
N LEU D 220 48.88 -30.29 -20.43
CA LEU D 220 47.93 -29.51 -19.64
C LEU D 220 48.63 -28.55 -18.69
N ALA D 221 47.97 -27.42 -18.41
CA ALA D 221 48.50 -26.44 -17.48
C ALA D 221 47.86 -26.62 -16.10
N TYR D 222 46.55 -26.84 -16.09
CA TYR D 222 45.83 -27.07 -14.86
C TYR D 222 44.92 -28.29 -14.98
N ALA D 223 44.65 -28.94 -13.85
CA ALA D 223 43.89 -30.18 -13.83
C ALA D 223 42.47 -30.01 -14.37
N GLU D 224 41.98 -31.05 -15.02
CA GLU D 224 40.60 -31.07 -15.52
C GLU D 224 39.86 -32.28 -14.99
N TYR D 225 38.56 -32.13 -14.76
CA TYR D 225 37.75 -33.23 -14.26
C TYR D 225 36.57 -33.49 -15.19
N VAL D 226 36.55 -34.66 -15.81
CA VAL D 226 35.56 -34.96 -16.84
C VAL D 226 34.58 -36.03 -16.39
N ILE D 227 33.28 -35.74 -16.49
CA ILE D 227 32.26 -36.75 -16.23
C ILE D 227 31.36 -36.90 -17.45
N TYR D 228 30.87 -38.11 -17.66
CA TYR D 228 30.13 -38.44 -18.88
C TYR D 228 28.66 -38.70 -18.60
N ARG D 229 28.22 -38.31 -17.40
CA ARG D 229 26.81 -38.40 -17.03
C ARG D 229 26.38 -37.14 -16.29
N GLY D 230 25.28 -36.54 -16.74
CA GLY D 230 24.79 -35.30 -16.16
C GLY D 230 24.32 -35.44 -14.73
N GLU D 231 23.93 -36.66 -14.36
CA GLU D 231 23.39 -36.90 -13.03
C GLU D 231 24.49 -37.13 -11.99
N GLN D 232 25.75 -36.98 -12.41
CA GLN D 232 26.87 -37.10 -11.49
C GLN D 232 27.38 -35.73 -11.08
N ALA D 233 26.59 -34.70 -11.35
CA ALA D 233 26.93 -33.33 -10.97
C ALA D 233 25.69 -32.53 -10.61
N TYR D 234 25.77 -31.83 -9.48
CA TYR D 234 24.67 -31.00 -9.03
C TYR D 234 25.16 -29.58 -8.74
N PRO D 235 24.55 -28.58 -9.39
CA PRO D 235 24.89 -27.18 -9.15
C PRO D 235 24.55 -26.76 -7.73
N GLU D 236 25.40 -27.13 -6.77
CA GLU D 236 25.12 -26.88 -5.35
C GLU D 236 25.10 -25.39 -5.03
N TYR D 237 26.08 -24.66 -5.55
CA TYR D 237 26.17 -23.23 -5.30
C TYR D 237 26.16 -22.42 -6.60
N LEU D 238 25.40 -21.33 -6.61
CA LEU D 238 25.41 -20.40 -7.73
C LEU D 238 26.18 -19.14 -7.34
N ILE D 239 27.23 -18.83 -8.09
CA ILE D 239 28.08 -17.71 -7.74
C ILE D 239 27.96 -16.53 -8.70
N THR D 240 27.50 -15.40 -8.17
CA THR D 240 27.47 -14.14 -8.89
C THR D 240 28.65 -13.29 -8.45
N TYR D 241 29.43 -12.80 -9.41
CA TYR D 241 30.68 -12.13 -9.10
C TYR D 241 31.09 -11.11 -10.16
N GLN D 242 32.18 -10.42 -9.89
CA GLN D 242 32.83 -9.55 -10.86
C GLN D 242 34.34 -9.78 -10.80
N ILE D 243 35.06 -9.27 -11.79
CA ILE D 243 36.51 -9.29 -11.75
C ILE D 243 37.03 -7.88 -11.51
N MET D 244 38.15 -7.76 -10.81
CA MET D 244 38.69 -6.45 -10.47
C MET D 244 39.94 -6.11 -11.26
N LYS D 245 40.04 -4.86 -11.69
CA LYS D 245 41.20 -4.39 -12.42
C LYS D 245 42.35 -4.10 -11.46
N PRO D 246 43.53 -4.71 -11.73
CA PRO D 246 44.72 -4.53 -10.89
C PRO D 246 45.16 -3.07 -10.81
N GLU D 247 45.75 -2.69 -9.69
CA GLU D 247 46.21 -1.31 -9.49
C GLU D 247 47.40 -1.00 -10.36
N ALA D 248 47.76 0.28 -10.44
CA ALA D 248 48.91 0.72 -11.24
C ALA D 248 49.88 1.53 -10.40
N GLY E 38 -7.92 -11.93 -8.41
CA GLY E 38 -9.32 -11.85 -8.04
C GLY E 38 -10.25 -11.97 -9.24
N THR E 39 -9.87 -12.81 -10.19
CA THR E 39 -10.65 -13.02 -11.40
C THR E 39 -11.28 -14.41 -11.42
N ILE E 40 -12.58 -14.48 -11.69
CA ILE E 40 -13.27 -15.76 -11.72
C ILE E 40 -13.90 -16.03 -13.08
N LEU E 41 -13.51 -17.14 -13.71
CA LEU E 41 -14.05 -17.51 -15.01
C LEU E 41 -15.24 -18.46 -14.88
N LEU E 42 -16.37 -18.06 -15.44
CA LEU E 42 -17.58 -18.88 -15.39
C LEU E 42 -17.84 -19.60 -16.71
N ASP E 43 -17.90 -20.93 -16.67
CA ASP E 43 -18.22 -21.71 -17.86
C ASP E 43 -19.72 -21.66 -18.16
N LEU E 44 -20.07 -21.59 -19.44
CA LEU E 44 -21.46 -21.52 -19.85
C LEU E 44 -21.97 -22.85 -20.40
N ALA E 45 -23.22 -23.15 -20.11
CA ALA E 45 -23.87 -24.33 -20.68
C ALA E 45 -24.23 -24.07 -22.13
N PRO E 46 -23.88 -25.00 -23.03
CA PRO E 46 -24.11 -24.84 -24.47
C PRO E 46 -25.58 -24.86 -24.87
N GLU E 47 -26.49 -24.77 -23.90
CA GLU E 47 -27.92 -24.85 -24.19
C GLU E 47 -28.74 -23.74 -23.55
N ASP E 48 -28.16 -22.54 -23.47
CA ASP E 48 -28.93 -21.38 -23.01
C ASP E 48 -28.75 -20.20 -23.96
N LYS E 49 -29.58 -19.18 -23.80
CA LYS E 49 -29.66 -18.08 -24.75
C LYS E 49 -28.38 -17.25 -24.86
N GLU E 50 -27.63 -17.15 -23.78
CA GLU E 50 -26.41 -16.33 -23.78
C GLU E 50 -25.32 -16.92 -24.66
N TYR E 51 -24.99 -18.19 -24.39
CA TYR E 51 -24.00 -18.92 -25.17
C TYR E 51 -24.35 -18.90 -26.66
N GLN E 52 -25.61 -19.18 -26.95
CA GLN E 52 -26.10 -19.24 -28.33
C GLN E 52 -26.09 -17.88 -29.01
N SER E 53 -26.39 -16.82 -28.26
CA SER E 53 -26.40 -15.47 -28.81
C SER E 53 -24.98 -14.99 -29.10
N VAL E 54 -24.06 -15.30 -28.19
CA VAL E 54 -22.66 -14.94 -28.38
C VAL E 54 -22.08 -15.68 -29.58
N GLU E 55 -22.30 -16.99 -29.63
CA GLU E 55 -21.80 -17.79 -30.74
C GLU E 55 -22.42 -17.35 -32.07
N GLU E 56 -23.72 -17.11 -32.07
CA GLU E 56 -24.41 -16.67 -33.29
C GLU E 56 -23.88 -15.31 -33.75
N GLU E 57 -23.59 -14.43 -32.79
CA GLU E 57 -23.03 -13.12 -33.10
C GLU E 57 -21.60 -13.27 -33.62
N MET E 58 -20.95 -14.36 -33.25
CA MET E 58 -19.59 -14.63 -33.69
C MET E 58 -19.55 -15.20 -35.10
N GLN E 59 -20.52 -16.04 -35.42
CA GLN E 59 -20.57 -16.71 -36.73
C GLN E 59 -21.22 -15.83 -37.79
N SER E 60 -22.11 -14.94 -37.36
CA SER E 60 -22.84 -14.09 -38.29
C SER E 60 -22.02 -12.87 -38.73
N THR E 61 -20.78 -12.80 -38.25
CA THR E 61 -19.89 -11.69 -38.58
C THR E 61 -18.60 -12.17 -39.22
N ILE E 62 -18.70 -13.28 -39.96
CA ILE E 62 -17.55 -13.83 -40.65
C ILE E 62 -17.55 -13.40 -42.12
N ARG E 63 -16.64 -12.52 -42.48
CA ARG E 63 -16.55 -12.03 -43.85
C ARG E 63 -15.12 -12.08 -44.37
N GLU E 64 -14.98 -12.24 -45.68
CA GLU E 64 -13.66 -12.34 -46.30
C GLU E 64 -12.97 -11.00 -46.41
N HIS E 65 -11.67 -10.98 -46.14
CA HIS E 65 -10.87 -9.78 -46.27
C HIS E 65 -10.03 -9.84 -47.54
N ARG E 66 -9.45 -8.70 -47.91
CA ARG E 66 -8.50 -8.66 -49.01
C ARG E 66 -7.11 -9.00 -48.47
N ASP E 67 -7.07 -9.32 -47.18
CA ASP E 67 -5.87 -9.82 -46.54
C ASP E 67 -5.53 -11.21 -47.07
N GLY E 68 -6.54 -11.92 -47.55
CA GLY E 68 -6.37 -13.22 -48.14
C GLY E 68 -6.23 -14.33 -47.10
N GLY E 69 -6.63 -14.02 -45.88
CA GLY E 69 -6.52 -14.97 -44.78
C GLY E 69 -5.07 -15.16 -44.37
N ASN E 70 -4.26 -14.13 -44.58
CA ASN E 70 -2.86 -14.17 -44.20
C ASN E 70 -2.69 -14.01 -42.69
N ALA E 71 -3.63 -13.29 -42.08
CA ALA E 71 -3.58 -13.04 -40.64
C ALA E 71 -4.40 -14.07 -39.86
N GLY E 72 -5.71 -14.01 -40.02
CA GLY E 72 -6.61 -14.89 -39.29
C GLY E 72 -6.64 -16.32 -39.80
N GLY E 73 -6.36 -16.49 -41.08
CA GLY E 73 -6.36 -17.81 -41.70
C GLY E 73 -7.53 -17.99 -42.65
N ILE E 74 -7.56 -19.16 -43.29
CA ILE E 74 -8.62 -19.51 -44.23
C ILE E 74 -9.65 -20.36 -43.52
N PHE E 75 -10.78 -19.72 -43.27
CA PHE E 75 -11.89 -20.29 -42.52
C PHE E 75 -13.17 -19.49 -42.78
N ASN E 76 -14.29 -20.18 -42.66
CA ASN E 76 -15.57 -19.67 -43.06
C ASN E 76 -16.62 -20.10 -42.06
N ARG E 77 -16.17 -20.67 -40.94
CA ARG E 77 -16.97 -20.89 -39.70
C ARG E 77 -16.06 -21.33 -38.55
N TYR E 78 -16.34 -20.84 -37.34
CA TYR E 78 -15.56 -21.19 -36.16
C TYR E 78 -16.04 -22.48 -35.49
N ASN E 79 -15.17 -23.07 -34.68
CA ASN E 79 -15.52 -24.22 -33.85
C ASN E 79 -15.39 -23.87 -32.38
N VAL E 80 -16.46 -23.36 -31.79
CA VAL E 80 -16.42 -22.88 -30.41
C VAL E 80 -16.34 -24.03 -29.40
N ILE E 81 -15.28 -24.04 -28.61
CA ILE E 81 -15.12 -25.03 -27.56
C ILE E 81 -15.70 -24.54 -26.24
N ARG E 82 -15.34 -23.32 -25.87
CA ARG E 82 -15.70 -22.79 -24.57
C ARG E 82 -16.01 -21.29 -24.61
N ILE E 83 -17.10 -20.89 -23.97
CA ILE E 83 -17.43 -19.48 -23.79
C ILE E 83 -17.54 -19.17 -22.31
N GLN E 84 -16.55 -18.45 -21.79
CA GLN E 84 -16.50 -18.13 -20.37
C GLN E 84 -16.80 -16.66 -20.10
N LYS E 85 -17.34 -16.38 -18.92
CA LYS E 85 -17.60 -15.01 -18.51
C LYS E 85 -16.63 -14.59 -17.41
N VAL E 86 -16.04 -13.40 -17.57
CA VAL E 86 -15.05 -12.90 -16.64
C VAL E 86 -15.70 -12.16 -15.48
N VAL E 87 -15.29 -12.51 -14.26
CA VAL E 87 -15.81 -11.88 -13.06
C VAL E 87 -14.70 -11.17 -12.29
N ASN E 88 -14.85 -9.85 -12.15
CA ASN E 88 -13.90 -9.01 -11.42
C ASN E 88 -14.60 -7.72 -11.01
N LYS E 89 -14.89 -7.60 -9.72
CA LYS E 89 -15.68 -6.48 -9.19
C LYS E 89 -15.07 -5.12 -9.49
N LYS E 90 -13.76 -5.01 -9.30
CA LYS E 90 -13.05 -3.74 -9.43
C LYS E 90 -13.26 -3.07 -10.78
N LEU E 91 -13.05 -3.82 -11.85
CA LEU E 91 -13.07 -3.24 -13.18
C LEU E 91 -14.45 -2.97 -13.75
N ARG E 92 -15.47 -3.66 -13.25
CA ARG E 92 -16.82 -3.32 -13.66
C ARG E 92 -17.33 -2.19 -12.77
N GLU E 93 -16.69 -2.01 -11.61
CA GLU E 93 -16.93 -0.83 -10.80
C GLU E 93 -16.41 0.39 -11.53
N ARG E 94 -15.17 0.30 -12.02
CA ARG E 94 -14.57 1.38 -12.81
C ARG E 94 -15.34 1.60 -14.12
N PHE E 95 -15.74 0.50 -14.74
CA PHE E 95 -16.49 0.54 -15.99
C PHE E 95 -17.82 1.25 -15.82
N CYS E 96 -18.57 0.87 -14.79
CA CYS E 96 -19.85 1.52 -14.50
C CYS E 96 -19.65 2.96 -14.06
N HIS E 97 -18.50 3.24 -13.46
CA HIS E 97 -18.16 4.59 -13.04
C HIS E 97 -18.01 5.52 -14.24
N ARG E 98 -17.13 5.14 -15.17
CA ARG E 98 -16.92 5.95 -16.36
C ARG E 98 -18.15 5.93 -17.28
N GLN E 99 -18.91 4.84 -17.23
CA GLN E 99 -20.15 4.76 -17.98
C GLN E 99 -21.15 5.77 -17.43
N LYS E 100 -21.14 5.93 -16.11
CA LYS E 100 -21.96 6.94 -15.46
C LYS E 100 -21.46 8.33 -15.81
N GLU E 101 -20.15 8.47 -15.99
CA GLU E 101 -19.57 9.74 -16.41
C GLU E 101 -20.05 10.15 -17.80
N VAL E 102 -19.94 9.23 -18.76
CA VAL E 102 -20.36 9.49 -20.13
C VAL E 102 -21.87 9.70 -20.21
N SER E 103 -22.62 8.93 -19.42
CA SER E 103 -24.07 9.07 -19.36
C SER E 103 -24.47 10.44 -18.84
N GLU E 104 -23.64 11.00 -17.96
CA GLU E 104 -23.89 12.33 -17.42
C GLU E 104 -23.30 13.41 -18.31
N GLU E 105 -22.65 12.99 -19.39
CA GLU E 105 -21.98 13.93 -20.29
C GLU E 105 -22.56 13.85 -21.71
N ASN E 106 -23.50 12.94 -21.92
CA ASN E 106 -24.08 12.76 -23.25
C ASN E 106 -25.58 12.47 -23.21
N HIS E 107 -26.32 13.29 -22.47
CA HIS E 107 -27.78 13.21 -22.41
C HIS E 107 -28.29 11.81 -22.09
N ASN E 108 -27.76 11.22 -21.01
CA ASN E 108 -28.15 9.89 -20.56
C ASN E 108 -27.97 8.81 -21.63
N HIS E 109 -27.02 9.03 -22.54
CA HIS E 109 -26.73 8.06 -23.60
C HIS E 109 -25.28 7.60 -23.56
N HIS E 110 -25.06 6.41 -23.01
CA HIS E 110 -23.73 5.83 -22.93
C HIS E 110 -23.41 5.05 -24.20
N ASN E 111 -24.45 4.66 -24.93
CA ASN E 111 -24.33 3.95 -26.20
C ASN E 111 -23.44 2.71 -26.12
N GLU E 112 -23.74 1.83 -25.16
CA GLU E 112 -22.98 0.60 -24.97
C GLU E 112 -23.19 -0.34 -26.15
N ARG E 113 -22.09 -0.91 -26.64
CA ARG E 113 -22.15 -1.83 -27.77
C ARG E 113 -21.27 -3.05 -27.56
N MET E 114 -21.81 -4.23 -27.87
CA MET E 114 -21.06 -5.48 -27.75
C MET E 114 -20.19 -5.71 -28.97
N LEU E 115 -18.87 -5.59 -28.80
CA LEU E 115 -17.93 -5.68 -29.90
C LEU E 115 -16.82 -6.68 -29.64
N PHE E 116 -16.26 -7.24 -30.71
CA PHE E 116 -15.20 -8.25 -30.61
C PHE E 116 -13.83 -7.60 -30.44
N HIS E 117 -12.87 -8.37 -29.92
CA HIS E 117 -11.51 -7.90 -29.74
C HIS E 117 -10.54 -9.07 -29.64
N GLY E 118 -9.48 -9.03 -30.43
CA GLY E 118 -8.47 -10.07 -30.43
C GLY E 118 -7.09 -9.52 -30.11
N SER E 119 -6.34 -10.26 -29.30
CA SER E 119 -5.00 -9.86 -28.88
C SER E 119 -4.26 -11.02 -28.24
N PRO E 120 -2.95 -11.11 -28.47
CA PRO E 120 -2.13 -12.17 -27.87
C PRO E 120 -2.00 -12.05 -26.35
N PHE E 121 -2.51 -10.96 -25.79
CA PHE E 121 -2.42 -10.73 -24.35
C PHE E 121 -3.80 -10.69 -23.70
N ILE E 122 -4.61 -11.71 -23.98
CA ILE E 122 -5.97 -11.78 -23.44
C ILE E 122 -5.98 -11.95 -21.93
N ASN E 123 -5.09 -12.80 -21.43
CA ASN E 123 -5.00 -13.06 -19.99
C ASN E 123 -4.78 -11.78 -19.18
N ALA E 124 -3.93 -10.90 -19.69
CA ALA E 124 -3.67 -9.63 -19.04
C ALA E 124 -4.92 -8.74 -19.04
N ILE E 125 -5.79 -8.95 -20.02
CA ILE E 125 -7.01 -8.17 -20.14
C ILE E 125 -8.13 -8.73 -19.25
N ILE E 126 -8.13 -10.04 -19.04
CA ILE E 126 -9.16 -10.65 -18.20
C ILE E 126 -8.72 -10.61 -16.73
N HIS E 127 -7.44 -10.33 -16.49
CA HIS E 127 -6.93 -10.20 -15.14
C HIS E 127 -6.79 -8.74 -14.73
N LYS E 128 -5.92 -8.01 -15.42
CA LYS E 128 -5.68 -6.61 -15.12
C LYS E 128 -6.70 -5.71 -15.81
N GLY E 129 -6.95 -5.96 -17.08
CA GLY E 129 -7.98 -5.23 -17.81
C GLY E 129 -7.52 -4.48 -19.04
N PHE E 130 -8.47 -3.82 -19.69
CA PHE E 130 -8.15 -2.98 -20.84
C PHE E 130 -7.34 -1.77 -20.41
N ASP E 131 -6.26 -1.51 -21.13
CA ASP E 131 -5.37 -0.42 -20.78
C ASP E 131 -4.96 0.36 -22.03
N GLU E 132 -5.28 1.65 -22.04
CA GLU E 132 -4.97 2.49 -23.20
C GLU E 132 -3.47 2.76 -23.30
N ARG E 133 -2.72 2.30 -22.30
CA ARG E 133 -1.27 2.39 -22.33
C ARG E 133 -0.70 1.33 -23.26
N HIS E 134 -1.36 0.18 -23.31
CA HIS E 134 -1.00 -0.88 -24.24
C HIS E 134 -1.88 -0.81 -25.48
N ALA E 135 -1.99 0.40 -26.04
CA ALA E 135 -2.88 0.62 -27.19
C ALA E 135 -2.17 0.39 -28.52
N TYR E 136 -2.96 0.05 -29.53
CA TYR E 136 -2.46 -0.08 -30.89
C TYR E 136 -2.06 1.29 -31.42
N ILE E 137 -0.77 1.61 -31.33
CA ILE E 137 -0.27 2.92 -31.71
C ILE E 137 -0.22 3.13 -33.22
N GLY E 138 -0.31 2.03 -33.96
CA GLY E 138 -0.22 2.07 -35.41
C GLY E 138 -1.57 1.84 -36.07
N GLY E 139 -2.63 1.97 -35.27
CA GLY E 139 -3.99 1.81 -35.79
C GLY E 139 -4.36 2.93 -36.73
N MET E 140 -5.52 2.78 -37.37
CA MET E 140 -5.99 3.75 -38.35
C MET E 140 -6.33 5.10 -37.71
N PHE E 141 -6.77 5.05 -36.45
CA PHE E 141 -7.25 6.26 -35.79
C PHE E 141 -6.42 6.63 -34.57
N GLY E 142 -5.15 6.25 -34.57
CA GLY E 142 -4.24 6.66 -33.53
C GLY E 142 -4.02 5.66 -32.42
N ALA E 143 -3.31 6.08 -31.38
CA ALA E 143 -2.96 5.22 -30.26
C ALA E 143 -4.15 4.98 -29.35
N GLY E 144 -4.99 4.02 -29.71
CA GLY E 144 -6.16 3.70 -28.92
C GLY E 144 -6.45 2.21 -28.88
N ILE E 145 -7.49 1.84 -28.16
CA ILE E 145 -7.95 0.45 -28.11
C ILE E 145 -9.00 0.23 -29.20
N TYR E 146 -8.72 -0.72 -30.09
CA TYR E 146 -9.56 -0.96 -31.26
C TYR E 146 -10.45 -2.18 -31.08
N PHE E 147 -11.65 -2.10 -31.65
CA PHE E 147 -12.62 -3.19 -31.61
C PHE E 147 -13.26 -3.38 -32.98
N ALA E 148 -13.68 -4.60 -33.26
CA ALA E 148 -14.32 -4.90 -34.54
C ALA E 148 -15.68 -5.54 -34.34
N GLU E 149 -16.66 -5.09 -35.12
CA GLU E 149 -17.99 -5.68 -35.08
C GLU E 149 -17.99 -7.02 -35.80
N ASN E 150 -16.91 -7.28 -36.54
CA ASN E 150 -16.72 -8.55 -37.23
C ASN E 150 -15.67 -9.39 -36.54
N SER E 151 -16.04 -10.61 -36.14
CA SER E 151 -15.15 -11.49 -35.41
C SER E 151 -13.91 -11.89 -36.22
N SER E 152 -14.01 -11.75 -37.53
CA SER E 152 -12.91 -12.08 -38.43
C SER E 152 -11.75 -11.10 -38.28
N LYS E 153 -12.07 -9.82 -38.34
CA LYS E 153 -11.08 -8.76 -38.21
C LYS E 153 -10.41 -8.82 -36.84
N SER E 154 -11.18 -9.21 -35.82
CA SER E 154 -10.63 -9.40 -34.49
C SER E 154 -9.77 -10.66 -34.45
N ASN E 155 -10.11 -11.63 -35.28
CA ASN E 155 -9.31 -12.85 -35.38
C ASN E 155 -7.99 -12.57 -36.08
N GLN E 156 -7.95 -11.50 -36.87
CA GLN E 156 -6.72 -11.09 -37.55
C GLN E 156 -5.64 -10.62 -36.58
N TYR E 157 -6.03 -10.33 -35.34
CA TYR E 157 -5.09 -9.81 -34.35
C TYR E 157 -4.92 -10.73 -33.15
N VAL E 158 -5.46 -11.94 -33.23
CA VAL E 158 -5.39 -12.89 -32.13
C VAL E 158 -3.95 -13.29 -31.82
N TYR E 159 -3.22 -13.71 -32.85
CA TYR E 159 -1.83 -14.14 -32.68
C TYR E 159 -0.86 -12.97 -32.88
N GLY E 160 -1.37 -11.75 -32.79
CA GLY E 160 -0.54 -10.57 -32.94
C GLY E 160 -0.90 -9.75 -34.16
N ILE E 161 -0.18 -8.65 -34.37
CA ILE E 161 -0.41 -7.79 -35.52
C ILE E 161 -0.09 -8.50 -36.83
N GLY E 162 -1.12 -8.74 -37.64
CA GLY E 162 -0.96 -9.42 -38.91
C GLY E 162 -0.84 -10.92 -38.77
N GLY E 163 -1.21 -11.43 -37.61
CA GLY E 163 -1.15 -12.86 -37.35
C GLY E 163 0.15 -13.28 -36.68
N GLY E 164 1.14 -12.39 -36.70
CA GLY E 164 2.42 -12.66 -36.08
C GLY E 164 3.12 -13.88 -36.64
N THR E 165 3.53 -14.78 -35.74
CA THR E 165 4.16 -16.03 -36.15
C THR E 165 3.15 -17.17 -36.18
N GLY E 166 1.90 -16.85 -35.84
CA GLY E 166 0.83 -17.83 -35.82
C GLY E 166 0.66 -18.51 -34.48
N CYS E 167 0.20 -19.75 -34.50
CA CYS E 167 0.01 -20.53 -33.29
C CYS E 167 1.34 -20.74 -32.55
N PRO E 168 1.27 -20.86 -31.22
CA PRO E 168 2.49 -21.03 -30.43
C PRO E 168 3.15 -22.39 -30.63
N THR E 169 2.40 -23.35 -31.14
CA THR E 169 2.90 -24.72 -31.28
C THR E 169 3.47 -25.00 -32.66
N HIS E 170 2.62 -24.92 -33.69
CA HIS E 170 3.02 -25.30 -35.04
C HIS E 170 3.48 -24.09 -35.85
N LYS E 171 3.40 -22.91 -35.24
CA LYS E 171 3.79 -21.65 -35.89
C LYS E 171 3.05 -21.45 -37.21
N ASP E 172 1.73 -21.59 -37.17
CA ASP E 172 0.89 -21.42 -38.35
C ASP E 172 -0.18 -20.37 -38.08
N ARG E 173 -0.28 -19.39 -38.97
CA ARG E 173 -1.29 -18.34 -38.82
C ARG E 173 -2.67 -18.84 -39.22
N SER E 174 -2.72 -20.05 -39.78
CA SER E 174 -3.98 -20.67 -40.14
C SER E 174 -4.07 -22.07 -39.55
N CYS E 175 -3.78 -22.18 -38.25
CA CYS E 175 -3.83 -23.46 -37.57
C CYS E 175 -5.27 -23.87 -37.25
N TYR E 176 -5.61 -25.10 -37.59
CA TYR E 176 -6.94 -25.63 -37.32
C TYR E 176 -6.94 -26.60 -36.15
N ILE E 177 -5.83 -26.63 -35.41
CA ILE E 177 -5.68 -27.54 -34.28
C ILE E 177 -5.67 -26.80 -32.96
N CYS E 178 -4.76 -25.83 -32.83
CA CYS E 178 -4.59 -25.09 -31.58
C CYS E 178 -5.83 -24.25 -31.25
N HIS E 179 -6.15 -24.17 -29.96
CA HIS E 179 -7.28 -23.39 -29.50
C HIS E 179 -6.97 -21.90 -29.48
N ARG E 180 -7.64 -21.15 -30.34
CA ARG E 180 -7.52 -19.69 -30.34
C ARG E 180 -8.49 -19.09 -29.33
N GLN E 181 -8.23 -17.86 -28.91
CA GLN E 181 -9.13 -17.18 -27.98
C GLN E 181 -9.42 -15.75 -28.43
N MET E 182 -10.63 -15.29 -28.13
CA MET E 182 -11.05 -13.95 -28.52
C MET E 182 -12.07 -13.40 -27.52
N LEU E 183 -12.10 -12.08 -27.37
CA LEU E 183 -12.97 -11.46 -26.38
C LEU E 183 -14.22 -10.83 -27.00
N PHE E 184 -15.36 -11.06 -26.37
CA PHE E 184 -16.60 -10.38 -26.74
C PHE E 184 -16.94 -9.39 -25.63
N CYS E 185 -16.58 -8.13 -25.84
CA CYS E 185 -16.60 -7.13 -24.77
C CYS E 185 -17.76 -6.15 -24.88
N ARG E 186 -18.11 -5.56 -23.74
CA ARG E 186 -19.07 -4.46 -23.70
C ARG E 186 -18.31 -3.14 -23.74
N VAL E 187 -18.53 -2.35 -24.79
CA VAL E 187 -17.78 -1.12 -24.99
C VAL E 187 -18.66 0.12 -24.85
N THR E 188 -18.25 1.02 -23.96
CA THR E 188 -18.96 2.28 -23.78
C THR E 188 -18.43 3.32 -24.77
N LEU E 189 -19.20 3.58 -25.83
CA LEU E 189 -18.78 4.48 -26.89
C LEU E 189 -19.22 5.92 -26.63
N GLY E 190 -20.43 6.09 -26.11
CA GLY E 190 -20.98 7.41 -25.88
C GLY E 190 -21.19 8.15 -27.18
N LYS E 191 -20.87 9.43 -27.19
CA LYS E 191 -20.96 10.22 -28.41
C LYS E 191 -19.76 9.94 -29.29
N SER E 192 -19.95 9.13 -30.32
CA SER E 192 -18.86 8.70 -31.18
C SER E 192 -18.55 9.71 -32.28
N PHE E 193 -17.35 9.61 -32.84
CA PHE E 193 -16.91 10.50 -33.90
C PHE E 193 -16.69 9.72 -35.19
N LEU E 194 -17.59 9.91 -36.15
CA LEU E 194 -17.57 9.13 -37.39
C LEU E 194 -16.56 9.67 -38.40
N GLN E 195 -15.61 8.82 -38.78
CA GLN E 195 -14.63 9.17 -39.80
C GLN E 195 -14.51 8.06 -40.83
N PHE E 196 -14.06 8.41 -42.03
CA PHE E 196 -13.94 7.45 -43.12
C PHE E 196 -12.48 7.22 -43.51
N SER E 197 -11.67 8.27 -43.37
CA SER E 197 -10.25 8.18 -43.71
C SER E 197 -9.39 7.94 -42.48
N THR E 198 -8.07 7.93 -42.68
CA THR E 198 -7.14 7.70 -41.59
C THR E 198 -6.74 9.00 -40.89
N ILE E 199 -7.17 9.14 -39.65
CA ILE E 199 -6.82 10.31 -38.85
C ILE E 199 -6.28 9.87 -37.49
N LYS E 200 -4.96 10.00 -37.31
CA LYS E 200 -4.31 9.57 -36.09
C LYS E 200 -4.58 10.54 -34.94
N MET E 201 -4.86 9.97 -33.76
CA MET E 201 -5.15 10.78 -32.59
C MET E 201 -4.55 10.18 -31.32
N ALA E 202 -4.65 10.90 -30.22
CA ALA E 202 -4.20 10.41 -28.93
C ALA E 202 -5.37 10.28 -27.99
N HIS E 203 -6.36 11.14 -28.16
CA HIS E 203 -7.59 11.10 -27.37
C HIS E 203 -8.81 11.26 -28.26
N ALA E 204 -9.98 11.02 -27.69
CA ALA E 204 -11.24 11.26 -28.41
C ALA E 204 -11.41 12.74 -28.65
N PRO E 205 -12.08 13.11 -29.76
CA PRO E 205 -12.35 14.51 -30.08
C PRO E 205 -13.12 15.22 -28.95
N PRO E 206 -12.92 16.55 -28.81
CA PRO E 206 -13.59 17.34 -27.78
C PRO E 206 -15.11 17.22 -27.84
N GLY E 207 -15.72 16.73 -26.77
CA GLY E 207 -17.15 16.54 -26.72
C GLY E 207 -17.54 15.13 -27.07
N HIS E 208 -16.57 14.34 -27.49
CA HIS E 208 -16.81 12.94 -27.87
C HIS E 208 -16.15 12.00 -26.88
N HIS E 209 -16.37 10.69 -27.07
CA HIS E 209 -15.82 9.69 -26.16
C HIS E 209 -15.21 8.51 -26.92
N SER E 210 -15.56 8.40 -28.20
CA SER E 210 -15.05 7.30 -29.02
C SER E 210 -14.94 7.71 -30.49
N VAL E 211 -14.34 6.84 -31.30
CA VAL E 211 -14.18 7.10 -32.72
C VAL E 211 -14.64 5.91 -33.55
N ILE E 212 -15.50 6.16 -34.53
CA ILE E 212 -16.00 5.09 -35.38
C ILE E 212 -15.50 5.20 -36.82
N GLY E 213 -14.87 4.14 -37.31
CA GLY E 213 -14.44 4.08 -38.69
C GLY E 213 -15.39 3.25 -39.51
N ARG E 214 -16.02 3.88 -40.50
CA ARG E 214 -17.05 3.23 -41.31
C ARG E 214 -16.65 3.15 -42.78
N PRO E 215 -17.03 2.04 -43.44
CA PRO E 215 -16.84 1.83 -44.88
C PRO E 215 -17.48 2.93 -45.72
N SER E 216 -16.97 3.17 -46.93
CA SER E 216 -15.83 2.45 -47.47
C SER E 216 -14.80 3.40 -48.07
N LEU E 220 -12.46 1.46 -44.13
CA LEU E 220 -12.39 1.19 -45.57
C LEU E 220 -13.11 -0.11 -45.91
N ALA E 221 -12.72 -1.19 -45.23
CA ALA E 221 -13.32 -2.50 -45.47
C ALA E 221 -14.50 -2.74 -44.54
N TYR E 222 -14.21 -2.89 -43.24
CA TYR E 222 -15.25 -3.12 -42.24
C TYR E 222 -15.15 -2.09 -41.12
N ALA E 223 -16.16 -2.05 -40.27
CA ALA E 223 -16.25 -1.04 -39.22
C ALA E 223 -15.23 -1.26 -38.11
N GLU E 224 -14.64 -0.16 -37.63
CA GLU E 224 -13.74 -0.21 -36.48
C GLU E 224 -14.23 0.72 -35.39
N TYR E 225 -13.94 0.38 -34.14
CA TYR E 225 -14.40 1.17 -33.00
C TYR E 225 -13.27 1.43 -32.00
N VAL E 226 -12.82 2.67 -31.96
CA VAL E 226 -11.68 3.05 -31.13
C VAL E 226 -12.10 3.79 -29.86
N ILE E 227 -11.57 3.34 -28.72
CA ILE E 227 -11.74 4.05 -27.46
C ILE E 227 -10.38 4.30 -26.82
N TYR E 228 -10.22 5.47 -26.21
CA TYR E 228 -8.91 5.87 -25.72
C TYR E 228 -8.83 5.86 -24.19
N ARG E 229 -9.74 5.12 -23.56
CA ARG E 229 -9.72 4.92 -22.12
C ARG E 229 -10.06 3.47 -21.79
N GLY E 230 -9.17 2.81 -21.07
CA GLY E 230 -9.29 1.40 -20.78
C GLY E 230 -10.54 0.97 -20.05
N GLU E 231 -11.10 1.88 -19.26
CA GLU E 231 -12.28 1.55 -18.47
C GLU E 231 -13.57 1.85 -19.23
N GLN E 232 -13.46 1.98 -20.55
CA GLN E 232 -14.64 2.12 -21.41
C GLN E 232 -15.04 0.77 -21.98
N ALA E 233 -14.21 -0.24 -21.72
CA ALA E 233 -14.47 -1.59 -22.21
C ALA E 233 -14.30 -2.63 -21.10
N TYR E 234 -15.16 -3.64 -21.11
CA TYR E 234 -15.08 -4.72 -20.13
C TYR E 234 -15.16 -6.07 -20.83
N PRO E 235 -14.11 -6.89 -20.67
CA PRO E 235 -14.07 -8.24 -21.25
C PRO E 235 -15.20 -9.11 -20.72
N GLU E 236 -16.39 -8.94 -21.28
CA GLU E 236 -17.59 -9.63 -20.81
C GLU E 236 -17.50 -11.13 -21.06
N TYR E 237 -17.27 -11.52 -22.30
CA TYR E 237 -17.23 -12.93 -22.66
C TYR E 237 -15.85 -13.37 -23.14
N LEU E 238 -15.36 -14.48 -22.60
CA LEU E 238 -14.11 -15.07 -23.05
C LEU E 238 -14.40 -16.28 -23.94
N ILE E 239 -14.09 -16.14 -25.23
CA ILE E 239 -14.41 -17.18 -26.20
C ILE E 239 -13.19 -18.03 -26.59
N THR E 240 -13.24 -19.31 -26.26
CA THR E 240 -12.24 -20.26 -26.70
C THR E 240 -12.79 -21.04 -27.89
N TYR E 241 -12.05 -21.03 -29.00
CA TYR E 241 -12.56 -21.58 -30.23
C TYR E 241 -11.47 -22.15 -31.14
N GLN E 242 -11.90 -22.60 -32.32
CA GLN E 242 -10.99 -23.00 -33.38
C GLN E 242 -11.53 -22.45 -34.70
N ILE E 243 -10.82 -22.71 -35.79
CA ILE E 243 -11.31 -22.35 -37.11
C ILE E 243 -11.55 -23.62 -37.93
N MET E 244 -12.61 -23.61 -38.73
CA MET E 244 -12.94 -24.79 -39.53
C MET E 244 -12.50 -24.62 -40.98
N LYS E 245 -11.73 -25.59 -41.47
CA LYS E 245 -11.25 -25.57 -42.84
C LYS E 245 -12.38 -25.91 -43.82
N PRO E 246 -12.44 -25.18 -44.95
CA PRO E 246 -13.41 -25.45 -46.00
C PRO E 246 -13.29 -26.87 -46.56
N GLU E 247 -14.35 -27.36 -47.18
CA GLU E 247 -14.36 -28.72 -47.72
C GLU E 247 -13.81 -28.78 -49.13
N GLY F 38 29.39 18.76 15.07
CA GLY F 38 28.97 17.40 14.79
C GLY F 38 28.14 17.28 13.53
N THR F 39 28.44 16.28 12.71
CA THR F 39 27.73 16.06 11.46
C THR F 39 27.16 14.64 11.38
N ILE F 40 25.87 14.54 11.06
CA ILE F 40 25.22 13.25 10.92
C ILE F 40 24.72 13.03 9.49
N LEU F 41 25.05 11.87 8.93
CA LEU F 41 24.62 11.52 7.58
C LEU F 41 23.41 10.60 7.61
N LEU F 42 22.24 11.13 7.26
CA LEU F 42 21.01 10.36 7.29
C LEU F 42 20.74 9.68 5.95
N ASP F 43 20.82 8.35 5.94
CA ASP F 43 20.63 7.57 4.73
C ASP F 43 19.17 7.61 4.26
N LEU F 44 18.94 8.18 3.08
CA LEU F 44 17.61 8.23 2.51
C LEU F 44 17.20 6.88 1.94
N ALA F 45 15.96 6.47 2.19
CA ALA F 45 15.44 5.23 1.64
C ALA F 45 15.19 5.39 0.14
N PRO F 46 15.54 4.36 -0.65
CA PRO F 46 15.38 4.40 -2.10
C PRO F 46 13.92 4.33 -2.56
N GLU F 47 12.99 4.60 -1.67
CA GLU F 47 11.57 4.47 -1.99
C GLU F 47 10.82 5.80 -1.85
N ASP F 48 11.31 6.67 -0.99
CA ASP F 48 10.65 7.95 -0.74
C ASP F 48 10.83 8.91 -1.92
N LYS F 49 10.12 10.03 -1.86
CA LYS F 49 10.12 10.99 -2.96
C LYS F 49 11.45 11.72 -3.10
N GLU F 50 12.05 12.09 -1.97
CA GLU F 50 13.31 12.85 -1.95
C GLU F 50 14.42 12.18 -2.75
N TYR F 51 14.73 10.94 -2.40
CA TYR F 51 15.79 10.16 -3.03
C TYR F 51 15.64 10.12 -4.55
N GLN F 52 14.48 9.66 -5.00
CA GLN F 52 14.23 9.47 -6.42
C GLN F 52 14.03 10.80 -7.15
N SER F 53 13.85 11.88 -6.40
CA SER F 53 13.78 13.22 -7.00
C SER F 53 15.18 13.75 -7.26
N VAL F 54 16.04 13.64 -6.25
CA VAL F 54 17.43 14.01 -6.39
C VAL F 54 18.07 13.20 -7.52
N GLU F 55 17.80 11.89 -7.52
CA GLU F 55 18.28 11.04 -8.59
C GLU F 55 17.62 11.38 -9.92
N GLU F 56 16.36 11.83 -9.86
CA GLU F 56 15.64 12.23 -11.06
C GLU F 56 16.38 13.36 -11.77
N GLU F 57 16.66 14.43 -11.05
CA GLU F 57 17.33 15.57 -11.66
C GLU F 57 18.79 15.27 -11.96
N MET F 58 19.43 14.44 -11.13
CA MET F 58 20.82 14.07 -11.38
C MET F 58 20.94 13.29 -12.69
N GLN F 59 19.94 12.46 -12.97
CA GLN F 59 19.93 11.66 -14.19
C GLN F 59 19.45 12.46 -15.39
N SER F 60 18.63 13.48 -15.13
CA SER F 60 18.04 14.26 -16.23
C SER F 60 18.89 15.48 -16.60
N THR F 61 19.86 15.82 -15.75
CA THR F 61 20.75 16.94 -16.03
C THR F 61 22.12 16.47 -16.50
N ILE F 62 22.15 15.30 -17.14
CA ILE F 62 23.39 14.80 -17.74
C ILE F 62 23.52 15.34 -19.15
N ARG F 63 24.68 15.92 -19.46
CA ARG F 63 24.88 16.55 -20.76
C ARG F 63 26.16 16.07 -21.43
N GLU F 64 26.17 16.11 -22.77
CA GLU F 64 27.35 15.78 -23.55
C GLU F 64 28.24 17.01 -23.70
N HIS F 65 29.33 17.04 -22.95
CA HIS F 65 30.22 18.20 -22.96
C HIS F 65 31.18 18.17 -24.14
N ARG F 66 31.67 19.34 -24.53
CA ARG F 66 32.59 19.47 -25.66
C ARG F 66 33.99 19.02 -25.29
N ASP F 67 34.18 18.68 -24.02
CA ASP F 67 35.42 18.07 -23.56
C ASP F 67 35.68 16.79 -24.33
N GLY F 68 34.65 15.97 -24.46
CA GLY F 68 34.77 14.69 -25.11
C GLY F 68 34.69 13.56 -24.09
N GLY F 69 34.76 13.94 -22.82
CA GLY F 69 34.69 12.97 -21.74
C GLY F 69 36.07 12.61 -21.20
N ASN F 70 37.00 13.57 -21.28
CA ASN F 70 38.34 13.35 -20.74
C ASN F 70 38.39 13.73 -19.27
N ALA F 71 37.45 14.57 -18.84
CA ALA F 71 37.39 15.02 -17.46
C ALA F 71 36.37 14.21 -16.66
N GLY F 72 35.15 14.12 -17.17
CA GLY F 72 34.07 13.44 -16.47
C GLY F 72 33.89 12.00 -16.91
N GLY F 73 34.56 11.61 -17.99
CA GLY F 73 34.45 10.26 -18.51
C GLY F 73 33.36 10.13 -19.53
N ILE F 74 33.17 8.91 -20.05
CA ILE F 74 32.13 8.66 -21.04
C ILE F 74 30.97 7.87 -20.43
N PHE F 75 29.79 8.49 -20.40
CA PHE F 75 28.61 7.85 -19.85
C PHE F 75 27.33 8.54 -20.31
N ASN F 76 26.22 7.82 -20.24
CA ASN F 76 24.92 8.38 -20.59
C ASN F 76 23.96 8.33 -19.41
N ARG F 77 24.39 7.69 -18.34
CA ARG F 77 23.58 7.55 -17.13
C ARG F 77 24.44 7.18 -15.92
N TYR F 78 23.93 7.49 -14.73
CA TYR F 78 24.65 7.17 -13.49
C TYR F 78 24.15 5.87 -12.87
N ASN F 79 24.92 5.36 -11.92
CA ASN F 79 24.51 4.23 -11.10
C ASN F 79 24.56 4.63 -9.63
N VAL F 80 23.51 5.30 -9.17
CA VAL F 80 23.47 5.80 -7.79
C VAL F 80 23.38 4.67 -6.79
N ILE F 81 24.35 4.63 -5.87
CA ILE F 81 24.36 3.62 -4.82
C ILE F 81 23.49 4.05 -3.63
N ARG F 82 23.83 5.19 -3.05
CA ARG F 82 23.10 5.70 -1.90
C ARG F 82 23.18 7.22 -1.79
N ILE F 83 22.04 7.85 -1.52
CA ILE F 83 22.00 9.29 -1.30
C ILE F 83 21.81 9.59 0.18
N GLN F 84 22.75 10.34 0.73
CA GLN F 84 22.73 10.65 2.17
C GLN F 84 22.49 12.13 2.41
N LYS F 85 21.51 12.44 3.26
CA LYS F 85 21.21 13.82 3.64
C LYS F 85 22.12 14.24 4.78
N VAL F 86 22.98 15.22 4.52
CA VAL F 86 23.95 15.69 5.50
C VAL F 86 23.34 16.73 6.44
N VAL F 87 23.43 16.48 7.73
CA VAL F 87 22.88 17.40 8.72
C VAL F 87 23.94 17.88 9.72
N ASN F 88 24.11 19.19 9.81
CA ASN F 88 25.03 19.79 10.77
C ASN F 88 24.42 21.07 11.34
N LYS F 89 24.48 21.22 12.66
CA LYS F 89 23.84 22.35 13.33
C LYS F 89 24.56 23.67 13.06
N LYS F 90 25.89 23.64 13.03
CA LYS F 90 26.69 24.83 12.79
C LYS F 90 26.46 25.37 11.38
N LEU F 91 26.56 24.48 10.40
CA LEU F 91 26.37 24.83 9.01
C LEU F 91 24.95 25.35 8.78
N ARG F 92 23.99 24.76 9.48
CA ARG F 92 22.61 25.23 9.44
C ARG F 92 22.49 26.64 10.00
N GLU F 93 23.16 26.89 11.12
CA GLU F 93 23.13 28.20 11.76
C GLU F 93 23.70 29.28 10.85
N ARG F 94 24.88 29.01 10.28
CA ARG F 94 25.53 29.96 9.39
C ARG F 94 24.69 30.20 8.12
N PHE F 95 24.23 29.10 7.52
CA PHE F 95 23.44 29.15 6.29
C PHE F 95 22.14 29.94 6.50
N CYS F 96 21.51 29.76 7.65
CA CYS F 96 20.25 30.43 7.94
C CYS F 96 20.44 31.88 8.36
N HIS F 97 21.59 32.18 8.96
CA HIS F 97 21.92 33.54 9.31
C HIS F 97 22.16 34.36 8.05
N ARG F 98 23.02 33.84 7.18
CA ARG F 98 23.27 34.47 5.89
C ARG F 98 21.98 34.52 5.06
N GLN F 99 21.16 33.50 5.22
CA GLN F 99 19.84 33.47 4.58
C GLN F 99 19.01 34.67 5.01
N LYS F 100 18.96 34.89 6.33
CA LYS F 100 18.24 36.02 6.90
C LYS F 100 18.78 37.34 6.36
N GLU F 101 20.10 37.45 6.27
CA GLU F 101 20.73 38.67 5.75
C GLU F 101 20.33 38.94 4.30
N VAL F 102 20.61 37.98 3.42
CA VAL F 102 20.33 38.12 2.00
C VAL F 102 18.85 38.39 1.73
N SER F 103 17.99 37.62 2.39
CA SER F 103 16.55 37.80 2.24
C SER F 103 16.13 39.18 2.72
N GLU F 104 16.74 39.65 3.80
CA GLU F 104 16.43 40.96 4.35
C GLU F 104 16.78 42.09 3.38
N GLU F 105 18.00 42.04 2.83
CA GLU F 105 18.45 43.12 1.96
C GLU F 105 17.73 43.14 0.61
N ASN F 106 17.76 42.02 -0.10
CA ASN F 106 17.21 41.97 -1.44
C ASN F 106 15.79 41.44 -1.52
N HIS F 107 14.81 42.36 -1.45
CA HIS F 107 13.40 42.07 -1.68
C HIS F 107 12.92 40.78 -1.02
N ASN F 108 12.51 40.89 0.24
CA ASN F 108 12.21 39.74 1.11
C ASN F 108 11.73 38.43 0.46
N HIS F 109 12.52 37.91 -0.46
CA HIS F 109 12.34 36.56 -0.98
C HIS F 109 13.72 36.02 -1.38
N HIS F 110 14.05 34.84 -0.88
CA HIS F 110 15.41 34.32 -0.93
C HIS F 110 15.89 33.93 -2.32
N ASN F 111 15.00 33.28 -3.08
CA ASN F 111 15.34 32.71 -4.38
C ASN F 111 16.47 31.69 -4.27
N GLU F 112 16.31 30.74 -3.34
CA GLU F 112 17.23 29.62 -3.18
C GLU F 112 17.22 28.74 -4.42
N ARG F 113 18.32 28.03 -4.68
CA ARG F 113 18.33 27.10 -5.80
C ARG F 113 19.22 25.89 -5.55
N MET F 114 18.68 24.71 -5.85
CA MET F 114 19.41 23.45 -5.70
C MET F 114 20.42 23.28 -6.81
N LEU F 115 21.69 23.15 -6.45
CA LEU F 115 22.76 23.05 -7.44
C LEU F 115 23.79 21.99 -7.08
N PHE F 116 24.39 21.38 -8.09
CA PHE F 116 25.40 20.34 -7.88
C PHE F 116 26.78 20.93 -7.66
N HIS F 117 27.61 20.22 -6.89
CA HIS F 117 28.98 20.64 -6.65
C HIS F 117 29.92 19.43 -6.56
N GLY F 118 30.94 19.42 -7.42
CA GLY F 118 31.90 18.34 -7.44
C GLY F 118 33.26 18.78 -6.93
N SER F 119 33.74 18.11 -5.88
CA SER F 119 35.03 18.42 -5.30
C SER F 119 35.66 17.19 -4.66
N PRO F 120 36.98 17.01 -4.84
CA PRO F 120 37.71 15.89 -4.25
C PRO F 120 37.85 16.01 -2.75
N PHE F 121 37.34 17.11 -2.18
CA PHE F 121 37.39 17.32 -0.74
C PHE F 121 35.99 17.40 -0.14
N ILE F 122 35.05 16.68 -0.76
CA ILE F 122 33.67 16.66 -0.29
C ILE F 122 33.58 16.13 1.14
N ASN F 123 34.49 15.23 1.49
CA ASN F 123 34.56 14.68 2.84
C ASN F 123 34.90 15.76 3.86
N ALA F 124 35.54 16.83 3.40
CA ALA F 124 35.87 17.97 4.25
C ALA F 124 34.76 19.01 4.22
N ILE F 125 34.03 19.05 3.10
CA ILE F 125 32.94 20.00 2.93
C ILE F 125 31.74 19.59 3.79
N ILE F 126 31.50 18.29 3.92
CA ILE F 126 30.37 17.81 4.71
C ILE F 126 30.66 17.89 6.21
N HIS F 127 31.86 18.32 6.57
CA HIS F 127 32.24 18.45 7.97
C HIS F 127 32.46 19.91 8.39
N LYS F 128 33.24 20.64 7.60
CA LYS F 128 33.57 22.02 7.94
C LYS F 128 32.79 23.03 7.11
N GLY F 129 32.02 22.54 6.15
CA GLY F 129 31.22 23.42 5.31
C GLY F 129 32.02 24.05 4.19
N PHE F 130 31.34 24.81 3.34
CA PHE F 130 31.99 25.50 2.24
C PHE F 130 32.86 26.65 2.75
N ASP F 131 33.92 26.95 2.02
CA ASP F 131 34.84 28.01 2.40
C ASP F 131 35.32 28.78 1.18
N GLU F 132 35.13 30.09 1.20
CA GLU F 132 35.48 30.94 0.06
C GLU F 132 36.99 31.16 -0.04
N ARG F 133 37.73 30.57 0.90
CA ARG F 133 39.18 30.68 0.89
C ARG F 133 39.79 29.57 0.03
N HIS F 134 39.10 28.45 -0.05
CA HIS F 134 39.50 27.36 -0.94
C HIS F 134 38.69 27.45 -2.24
N ALA F 135 38.52 28.67 -2.72
CA ALA F 135 37.70 28.94 -3.89
C ALA F 135 38.42 28.58 -5.18
N TYR F 136 37.65 28.24 -6.20
CA TYR F 136 38.20 27.94 -7.52
C TYR F 136 38.69 29.24 -8.18
N ILE F 137 39.94 29.59 -7.88
CA ILE F 137 40.52 30.86 -8.32
C ILE F 137 40.57 30.99 -9.84
N GLY F 138 40.85 29.87 -10.52
CA GLY F 138 40.93 29.86 -11.96
C GLY F 138 39.58 29.80 -12.65
N GLY F 139 38.58 30.44 -12.05
CA GLY F 139 37.23 30.43 -12.59
C GLY F 139 37.02 31.45 -13.69
N MET F 140 35.91 31.31 -14.40
CA MET F 140 35.58 32.22 -15.49
C MET F 140 34.98 33.52 -14.97
N PHE F 141 34.51 33.49 -13.73
CA PHE F 141 33.87 34.66 -13.13
C PHE F 141 34.55 35.09 -11.84
N GLY F 142 35.80 34.68 -11.67
CA GLY F 142 36.58 35.11 -10.52
C GLY F 142 36.86 33.99 -9.53
N ALA F 143 37.50 34.36 -8.41
CA ALA F 143 37.86 33.40 -7.39
C ALA F 143 36.73 33.20 -6.38
N GLY F 144 35.81 32.29 -6.71
CA GLY F 144 34.69 32.00 -5.84
C GLY F 144 34.34 30.52 -5.85
N ILE F 145 33.23 30.19 -5.17
CA ILE F 145 32.70 28.83 -5.17
C ILE F 145 31.74 28.65 -6.33
N TYR F 146 31.96 27.61 -7.12
CA TYR F 146 31.21 27.38 -8.35
C TYR F 146 30.25 26.19 -8.24
N PHE F 147 29.08 26.33 -8.86
CA PHE F 147 28.07 25.29 -8.86
C PHE F 147 27.48 25.11 -10.26
N ALA F 148 26.99 23.92 -10.54
CA ALA F 148 26.40 23.62 -11.84
C ALA F 148 25.02 23.01 -11.68
N GLU F 149 24.11 23.37 -12.58
CA GLU F 149 22.78 22.79 -12.60
C GLU F 149 22.79 21.46 -13.34
N ASN F 150 23.93 21.15 -13.95
CA ASN F 150 24.12 19.89 -14.65
C ASN F 150 25.05 18.96 -13.88
N SER F 151 24.60 17.73 -13.69
CA SER F 151 25.33 16.75 -12.87
C SER F 151 26.70 16.41 -13.43
N SER F 152 26.79 16.24 -14.75
CA SER F 152 28.04 15.87 -15.40
C SER F 152 29.09 16.96 -15.31
N LYS F 153 28.64 18.22 -15.36
CA LYS F 153 29.54 19.36 -15.26
C LYS F 153 30.23 19.38 -13.90
N SER F 154 29.50 18.98 -12.87
CA SER F 154 30.07 18.85 -11.53
C SER F 154 30.85 17.54 -11.42
N ASN F 155 30.53 16.59 -12.29
CA ASN F 155 31.25 15.33 -12.33
C ASN F 155 32.62 15.50 -12.99
N GLN F 156 32.80 16.63 -13.68
CA GLN F 156 34.09 16.97 -14.27
C GLN F 156 35.12 17.34 -13.21
N TYR F 157 34.64 17.75 -12.04
CA TYR F 157 35.53 18.27 -10.99
C TYR F 157 35.61 17.36 -9.77
N VAL F 158 35.09 16.14 -9.89
CA VAL F 158 35.10 15.20 -8.78
C VAL F 158 36.52 14.78 -8.41
N TYR F 159 37.30 14.38 -9.39
CA TYR F 159 38.67 13.94 -9.17
C TYR F 159 39.66 15.09 -9.32
N GLY F 160 39.16 16.32 -9.27
CA GLY F 160 40.00 17.49 -9.39
C GLY F 160 39.71 18.32 -10.62
N ILE F 161 40.52 19.34 -10.85
CA ILE F 161 40.36 20.23 -11.99
C ILE F 161 40.61 19.51 -13.31
N GLY F 162 39.60 19.47 -14.17
CA GLY F 162 39.72 18.84 -15.47
C GLY F 162 39.86 17.32 -15.35
N GLY F 163 39.23 16.75 -14.33
CA GLY F 163 39.29 15.31 -14.12
C GLY F 163 40.51 14.89 -13.33
N GLY F 164 41.51 15.76 -13.28
CA GLY F 164 42.73 15.50 -12.55
C GLY F 164 43.47 14.27 -13.05
N THR F 165 43.90 13.43 -12.12
CA THR F 165 44.57 12.18 -12.47
C THR F 165 43.59 11.02 -12.42
N GLY F 166 42.31 11.35 -12.21
CA GLY F 166 41.27 10.35 -12.16
C GLY F 166 41.20 9.64 -10.82
N CYS F 167 40.71 8.41 -10.83
CA CYS F 167 40.60 7.60 -9.63
C CYS F 167 41.99 7.31 -9.05
N PRO F 168 42.08 7.22 -7.71
CA PRO F 168 43.36 6.94 -7.06
C PRO F 168 43.83 5.50 -7.25
N THR F 169 42.90 4.63 -7.63
CA THR F 169 43.21 3.21 -7.75
C THR F 169 43.76 2.84 -9.13
N HIS F 170 43.02 3.16 -10.18
CA HIS F 170 43.39 2.74 -11.53
C HIS F 170 43.95 3.89 -12.36
N LYS F 171 43.99 5.08 -11.78
CA LYS F 171 44.45 6.29 -12.47
C LYS F 171 43.66 6.53 -13.75
N ASP F 172 42.34 6.36 -13.66
CA ASP F 172 41.47 6.53 -14.81
C ASP F 172 40.44 7.62 -14.53
N ARG F 173 40.28 8.55 -15.48
CA ARG F 173 39.29 9.62 -15.33
C ARG F 173 37.92 9.17 -15.83
N SER F 174 37.78 7.86 -16.05
CA SER F 174 36.51 7.29 -16.50
C SER F 174 36.30 5.90 -15.92
N CYS F 175 36.69 5.72 -14.67
CA CYS F 175 36.54 4.43 -14.00
C CYS F 175 35.08 4.11 -13.74
N TYR F 176 34.70 2.85 -13.96
CA TYR F 176 33.33 2.41 -13.76
C TYR F 176 33.20 1.52 -12.54
N ILE F 177 34.34 1.24 -11.89
CA ILE F 177 34.35 0.42 -10.68
C ILE F 177 34.32 1.26 -9.42
N CYS F 178 35.28 2.19 -9.32
CA CYS F 178 35.41 3.03 -8.14
C CYS F 178 34.19 3.91 -7.92
N HIS F 179 33.85 4.14 -6.66
CA HIS F 179 32.70 4.95 -6.31
C HIS F 179 33.04 6.44 -6.33
N ARG F 180 32.26 7.19 -7.10
CA ARG F 180 32.40 8.64 -7.14
C ARG F 180 31.41 9.31 -6.21
N GLN F 181 31.72 10.52 -5.75
CA GLN F 181 30.82 11.24 -4.87
C GLN F 181 30.69 12.71 -5.26
N MET F 182 29.46 13.22 -5.24
CA MET F 182 29.24 14.64 -5.48
C MET F 182 28.21 15.20 -4.51
N LEU F 183 28.03 16.52 -4.54
CA LEU F 183 27.13 17.18 -3.61
C LEU F 183 25.91 17.79 -4.29
N PHE F 184 24.77 17.71 -3.62
CA PHE F 184 23.56 18.38 -4.07
C PHE F 184 23.15 19.40 -3.02
N CYS F 185 23.48 20.66 -3.27
CA CYS F 185 23.43 21.69 -2.23
C CYS F 185 22.32 22.72 -2.43
N ARG F 186 21.88 23.29 -1.31
CA ARG F 186 20.99 24.44 -1.33
C ARG F 186 21.85 25.71 -1.47
N VAL F 187 21.64 26.45 -2.54
CA VAL F 187 22.48 27.61 -2.82
C VAL F 187 21.74 28.93 -2.69
N THR F 188 22.33 29.84 -1.92
CA THR F 188 21.84 31.20 -1.77
C THR F 188 22.31 32.06 -2.93
N LEU F 189 21.37 32.60 -3.70
CA LEU F 189 21.72 33.42 -4.85
C LEU F 189 21.31 34.88 -4.64
N GLY F 190 20.05 35.08 -4.26
CA GLY F 190 19.54 36.43 -4.04
C GLY F 190 19.60 37.26 -5.31
N LYS F 191 20.31 38.38 -5.23
CA LYS F 191 20.48 39.26 -6.38
C LYS F 191 21.51 38.68 -7.35
N SER F 192 21.03 37.91 -8.32
CA SER F 192 21.91 37.28 -9.29
C SER F 192 22.48 38.29 -10.28
N PHE F 193 23.77 38.14 -10.60
CA PHE F 193 24.41 38.99 -11.58
C PHE F 193 24.70 38.18 -12.84
N LEU F 194 23.83 38.31 -13.84
CA LEU F 194 23.92 37.50 -15.05
C LEU F 194 24.89 38.10 -16.07
N GLN F 195 25.91 37.32 -16.43
CA GLN F 195 26.83 37.71 -17.48
C GLN F 195 27.13 36.52 -18.38
N PHE F 196 27.54 36.80 -19.62
CA PHE F 196 27.84 35.74 -20.57
C PHE F 196 29.35 35.59 -20.76
N SER F 197 30.05 36.71 -20.83
CA SER F 197 31.48 36.71 -21.05
C SER F 197 32.25 36.59 -19.73
N THR F 198 33.56 36.45 -19.84
CA THR F 198 34.42 36.34 -18.66
C THR F 198 34.56 37.68 -17.95
N ILE F 199 34.35 37.68 -16.63
CA ILE F 199 34.47 38.87 -15.81
C ILE F 199 34.89 38.50 -14.40
N LYS F 200 36.19 38.27 -14.22
CA LYS F 200 36.72 37.83 -12.93
C LYS F 200 36.49 38.86 -11.82
N MET F 201 36.01 38.38 -10.68
CA MET F 201 35.72 39.22 -9.53
C MET F 201 36.19 38.58 -8.24
N ALA F 202 36.57 39.40 -7.27
CA ALA F 202 36.98 38.90 -5.96
C ALA F 202 35.75 38.63 -5.11
N HIS F 203 34.70 39.41 -5.31
CA HIS F 203 33.45 39.25 -4.58
C HIS F 203 32.26 39.38 -5.51
N ALA F 204 31.07 39.52 -4.92
CA ALA F 204 29.87 39.77 -5.69
C ALA F 204 29.76 41.27 -6.00
N PRO F 205 29.10 41.62 -7.11
CA PRO F 205 28.85 43.03 -7.44
C PRO F 205 28.06 43.76 -6.34
N PRO F 206 28.22 45.08 -6.25
CA PRO F 206 27.49 45.89 -5.27
C PRO F 206 25.98 45.72 -5.40
N GLY F 207 25.33 45.31 -4.31
CA GLY F 207 23.90 45.08 -4.33
C GLY F 207 23.54 43.71 -4.82
N HIS F 208 24.56 42.86 -5.02
CA HIS F 208 24.36 41.51 -5.49
C HIS F 208 24.89 40.49 -4.50
N HIS F 209 24.49 39.23 -4.66
CA HIS F 209 24.91 38.17 -3.75
C HIS F 209 25.42 36.94 -4.49
N SER F 210 25.31 36.97 -5.81
CA SER F 210 25.74 35.84 -6.64
C SER F 210 26.02 36.26 -8.07
N VAL F 211 26.71 35.39 -8.81
CA VAL F 211 27.04 35.65 -10.21
C VAL F 211 26.63 34.47 -11.10
N ILE F 212 25.64 34.70 -11.96
CA ILE F 212 25.15 33.65 -12.83
C ILE F 212 25.71 33.80 -14.25
N GLY F 213 26.22 32.69 -14.79
CA GLY F 213 26.71 32.66 -16.16
C GLY F 213 25.84 31.79 -17.04
N ARG F 214 25.12 32.42 -17.96
CA ARG F 214 24.25 31.71 -18.88
C ARG F 214 24.99 31.35 -20.16
N PRO F 215 24.74 30.14 -20.68
CA PRO F 215 25.40 29.63 -21.90
C PRO F 215 25.19 30.52 -23.12
N SER F 216 26.29 30.86 -23.79
CA SER F 216 26.23 31.66 -25.01
C SER F 216 26.95 30.95 -26.14
N VAL F 217 27.08 31.63 -27.28
CA VAL F 217 27.75 31.05 -28.44
C VAL F 217 28.19 32.14 -29.41
N ASN F 218 29.46 32.54 -29.32
CA ASN F 218 30.40 31.97 -28.35
C ASN F 218 30.48 32.81 -27.08
N GLY F 219 30.52 32.15 -25.93
CA GLY F 219 30.49 30.69 -25.88
C GLY F 219 30.80 30.14 -24.50
N LEU F 220 29.75 29.78 -23.76
CA LEU F 220 29.93 29.20 -22.43
C LEU F 220 29.62 27.71 -22.45
N ALA F 221 28.36 27.36 -22.18
CA ALA F 221 27.90 25.98 -22.14
C ALA F 221 28.68 25.13 -21.13
N TYR F 222 28.06 24.86 -19.98
CA TYR F 222 26.69 25.27 -19.72
C TYR F 222 26.61 26.32 -18.61
N ALA F 223 25.45 26.41 -17.97
CA ALA F 223 25.22 27.44 -16.95
C ALA F 223 26.08 27.24 -15.71
N GLU F 224 26.58 28.35 -15.16
CA GLU F 224 27.37 28.30 -13.94
C GLU F 224 26.80 29.23 -12.88
N TYR F 225 26.99 28.86 -11.61
CA TYR F 225 26.48 29.66 -10.50
C TYR F 225 27.58 29.92 -9.46
N VAL F 226 28.00 31.17 -9.34
CA VAL F 226 29.11 31.51 -8.46
C VAL F 226 28.65 32.25 -7.21
N ILE F 227 29.08 31.76 -6.05
CA ILE F 227 28.86 32.48 -4.80
C ILE F 227 30.20 32.69 -4.11
N TYR F 228 30.33 33.77 -3.35
CA TYR F 228 31.62 34.12 -2.76
C TYR F 228 31.59 34.06 -1.24
N ARG F 229 30.63 33.31 -0.70
CA ARG F 229 30.53 33.08 0.73
C ARG F 229 30.19 31.63 1.01
N GLY F 230 30.98 30.99 1.88
CA GLY F 230 30.79 29.59 2.20
C GLY F 230 29.47 29.30 2.89
N GLU F 231 28.93 30.31 3.58
CA GLU F 231 27.67 30.15 4.30
C GLU F 231 26.47 30.23 3.36
N GLN F 232 26.71 30.67 2.12
CA GLN F 232 25.64 30.75 1.13
C GLN F 232 25.41 29.41 0.45
N ALA F 233 26.10 28.38 0.93
CA ALA F 233 25.92 27.03 0.41
C ALA F 233 25.85 26.02 1.55
N TYR F 234 25.04 24.99 1.35
CA TYR F 234 24.89 23.95 2.36
C TYR F 234 24.79 22.58 1.70
N PRO F 235 25.77 21.70 1.98
CA PRO F 235 25.78 20.34 1.42
C PRO F 235 24.57 19.54 1.91
N GLU F 236 23.42 19.78 1.30
CA GLU F 236 22.18 19.13 1.72
C GLU F 236 22.22 17.62 1.48
N TYR F 237 22.60 17.22 0.28
CA TYR F 237 22.66 15.80 -0.05
C TYR F 237 24.06 15.38 -0.49
N LEU F 238 24.47 14.19 -0.04
CA LEU F 238 25.75 13.60 -0.46
C LEU F 238 25.50 12.38 -1.33
N ILE F 239 25.76 12.53 -2.63
CA ILE F 239 25.47 11.47 -3.59
C ILE F 239 26.68 10.57 -3.85
N THR F 240 26.55 9.31 -3.47
CA THR F 240 27.53 8.28 -3.81
C THR F 240 27.02 7.49 -5.00
N TYR F 241 27.74 7.58 -6.12
CA TYR F 241 27.27 7.03 -7.38
C TYR F 241 28.38 6.39 -8.20
N GLN F 242 28.00 5.83 -9.33
CA GLN F 242 28.93 5.36 -10.34
C GLN F 242 28.53 5.94 -11.70
N ILE F 243 29.33 5.65 -12.72
CA ILE F 243 28.95 6.00 -14.08
C ILE F 243 28.70 4.73 -14.88
N MET F 244 27.79 4.79 -15.84
CA MET F 244 27.44 3.61 -16.62
C MET F 244 27.92 3.70 -18.06
N LYS F 245 28.76 2.75 -18.46
CA LYS F 245 29.29 2.70 -19.81
C LYS F 245 28.22 2.27 -20.81
N PRO F 246 28.05 3.07 -21.89
CA PRO F 246 27.08 2.79 -22.95
C PRO F 246 27.31 1.44 -23.62
N GLY G 38 24.28 9.54 18.85
CA GLY G 38 24.48 10.97 18.64
C GLY G 38 23.17 11.69 18.39
N THR G 39 22.88 12.69 19.22
CA THR G 39 21.65 13.46 19.10
C THR G 39 21.95 14.94 18.86
N ILE G 40 21.35 15.50 17.80
CA ILE G 40 21.51 16.92 17.48
C ILE G 40 20.20 17.67 17.64
N LEU G 41 20.23 18.74 18.44
CA LEU G 41 19.05 19.57 18.64
C LEU G 41 19.08 20.80 17.74
N LEU G 42 18.14 20.85 16.81
CA LEU G 42 18.08 21.96 15.86
C LEU G 42 17.09 23.03 16.30
N ASP G 43 17.60 24.17 16.74
CA ASP G 43 16.77 25.29 17.17
C ASP G 43 15.96 25.82 16.00
N LEU G 44 14.65 25.92 16.20
CA LEU G 44 13.77 26.51 15.20
C LEU G 44 13.52 27.97 15.51
N ALA G 45 13.83 28.84 14.55
CA ALA G 45 13.62 30.27 14.71
C ALA G 45 12.12 30.57 14.81
N PRO G 46 11.75 31.48 15.74
CA PRO G 46 10.35 31.86 15.97
C PRO G 46 9.67 32.46 14.74
N GLU G 47 10.46 32.84 13.74
CA GLU G 47 9.92 33.43 12.52
C GLU G 47 9.66 32.37 11.46
N ASP G 48 9.95 31.11 11.79
CA ASP G 48 9.76 30.01 10.84
C ASP G 48 8.38 29.38 10.98
N LYS G 49 7.93 28.73 9.92
CA LYS G 49 6.58 28.17 9.87
C LYS G 49 6.39 26.98 10.81
N GLU G 50 7.43 26.17 10.96
CA GLU G 50 7.37 24.98 11.82
C GLU G 50 7.13 25.36 13.27
N TYR G 51 7.92 26.34 13.74
CA TYR G 51 7.79 26.86 15.09
C TYR G 51 6.38 27.35 15.34
N GLN G 52 5.86 28.13 14.40
CA GLN G 52 4.52 28.68 14.50
C GLN G 52 3.47 27.57 14.51
N SER G 53 3.76 26.47 13.80
CA SER G 53 2.84 25.34 13.74
C SER G 53 2.78 24.60 15.07
N VAL G 54 3.94 24.21 15.58
CA VAL G 54 4.02 23.52 16.86
C VAL G 54 3.43 24.37 17.97
N GLU G 55 3.78 25.65 17.98
CA GLU G 55 3.25 26.59 18.96
C GLU G 55 1.73 26.69 18.86
N GLU G 56 1.23 26.81 17.63
CA GLU G 56 -0.20 26.93 17.40
C GLU G 56 -0.96 25.71 17.91
N GLU G 57 -0.46 24.53 17.58
CA GLU G 57 -1.14 23.30 18.00
C GLU G 57 -0.83 22.95 19.46
N MET G 58 0.06 23.70 20.09
CA MET G 58 0.29 23.52 21.52
C MET G 58 -0.62 24.43 22.33
N GLN G 59 -0.84 25.63 21.83
CA GLN G 59 -1.67 26.62 22.52
C GLN G 59 -3.16 26.33 22.32
N SER G 60 -3.49 25.57 21.28
CA SER G 60 -4.89 25.31 20.94
C SER G 60 -5.42 24.03 21.57
N THR G 61 -4.52 23.22 22.12
CA THR G 61 -4.91 21.95 22.71
C THR G 61 -4.86 21.97 24.23
N ILE G 62 -5.25 23.11 24.81
CA ILE G 62 -5.32 23.23 26.26
C ILE G 62 -6.75 22.98 26.74
N ARG G 63 -6.90 22.03 27.64
CA ARG G 63 -8.22 21.65 28.12
C ARG G 63 -8.31 21.69 29.65
N GLU G 64 -9.53 21.64 30.15
CA GLU G 64 -9.77 21.54 31.59
C GLU G 64 -10.02 20.08 31.97
N HIS G 65 -9.16 19.54 32.82
CA HIS G 65 -9.25 18.14 33.19
CA HIS G 65 -9.25 18.14 33.20
C HIS G 65 -10.02 17.96 34.50
N ARG G 66 -10.52 16.74 34.71
CA ARG G 66 -11.36 16.44 35.88
C ARG G 66 -10.57 16.31 37.18
N ASP G 67 -9.25 16.42 37.10
CA ASP G 67 -8.43 16.36 38.32
C ASP G 67 -8.51 17.67 39.10
N GLY G 68 -9.05 18.70 38.45
CA GLY G 68 -9.18 20.01 39.07
C GLY G 68 -7.95 20.86 38.80
N GLY G 69 -7.23 20.53 37.73
CA GLY G 69 -6.01 21.24 37.39
C GLY G 69 -4.93 21.03 38.43
N ASN G 70 -4.83 19.80 38.94
CA ASN G 70 -3.88 19.48 39.99
C ASN G 70 -2.52 19.03 39.47
N ALA G 71 -2.54 18.09 38.52
CA ALA G 71 -1.30 17.53 37.98
C ALA G 71 -0.52 18.55 37.17
N GLY G 72 -1.16 19.10 36.14
CA GLY G 72 -0.50 20.05 35.26
C GLY G 72 -0.43 21.45 35.83
N GLY G 73 -1.34 21.76 36.74
CA GLY G 73 -1.41 23.08 37.33
C GLY G 73 -2.49 23.93 36.68
N ILE G 74 -2.76 25.09 37.25
CA ILE G 74 -3.80 25.98 36.73
C ILE G 74 -3.21 26.99 35.74
N PHE G 75 -3.67 26.91 34.49
CA PHE G 75 -3.21 27.81 33.45
C PHE G 75 -4.19 27.85 32.29
N ASN G 76 -4.05 28.86 31.43
CA ASN G 76 -4.92 29.02 30.27
C ASN G 76 -4.12 29.16 28.98
N ARG G 77 -2.82 29.41 29.11
CA ARG G 77 -1.93 29.56 27.96
C ARG G 77 -0.49 29.21 28.31
N TYR G 78 0.29 28.85 27.30
CA TYR G 78 1.70 28.54 27.51
C TYR G 78 2.60 29.72 27.14
N ASN G 79 3.78 29.76 27.73
CA ASN G 79 4.82 30.69 27.32
C ASN G 79 6.00 29.92 26.77
N VAL G 80 6.03 29.75 25.45
CA VAL G 80 7.05 28.94 24.79
C VAL G 80 8.40 29.65 24.77
N ILE G 81 9.43 28.95 25.23
CA ILE G 81 10.79 29.49 25.22
C ILE G 81 11.59 28.99 24.02
N ARG G 82 11.68 27.67 23.88
CA ARG G 82 12.57 27.09 22.88
C ARG G 82 12.00 25.82 22.28
N ILE G 83 11.79 25.83 20.96
CA ILE G 83 11.36 24.65 20.23
C ILE G 83 12.49 24.11 19.37
N GLN G 84 12.90 22.87 19.63
CA GLN G 84 14.01 22.26 18.92
C GLN G 84 13.61 20.96 18.26
N LYS G 85 14.35 20.57 17.23
CA LYS G 85 14.12 19.29 16.55
C LYS G 85 15.19 18.28 16.95
N VAL G 86 14.75 17.14 17.43
CA VAL G 86 15.67 16.06 17.82
C VAL G 86 16.07 15.25 16.60
N VAL G 87 17.38 15.14 16.38
CA VAL G 87 17.90 14.41 15.23
C VAL G 87 18.83 13.28 15.65
N ASN G 88 18.48 12.05 15.28
CA ASN G 88 19.28 10.88 15.59
C ASN G 88 19.16 9.84 14.49
N LYS G 89 20.30 9.30 14.05
CA LYS G 89 20.34 8.35 12.96
C LYS G 89 19.71 7.01 13.36
N LYS G 90 20.04 6.54 14.55
CA LYS G 90 19.53 5.25 15.04
C LYS G 90 18.02 5.29 15.22
N LEU G 91 17.54 6.36 15.83
CA LEU G 91 16.11 6.52 16.08
C LEU G 91 15.34 6.61 14.77
N ARG G 92 15.94 7.29 13.79
CA ARG G 92 15.36 7.39 12.46
C ARG G 92 15.30 6.01 11.81
N GLU G 93 16.37 5.25 11.95
CA GLU G 93 16.44 3.90 11.40
C GLU G 93 15.35 3.01 11.98
N ARG G 94 15.24 2.99 13.31
CA ARG G 94 14.24 2.18 13.99
C ARG G 94 12.83 2.59 13.60
N PHE G 95 12.55 3.88 13.76
CA PHE G 95 11.23 4.43 13.50
C PHE G 95 10.78 4.21 12.07
N CYS G 96 11.70 4.35 11.11
CA CYS G 96 11.36 4.20 9.70
C CYS G 96 11.27 2.73 9.27
N HIS G 97 12.07 1.88 9.90
CA HIS G 97 11.99 0.45 9.65
C HIS G 97 10.64 -0.08 10.12
N ARG G 98 10.32 0.20 11.37
CA ARG G 98 9.04 -0.18 11.94
C ARG G 98 7.90 0.50 11.19
N GLN G 99 8.17 1.68 10.65
CA GLN G 99 7.21 2.39 9.81
C GLN G 99 6.88 1.56 8.56
N LYS G 100 7.93 1.09 7.90
CA LYS G 100 7.78 0.27 6.70
C LYS G 100 7.02 -1.01 7.03
N GLU G 101 7.39 -1.63 8.15
CA GLU G 101 6.70 -2.85 8.59
C GLU G 101 5.21 -2.61 8.81
N VAL G 102 4.88 -1.69 9.72
CA VAL G 102 3.49 -1.35 10.02
C VAL G 102 2.70 -1.01 8.76
N SER G 103 3.35 -0.27 7.86
CA SER G 103 2.73 0.11 6.59
C SER G 103 2.41 -1.13 5.75
N GLU G 104 3.32 -2.09 5.73
CA GLU G 104 3.13 -3.29 4.92
C GLU G 104 1.97 -4.14 5.43
N GLU G 105 1.60 -3.97 6.70
CA GLU G 105 0.51 -4.75 7.29
C GLU G 105 -0.77 -3.94 7.39
N ASN G 106 -0.78 -2.75 6.79
CA ASN G 106 -1.97 -1.89 6.82
C ASN G 106 -2.19 -1.16 5.51
N HIS G 107 -2.20 -1.91 4.41
CA HIS G 107 -2.46 -1.38 3.08
C HIS G 107 -1.51 -0.25 2.68
N ASN G 108 -0.22 -0.46 2.95
CA ASN G 108 0.84 0.46 2.55
C ASN G 108 0.69 1.89 3.06
N HIS G 109 0.04 2.04 4.20
CA HIS G 109 -0.03 3.34 4.89
C HIS G 109 -0.12 3.13 6.39
N HIS G 110 0.60 3.96 7.14
CA HIS G 110 0.83 3.73 8.56
C HIS G 110 -0.05 4.57 9.48
N ASN G 111 -0.82 5.49 8.90
CA ASN G 111 -1.63 6.43 9.67
C ASN G 111 -0.78 7.15 10.73
N GLU G 112 0.03 8.09 10.26
CA GLU G 112 0.93 8.84 11.15
C GLU G 112 0.22 10.03 11.77
N ARG G 113 0.41 10.22 13.07
CA ARG G 113 -0.24 11.31 13.78
C ARG G 113 0.72 11.99 14.76
N MET G 114 0.70 13.32 14.78
CA MET G 114 1.52 14.10 15.70
C MET G 114 0.87 14.17 17.07
N LEU G 115 1.54 13.62 18.08
CA LEU G 115 0.97 13.54 19.42
C LEU G 115 1.96 14.01 20.49
N PHE G 116 1.45 14.65 21.53
CA PHE G 116 2.28 15.16 22.60
C PHE G 116 2.70 14.07 23.58
N HIS G 117 3.76 14.31 24.33
CA HIS G 117 4.26 13.36 25.30
C HIS G 117 5.06 14.06 26.40
N GLY G 118 4.65 13.86 27.65
CA GLY G 118 5.33 14.44 28.78
C GLY G 118 5.97 13.38 29.66
N SER G 119 7.22 13.62 30.07
CA SER G 119 7.95 12.67 30.89
C SER G 119 9.13 13.33 31.60
N PRO G 120 9.40 12.92 32.85
CA PRO G 120 10.55 13.40 33.60
C PRO G 120 11.87 12.80 33.11
N PHE G 121 11.78 11.85 32.18
CA PHE G 121 12.96 11.22 31.61
C PHE G 121 13.12 11.60 30.14
N ILE G 122 12.84 12.86 29.83
CA ILE G 122 12.81 13.36 28.47
C ILE G 122 14.18 13.25 27.78
N ASN G 123 15.25 13.37 28.56
CA ASN G 123 16.60 13.28 28.03
C ASN G 123 16.92 11.87 27.54
N ALA G 124 16.52 10.88 28.32
CA ALA G 124 16.72 9.48 27.94
C ALA G 124 15.89 9.14 26.70
N ILE G 125 14.84 9.92 26.47
CA ILE G 125 13.97 9.70 25.32
C ILE G 125 14.54 10.37 24.07
N ILE G 126 15.13 11.55 24.24
CA ILE G 126 15.75 12.22 23.09
C ILE G 126 17.13 11.64 22.79
N HIS G 127 17.64 10.80 23.70
CA HIS G 127 18.93 10.16 23.49
C HIS G 127 18.78 8.69 23.09
N LYS G 128 18.24 7.89 23.99
CA LYS G 128 18.13 6.45 23.77
C LYS G 128 16.80 6.08 23.10
N GLY G 129 16.01 7.08 22.74
CA GLY G 129 14.74 6.87 22.08
C GLY G 129 13.67 6.31 23.00
N PHE G 130 12.49 6.10 22.45
CA PHE G 130 11.40 5.51 23.22
C PHE G 130 11.71 4.05 23.56
N ASP G 131 11.32 3.63 24.76
CA ASP G 131 11.62 2.28 25.23
C ASP G 131 10.38 1.63 25.81
N GLU G 132 9.90 0.57 25.18
CA GLU G 132 8.70 -0.12 25.64
C GLU G 132 8.95 -0.86 26.94
N ARG G 133 10.23 -1.03 27.30
CA ARG G 133 10.60 -1.63 28.57
C ARG G 133 10.20 -0.70 29.71
N HIS G 134 10.44 0.60 29.53
CA HIS G 134 10.05 1.61 30.51
C HIS G 134 8.65 2.12 30.20
N ALA G 135 7.69 1.20 30.18
CA ALA G 135 6.32 1.53 29.82
C ALA G 135 5.49 1.90 31.04
N TYR G 136 4.42 2.66 30.82
CA TYR G 136 3.50 3.00 31.89
C TYR G 136 2.62 1.80 32.21
N ILE G 137 3.11 0.94 33.10
CA ILE G 137 2.37 -0.25 33.52
C ILE G 137 1.09 0.15 34.24
N GLY G 138 1.15 1.26 34.98
CA GLY G 138 0.01 1.77 35.70
C GLY G 138 -0.99 2.47 34.80
N GLY G 139 -0.71 2.49 33.50
CA GLY G 139 -1.62 3.07 32.54
C GLY G 139 -2.96 2.37 32.54
N MET G 140 -4.01 3.08 32.17
CA MET G 140 -5.36 2.56 32.25
C MET G 140 -5.65 1.46 31.24
N PHE G 141 -5.02 1.56 30.07
CA PHE G 141 -5.31 0.61 29.00
C PHE G 141 -4.08 -0.18 28.56
N GLY G 142 -3.28 -0.61 29.52
CA GLY G 142 -2.15 -1.47 29.24
C GLY G 142 -0.78 -0.88 29.53
N ALA G 143 0.21 -1.77 29.64
CA ALA G 143 1.59 -1.35 29.89
C ALA G 143 2.28 -1.00 28.59
N GLY G 144 2.29 0.30 28.25
CA GLY G 144 2.89 0.76 27.00
C GLY G 144 3.24 2.23 27.04
N ILE G 145 3.55 2.78 25.88
CA ILE G 145 3.86 4.20 25.75
C ILE G 145 2.60 4.98 25.38
N TYR G 146 2.32 6.01 26.15
CA TYR G 146 1.08 6.78 26.00
C TYR G 146 1.32 8.14 25.36
N PHE G 147 0.37 8.58 24.54
CA PHE G 147 0.45 9.87 23.87
C PHE G 147 -0.90 10.57 23.89
N ALA G 148 -0.86 11.90 23.98
CA ALA G 148 -2.08 12.69 24.02
C ALA G 148 -2.10 13.73 22.90
N GLU G 149 -3.28 13.97 22.35
CA GLU G 149 -3.44 15.00 21.32
C GLU G 149 -3.60 16.37 21.98
N ASN G 150 -3.83 16.37 23.29
CA ASN G 150 -3.93 17.60 24.07
C ASN G 150 -2.63 17.90 24.80
N SER G 151 -2.21 19.16 24.76
CA SER G 151 -0.96 19.56 25.37
C SER G 151 -0.99 19.44 26.89
N SER G 152 -2.11 19.82 27.49
CA SER G 152 -2.26 19.78 28.94
C SER G 152 -2.18 18.36 29.49
N LYS G 153 -2.82 17.43 28.79
CA LYS G 153 -2.83 16.03 29.19
C LYS G 153 -1.42 15.47 29.31
N SER G 154 -0.55 15.88 28.40
CA SER G 154 0.85 15.48 28.43
C SER G 154 1.62 16.30 29.46
N ASN G 155 1.14 17.52 29.70
CA ASN G 155 1.76 18.40 30.69
C ASN G 155 1.54 17.87 32.11
N GLN G 156 0.52 17.04 32.26
CA GLN G 156 0.24 16.43 33.57
C GLN G 156 1.28 15.40 33.98
N TYR G 157 2.08 14.94 33.03
CA TYR G 157 3.04 13.87 33.28
C TYR G 157 4.50 14.34 33.18
N VAL G 158 4.70 15.65 33.04
CA VAL G 158 6.04 16.20 32.88
C VAL G 158 6.91 15.98 34.11
N TYR G 159 6.38 16.31 35.28
CA TYR G 159 7.12 16.15 36.53
C TYR G 159 6.88 14.78 37.16
N GLY G 160 6.40 13.84 36.36
CA GLY G 160 6.16 12.48 36.83
C GLY G 160 4.70 12.09 36.81
N ILE G 161 4.40 10.91 37.35
CA ILE G 161 3.03 10.40 37.39
C ILE G 161 2.16 11.25 38.32
N GLY G 162 1.10 11.83 37.76
CA GLY G 162 0.19 12.66 38.53
C GLY G 162 0.82 13.98 38.92
N GLY G 163 1.90 14.34 38.23
CA GLY G 163 2.61 15.58 38.51
C GLY G 163 3.76 15.37 39.47
N GLY G 164 3.82 14.19 40.09
CA GLY G 164 4.87 13.87 41.04
C GLY G 164 4.92 14.84 42.20
N THR G 165 6.09 15.44 42.42
CA THR G 165 6.25 16.44 43.45
C THR G 165 6.52 17.82 42.82
N GLY G 166 6.21 17.92 41.54
CA GLY G 166 6.40 19.17 40.81
C GLY G 166 7.85 19.44 40.46
N CYS G 167 8.20 20.72 40.41
CA CYS G 167 9.58 21.11 40.11
C CYS G 167 10.51 20.78 41.27
N PRO G 168 11.77 20.45 40.97
CA PRO G 168 12.74 20.11 42.01
C PRO G 168 13.24 21.32 42.78
N THR G 169 12.82 22.52 42.37
CA THR G 169 13.28 23.75 43.01
C THR G 169 12.32 24.26 44.07
N HIS G 170 11.05 24.41 43.70
CA HIS G 170 10.06 24.98 44.60
C HIS G 170 9.06 23.95 45.10
N LYS G 171 9.19 22.71 44.63
CA LYS G 171 8.29 21.62 44.98
C LYS G 171 6.83 21.98 44.70
N ASP G 172 6.62 22.68 43.58
CA ASP G 172 5.28 23.14 43.20
C ASP G 172 4.89 22.54 41.85
N ARG G 173 3.71 21.91 41.79
CA ARG G 173 3.25 21.30 40.56
C ARG G 173 2.59 22.33 39.64
N SER G 174 2.36 23.52 40.18
CA SER G 174 1.80 24.62 39.39
C SER G 174 2.74 25.82 39.40
N CYS G 175 4.01 25.56 39.18
CA CYS G 175 5.03 26.61 39.16
C CYS G 175 4.98 27.39 37.85
N TYR G 176 5.10 28.71 37.93
CA TYR G 176 4.98 29.57 36.76
C TYR G 176 6.30 30.22 36.36
N ILE G 177 7.41 29.77 36.95
CA ILE G 177 8.71 30.35 36.64
C ILE G 177 9.75 29.30 36.26
N CYS G 178 9.49 28.04 36.60
CA CYS G 178 10.39 26.96 36.24
C CYS G 178 10.14 26.48 34.82
N HIS G 179 11.22 26.20 34.09
CA HIS G 179 11.11 25.77 32.70
C HIS G 179 10.74 24.30 32.58
N ARG G 180 9.57 24.04 32.02
CA ARG G 180 9.11 22.68 31.78
C ARG G 180 9.41 22.27 30.35
N GLN G 181 9.50 20.97 30.09
CA GLN G 181 9.80 20.47 28.76
C GLN G 181 8.96 19.26 28.39
N MET G 182 8.37 19.30 27.20
CA MET G 182 7.64 18.16 26.68
C MET G 182 8.02 17.89 25.23
N LEU G 183 7.54 16.78 24.69
CA LEU G 183 7.87 16.39 23.33
C LEU G 183 6.67 16.39 22.40
N PHE G 184 6.87 16.92 21.19
CA PHE G 184 5.88 16.82 20.14
C PHE G 184 6.32 15.70 19.20
N CYS G 185 5.81 14.50 19.44
CA CYS G 185 6.31 13.30 18.79
C CYS G 185 5.53 12.90 17.55
N ARG G 186 6.24 12.21 16.65
CA ARG G 186 5.64 11.64 15.45
C ARG G 186 5.27 10.18 15.71
N VAL G 187 3.97 9.92 15.88
CA VAL G 187 3.51 8.60 16.30
C VAL G 187 2.92 7.78 15.16
N THR G 188 3.41 6.55 15.02
CA THR G 188 2.88 5.61 14.04
C THR G 188 1.83 4.71 14.67
N LEU G 189 0.58 4.86 14.23
CA LEU G 189 -0.53 4.13 14.83
C LEU G 189 -0.86 2.84 14.09
N GLY G 190 -0.95 2.92 12.76
CA GLY G 190 -1.34 1.78 11.96
C GLY G 190 -2.81 1.45 12.14
N LYS G 191 -3.13 0.16 12.13
CA LYS G 191 -4.50 -0.27 12.38
C LYS G 191 -4.87 -0.03 13.83
N SER G 192 -5.51 1.12 14.09
CA SER G 192 -5.84 1.52 15.45
C SER G 192 -7.04 0.77 16.00
N PHE G 193 -6.90 0.25 17.22
CA PHE G 193 -7.99 -0.46 17.88
C PHE G 193 -8.64 0.42 18.95
N LEU G 194 -9.88 0.83 18.69
CA LEU G 194 -10.62 1.64 19.64
C LEU G 194 -11.22 0.78 20.75
N GLN G 195 -10.94 1.14 21.99
CA GLN G 195 -11.48 0.41 23.13
C GLN G 195 -12.29 1.34 24.04
N PHE G 196 -13.38 0.83 24.57
CA PHE G 196 -14.25 1.61 25.45
CA PHE G 196 -14.25 1.61 25.45
C PHE G 196 -14.00 1.23 26.91
N SER G 197 -14.07 -0.07 27.20
CA SER G 197 -13.88 -0.57 28.56
C SER G 197 -12.41 -0.54 28.96
N THR G 198 -12.17 -0.42 30.26
CA THR G 198 -10.81 -0.40 30.80
C THR G 198 -10.23 -1.81 30.86
N ILE G 199 -9.42 -2.16 29.87
CA ILE G 199 -8.81 -3.48 29.81
C ILE G 199 -7.31 -3.39 29.57
N LYS G 200 -6.53 -3.79 30.57
CA LYS G 200 -5.07 -3.75 30.46
C LYS G 200 -4.57 -4.74 29.42
N MET G 201 -3.67 -4.29 28.56
CA MET G 201 -3.11 -5.12 27.51
C MET G 201 -1.58 -5.11 27.56
N ALA G 202 -0.97 -6.22 27.16
CA ALA G 202 0.48 -6.33 27.11
C ALA G 202 1.00 -5.86 25.76
N HIS G 203 0.17 -6.03 24.74
CA HIS G 203 0.52 -5.62 23.38
C HIS G 203 -0.72 -5.11 22.64
N ALA G 204 -0.55 -4.75 21.38
CA ALA G 204 -1.67 -4.34 20.54
C ALA G 204 -2.47 -5.58 20.15
N PRO G 205 -3.80 -5.43 19.98
CA PRO G 205 -4.67 -6.53 19.58
C PRO G 205 -4.24 -7.16 18.26
N PRO G 206 -4.51 -8.46 18.08
CA PRO G 206 -4.16 -9.19 16.85
C PRO G 206 -4.64 -8.50 15.58
N GLY G 207 -3.71 -8.14 14.72
CA GLY G 207 -4.04 -7.45 13.48
C GLY G 207 -4.00 -5.94 13.64
N HIS G 208 -3.69 -5.49 14.84
CA HIS G 208 -3.62 -4.05 15.13
C HIS G 208 -2.24 -3.66 15.64
N HIS G 209 -1.94 -2.36 15.60
CA HIS G 209 -0.62 -1.86 15.98
C HIS G 209 -0.69 -0.85 17.11
N SER G 210 -1.88 -0.30 17.36
CA SER G 210 -2.05 0.70 18.40
C SER G 210 -3.42 0.60 19.07
N VAL G 211 -3.54 1.21 20.24
CA VAL G 211 -4.80 1.20 20.98
C VAL G 211 -5.26 2.61 21.31
N ILE G 212 -6.41 3.00 20.76
CA ILE G 212 -7.02 4.28 21.09
C ILE G 212 -8.09 4.07 22.15
N GLY G 213 -7.91 4.70 23.31
CA GLY G 213 -8.80 4.47 24.43
C GLY G 213 -9.45 5.70 25.03
N ARG G 214 -10.67 5.52 25.50
CA ARG G 214 -11.39 6.55 26.23
C ARG G 214 -11.45 6.17 27.71
N PRO G 215 -10.87 7.01 28.58
CA PRO G 215 -10.69 6.78 30.02
C PRO G 215 -11.92 6.21 30.73
N SER G 216 -12.83 7.09 31.15
CA SER G 216 -14.01 6.65 31.89
C SER G 216 -15.30 7.20 31.30
N VAL G 217 -16.43 6.61 31.71
CA VAL G 217 -17.73 7.07 31.27
C VAL G 217 -18.36 7.99 32.31
N ASN G 218 -17.64 8.24 33.39
CA ASN G 218 -18.10 9.13 34.45
C ASN G 218 -17.15 10.30 34.66
N GLY G 219 -17.59 11.49 34.27
CA GLY G 219 -16.78 12.68 34.39
C GLY G 219 -16.16 13.08 33.06
N LEU G 220 -15.00 13.73 33.12
CA LEU G 220 -14.30 14.15 31.91
C LEU G 220 -13.30 13.11 31.45
N ALA G 221 -13.08 13.04 30.14
CA ALA G 221 -12.16 12.05 29.57
C ALA G 221 -11.61 12.54 28.24
N TYR G 222 -10.32 12.31 28.01
CA TYR G 222 -9.68 12.67 26.75
C TYR G 222 -9.02 11.45 26.13
N ALA G 223 -9.05 11.40 24.79
CA ALA G 223 -8.56 10.24 24.05
C ALA G 223 -7.07 9.98 24.30
N GLU G 224 -6.75 8.74 24.68
CA GLU G 224 -5.38 8.33 24.87
C GLU G 224 -4.92 7.43 23.72
N TYR G 225 -3.79 7.79 23.11
CA TYR G 225 -3.25 7.04 22.00
C TYR G 225 -2.04 6.22 22.44
N VAL G 226 -2.21 4.91 22.50
CA VAL G 226 -1.23 4.03 23.12
C VAL G 226 -0.52 3.13 22.11
N ILE G 227 0.81 3.12 22.17
CA ILE G 227 1.58 2.18 21.35
C ILE G 227 2.45 1.30 22.23
N TYR G 228 2.53 0.02 21.89
CA TYR G 228 3.18 -0.97 22.74
C TYR G 228 4.59 -1.30 22.24
N ARG G 229 5.04 -0.55 21.25
CA ARG G 229 6.41 -0.67 20.76
C ARG G 229 7.06 0.71 20.73
N GLY G 230 8.28 0.79 21.24
CA GLY G 230 9.01 2.04 21.29
C GLY G 230 9.53 2.48 19.94
N GLU G 231 9.16 1.74 18.89
CA GLU G 231 9.61 2.04 17.54
C GLU G 231 8.59 2.87 16.77
N GLN G 232 7.35 2.87 17.24
CA GLN G 232 6.27 3.55 16.54
C GLN G 232 6.13 5.01 16.97
N ALA G 233 7.20 5.56 17.52
CA ALA G 233 7.20 6.96 17.94
C ALA G 233 8.59 7.58 17.83
N TYR G 234 8.63 8.83 17.38
CA TYR G 234 9.87 9.56 17.27
C TYR G 234 9.71 10.99 17.80
N PRO G 235 10.56 11.38 18.76
CA PRO G 235 10.53 12.73 19.32
C PRO G 235 10.90 13.77 18.28
N GLU G 236 9.96 14.11 17.40
CA GLU G 236 10.22 15.03 16.30
C GLU G 236 10.58 16.42 16.81
N TYR G 237 9.81 16.92 17.77
CA TYR G 237 10.06 18.26 18.30
C TYR G 237 10.31 18.25 19.81
N LEU G 238 11.29 19.03 20.23
CA LEU G 238 11.59 19.21 21.65
C LEU G 238 11.13 20.58 22.12
N ILE G 239 10.07 20.61 22.92
CA ILE G 239 9.47 21.87 23.34
C ILE G 239 9.83 22.27 24.76
N THR G 240 10.49 23.41 24.90
CA THR G 240 10.75 24.02 26.20
C THR G 240 9.79 25.18 26.40
N TYR G 241 9.06 25.16 27.51
CA TYR G 241 7.97 26.10 27.72
C TYR G 241 7.73 26.41 29.19
N GLN G 242 6.79 27.31 29.44
CA GLN G 242 6.30 27.58 30.79
C GLN G 242 4.78 27.67 30.76
N ILE G 243 4.16 27.74 31.93
CA ILE G 243 2.72 27.95 31.99
C ILE G 243 2.43 29.38 32.45
N MET G 244 1.48 30.03 31.79
CA MET G 244 1.15 31.41 32.09
C MET G 244 0.04 31.51 33.13
N LYS G 245 0.33 32.20 34.23
CA LYS G 245 -0.65 32.41 35.28
C LYS G 245 -1.74 33.37 34.80
N PRO G 246 -3.01 32.94 34.90
CA PRO G 246 -4.16 33.74 34.47
C PRO G 246 -4.26 35.09 35.19
N GLY H 38 -15.93 -25.75 -6.01
CA GLY H 38 -15.94 -24.41 -5.46
C GLY H 38 -17.24 -23.67 -5.76
N THR H 39 -17.61 -22.78 -4.85
CA THR H 39 -18.83 -22.00 -5.00
C THR H 39 -18.53 -20.51 -5.10
N ILE H 40 -19.09 -19.86 -6.11
CA ILE H 40 -18.84 -18.44 -6.35
C ILE H 40 -20.10 -17.61 -6.21
N LEU H 41 -20.06 -16.59 -5.36
CA LEU H 41 -21.20 -15.71 -5.14
C LEU H 41 -21.10 -14.46 -6.01
N LEU H 42 -22.06 -14.29 -6.91
CA LEU H 42 -22.04 -13.15 -7.84
C LEU H 42 -22.94 -12.02 -7.37
N ASP H 43 -22.33 -10.92 -6.96
CA ASP H 43 -23.07 -9.74 -6.52
C ASP H 43 -23.84 -9.11 -7.68
N LEU H 44 -25.17 -9.25 -7.65
CA LEU H 44 -26.01 -8.66 -8.68
C LEU H 44 -26.17 -7.16 -8.45
N ALA H 45 -25.97 -6.38 -9.51
CA ALA H 45 -26.12 -4.93 -9.43
C ALA H 45 -27.58 -4.55 -9.23
N PRO H 46 -27.87 -3.65 -8.28
CA PRO H 46 -29.22 -3.20 -7.96
C PRO H 46 -29.96 -2.56 -9.15
N GLU H 47 -29.23 -2.24 -10.21
CA GLU H 47 -29.85 -1.61 -11.39
C GLU H 47 -30.14 -2.62 -12.50
N ASP H 48 -29.67 -3.85 -12.33
CA ASP H 48 -29.89 -4.89 -13.33
C ASP H 48 -31.34 -5.35 -13.34
N LYS H 49 -31.80 -5.87 -14.48
CA LYS H 49 -33.17 -6.33 -14.63
C LYS H 49 -33.42 -7.59 -13.82
N GLU H 50 -32.39 -8.42 -13.66
CA GLU H 50 -32.49 -9.66 -12.92
C GLU H 50 -32.74 -9.41 -11.44
N TYR H 51 -31.90 -8.57 -10.85
CA TYR H 51 -32.03 -8.17 -9.45
C TYR H 51 -33.44 -7.65 -9.16
N GLN H 52 -33.92 -6.75 -10.01
CA GLN H 52 -35.24 -6.17 -9.85
C GLN H 52 -36.33 -7.22 -10.05
N SER H 53 -36.05 -8.21 -10.90
CA SER H 53 -37.00 -9.28 -11.17
C SER H 53 -37.21 -10.15 -9.94
N VAL H 54 -36.11 -10.65 -9.37
CA VAL H 54 -36.20 -11.52 -8.19
C VAL H 54 -36.69 -10.72 -6.98
N GLU H 55 -36.28 -9.45 -6.89
CA GLU H 55 -36.72 -8.60 -5.79
C GLU H 55 -38.23 -8.35 -5.84
N GLU H 56 -38.73 -7.98 -7.01
CA GLU H 56 -40.16 -7.76 -7.20
C GLU H 56 -40.92 -9.07 -7.02
N GLU H 57 -40.27 -10.18 -7.33
CA GLU H 57 -40.86 -11.50 -7.12
C GLU H 57 -40.90 -11.83 -5.63
N MET H 58 -40.04 -11.19 -4.85
CA MET H 58 -40.00 -11.42 -3.41
C MET H 58 -40.99 -10.54 -2.66
N GLN H 59 -41.11 -9.28 -3.08
CA GLN H 59 -41.99 -8.34 -2.41
C GLN H 59 -43.46 -8.62 -2.68
N SER H 60 -43.75 -9.10 -3.88
CA SER H 60 -45.14 -9.32 -4.31
C SER H 60 -45.74 -10.59 -3.70
N THR H 61 -44.88 -11.51 -3.28
CA THR H 61 -45.36 -12.78 -2.73
C THR H 61 -45.42 -12.78 -1.21
N ILE H 62 -45.80 -11.64 -0.64
CA ILE H 62 -45.95 -11.52 0.80
C ILE H 62 -47.41 -11.69 1.21
N ARG H 63 -47.67 -12.62 2.12
CA ARG H 63 -49.04 -12.89 2.57
C ARG H 63 -49.15 -12.79 4.08
N GLU H 64 -50.36 -12.51 4.56
CA GLU H 64 -50.63 -12.47 6.00
C GLU H 64 -50.96 -13.86 6.53
N HIS H 65 -50.01 -14.45 7.24
CA HIS H 65 -50.18 -15.80 7.78
C HIS H 65 -51.08 -15.79 9.01
N ARG H 66 -51.72 -16.92 9.28
CA ARG H 66 -52.74 -17.01 10.32
C ARG H 66 -52.15 -17.26 11.71
N ASP H 67 -50.83 -17.35 11.79
CA ASP H 67 -50.17 -17.61 13.07
C ASP H 67 -49.70 -16.31 13.72
N GLY H 68 -50.06 -15.18 13.12
CA GLY H 68 -49.64 -13.89 13.63
C GLY H 68 -49.49 -12.80 12.60
N GLY H 69 -48.48 -12.87 11.74
CA GLY H 69 -47.54 -13.98 11.71
C GLY H 69 -46.47 -13.97 12.80
N ASN H 70 -46.13 -15.16 13.27
CA ASN H 70 -45.16 -15.33 14.35
C ASN H 70 -43.90 -15.98 13.80
N ALA H 71 -44.07 -17.10 13.10
CA ALA H 71 -42.95 -17.87 12.57
C ALA H 71 -42.05 -17.04 11.67
N GLY H 72 -42.64 -16.04 11.00
CA GLY H 72 -41.88 -15.16 10.13
C GLY H 72 -41.72 -13.76 10.68
N GLY H 73 -42.59 -13.40 11.61
CA GLY H 73 -42.54 -12.08 12.21
C GLY H 73 -43.65 -11.17 11.68
N ILE H 74 -43.66 -9.92 12.13
CA ILE H 74 -44.66 -8.96 11.69
C ILE H 74 -44.06 -7.94 10.72
N PHE H 75 -44.46 -8.03 9.46
CA PHE H 75 -43.95 -7.14 8.42
C PHE H 75 -44.92 -7.10 7.25
N ASN H 76 -44.68 -6.18 6.32
CA ASN H 76 -45.49 -6.07 5.10
C ASN H 76 -44.64 -5.89 3.86
N ARG H 77 -43.36 -5.57 4.06
CA ARG H 77 -42.42 -5.46 2.95
C ARG H 77 -40.98 -5.68 3.44
N TYR H 78 -40.16 -6.23 2.55
CA TYR H 78 -38.77 -6.54 2.89
C TYR H 78 -37.84 -5.36 2.68
N ASN H 79 -36.68 -5.42 3.30
CA ASN H 79 -35.61 -4.45 3.07
C ASN H 79 -34.39 -5.16 2.51
N VAL H 80 -34.39 -5.41 1.21
CA VAL H 80 -33.35 -6.21 0.58
C VAL H 80 -32.00 -5.52 0.59
N ILE H 81 -31.05 -6.10 1.33
CA ILE H 81 -29.68 -5.59 1.37
C ILE H 81 -28.93 -5.99 0.11
N ARG H 82 -29.00 -7.26 -0.23
CA ARG H 82 -28.16 -7.83 -1.28
C ARG H 82 -28.85 -9.02 -1.95
N ILE H 83 -28.59 -9.21 -3.23
CA ILE H 83 -29.05 -10.39 -3.94
C ILE H 83 -27.91 -10.97 -4.75
N GLN H 84 -27.46 -12.16 -4.36
CA GLN H 84 -26.33 -12.79 -5.04
C GLN H 84 -26.79 -13.97 -5.90
N LYS H 85 -25.97 -14.32 -6.88
CA LYS H 85 -26.23 -15.48 -7.72
C LYS H 85 -25.20 -16.56 -7.43
N VAL H 86 -25.67 -17.71 -6.96
CA VAL H 86 -24.78 -18.79 -6.57
C VAL H 86 -24.36 -19.62 -7.78
N VAL H 87 -23.05 -19.69 -8.01
CA VAL H 87 -22.50 -20.43 -9.13
C VAL H 87 -21.67 -21.61 -8.67
N ASN H 88 -22.08 -22.81 -9.09
CA ASN H 88 -21.34 -24.03 -8.82
C ASN H 88 -21.56 -25.01 -9.97
N LYS H 89 -20.51 -25.23 -10.77
CA LYS H 89 -20.60 -26.09 -11.94
C LYS H 89 -21.09 -27.49 -11.58
N LYS H 90 -20.64 -27.98 -10.44
CA LYS H 90 -21.00 -29.32 -9.97
C LYS H 90 -22.50 -29.43 -9.67
N LEU H 91 -23.00 -28.51 -8.87
CA LEU H 91 -24.39 -28.56 -8.42
C LEU H 91 -25.34 -28.34 -9.58
N ARG H 92 -24.92 -27.52 -10.54
CA ARG H 92 -25.75 -27.21 -11.69
C ARG H 92 -25.69 -28.34 -12.72
N GLU H 93 -24.56 -29.05 -12.76
CA GLU H 93 -24.43 -30.19 -13.65
C GLU H 93 -25.25 -31.38 -13.15
N ARG H 94 -25.24 -31.58 -11.83
CA ARG H 94 -26.07 -32.60 -11.22
C ARG H 94 -27.54 -32.24 -11.35
N PHE H 95 -27.83 -30.96 -11.15
CA PHE H 95 -29.19 -30.43 -11.30
C PHE H 95 -29.70 -30.67 -12.71
N CYS H 96 -28.83 -30.48 -13.70
CA CYS H 96 -29.19 -30.68 -15.09
C CYS H 96 -29.26 -32.16 -15.47
N HIS H 97 -28.49 -32.98 -14.76
CA HIS H 97 -28.54 -34.43 -14.97
C HIS H 97 -29.88 -34.97 -14.52
N ARG H 98 -30.24 -34.66 -13.28
CA ARG H 98 -31.53 -35.04 -12.72
C ARG H 98 -32.65 -34.40 -13.52
N GLN H 99 -32.40 -33.20 -14.05
CA GLN H 99 -33.36 -32.50 -14.89
C GLN H 99 -33.63 -33.30 -16.17
N LYS H 100 -32.55 -33.85 -16.73
CA LYS H 100 -32.65 -34.67 -17.94
C LYS H 100 -33.33 -35.98 -17.64
N GLU H 101 -33.13 -36.50 -16.43
CA GLU H 101 -33.76 -37.75 -16.03
C GLU H 101 -35.27 -37.58 -15.83
N VAL H 102 -35.65 -36.46 -15.20
CA VAL H 102 -37.06 -36.15 -14.98
C VAL H 102 -37.74 -35.88 -16.31
N SER H 103 -37.08 -35.10 -17.16
CA SER H 103 -37.58 -34.83 -18.51
C SER H 103 -37.78 -36.13 -19.27
N GLU H 104 -36.83 -37.04 -19.12
CA GLU H 104 -36.91 -38.38 -19.69
C GLU H 104 -38.19 -39.10 -19.26
N GLU H 105 -38.59 -38.86 -18.01
CA GLU H 105 -39.75 -39.54 -17.43
C GLU H 105 -40.96 -38.62 -17.32
N ASN H 106 -40.99 -37.55 -18.11
CA ASN H 106 -42.11 -36.63 -18.09
C ASN H 106 -42.31 -35.92 -19.42
N HIS H 107 -42.30 -36.70 -20.51
CA HIS H 107 -42.56 -36.19 -21.86
C HIS H 107 -41.65 -35.02 -22.23
N ASN H 108 -40.38 -35.13 -21.85
CA ASN H 108 -39.39 -34.06 -22.07
C ASN H 108 -39.80 -32.73 -21.46
N HIS H 109 -40.62 -32.79 -20.41
CA HIS H 109 -41.08 -31.58 -19.74
C HIS H 109 -40.69 -31.56 -18.27
N HIS H 110 -39.51 -31.02 -17.99
CA HIS H 110 -39.05 -30.81 -16.63
C HIS H 110 -39.65 -29.53 -16.05
N ASN H 111 -40.92 -29.59 -15.66
CA ASN H 111 -41.59 -28.38 -15.16
C ASN H 111 -40.84 -27.76 -14.00
N GLU H 112 -40.16 -26.66 -14.31
CA GLU H 112 -39.30 -25.97 -13.35
C GLU H 112 -40.03 -24.79 -12.72
N ARG H 113 -39.90 -24.67 -11.40
CA ARG H 113 -40.55 -23.60 -10.66
C ARG H 113 -39.56 -22.81 -9.82
N MET H 114 -39.54 -21.50 -10.02
CA MET H 114 -38.76 -20.60 -9.18
C MET H 114 -39.42 -20.50 -7.82
N LEU H 115 -38.84 -21.13 -6.81
CA LEU H 115 -39.46 -21.21 -5.50
C LEU H 115 -38.56 -20.71 -4.39
N PHE H 116 -39.16 -20.13 -3.36
CA PHE H 116 -38.42 -19.64 -2.20
C PHE H 116 -38.12 -20.77 -1.23
N HIS H 117 -37.11 -20.57 -0.39
CA HIS H 117 -36.71 -21.57 0.59
C HIS H 117 -36.00 -20.92 1.78
N GLY H 118 -36.45 -21.26 2.98
CA GLY H 118 -35.85 -20.72 4.18
C GLY H 118 -35.28 -21.82 5.07
N SER H 119 -34.08 -21.59 5.58
CA SER H 119 -33.40 -22.56 6.43
C SER H 119 -32.28 -21.90 7.24
N PRO H 120 -32.05 -22.38 8.46
CA PRO H 120 -30.93 -21.91 9.27
C PRO H 120 -29.60 -22.53 8.85
N PHE H 121 -29.62 -23.34 7.79
CA PHE H 121 -28.43 -24.00 7.30
C PHE H 121 -28.24 -23.77 5.80
N ILE H 122 -28.51 -22.55 5.34
CA ILE H 122 -28.43 -22.25 3.91
C ILE H 122 -27.00 -22.26 3.40
N ASN H 123 -26.03 -22.09 4.30
CA ASN H 123 -24.62 -22.13 3.92
C ASN H 123 -24.24 -23.49 3.36
N ALA H 124 -24.72 -24.55 4.02
CA ALA H 124 -24.49 -25.91 3.56
C ALA H 124 -25.20 -26.17 2.24
N ILE H 125 -26.26 -25.40 1.98
CA ILE H 125 -27.01 -25.52 0.74
C ILE H 125 -26.28 -24.80 -0.40
N ILE H 126 -25.56 -23.73 -0.05
CA ILE H 126 -24.81 -22.98 -1.04
C ILE H 126 -23.51 -23.71 -1.39
N HIS H 127 -22.93 -24.38 -0.40
CA HIS H 127 -21.65 -25.06 -0.61
C HIS H 127 -21.80 -26.53 -1.01
N LYS H 128 -22.71 -27.23 -0.34
CA LYS H 128 -22.86 -28.68 -0.58
C LYS H 128 -24.11 -29.00 -1.39
N GLY H 129 -24.87 -27.97 -1.76
CA GLY H 129 -26.10 -28.18 -2.50
C GLY H 129 -27.22 -28.72 -1.63
N PHE H 130 -28.42 -28.84 -2.19
CA PHE H 130 -29.54 -29.40 -1.46
C PHE H 130 -29.31 -30.87 -1.12
N ASP H 131 -29.92 -31.32 -0.03
CA ASP H 131 -29.72 -32.69 0.44
C ASP H 131 -31.01 -33.28 0.99
N GLU H 132 -31.46 -34.36 0.39
CA GLU H 132 -32.70 -35.02 0.83
C GLU H 132 -32.50 -35.75 2.15
N ARG H 133 -31.25 -35.92 2.55
CA ARG H 133 -30.92 -36.55 3.82
C ARG H 133 -31.23 -35.62 4.98
N HIS H 134 -31.17 -34.31 4.71
CA HIS H 134 -31.52 -33.30 5.69
C HIS H 134 -32.94 -32.79 5.44
N ALA H 135 -33.88 -33.72 5.26
CA ALA H 135 -35.25 -33.37 4.92
C ALA H 135 -36.07 -32.96 6.13
N TYR H 136 -37.19 -32.29 5.87
CA TYR H 136 -38.12 -31.91 6.93
C TYR H 136 -39.05 -33.08 7.23
N ILE H 137 -38.64 -33.92 8.18
CA ILE H 137 -39.40 -35.11 8.53
C ILE H 137 -40.74 -34.76 9.17
N GLY H 138 -40.80 -33.60 9.81
CA GLY H 138 -42.01 -33.13 10.45
C GLY H 138 -42.94 -32.42 9.48
N GLY H 139 -42.65 -32.56 8.19
CA GLY H 139 -43.45 -31.92 7.16
C GLY H 139 -44.83 -32.53 7.03
N MET H 140 -45.73 -31.77 6.41
CA MET H 140 -47.12 -32.19 6.25
C MET H 140 -47.25 -33.19 5.10
N PHE H 141 -46.21 -33.28 4.28
CA PHE H 141 -46.21 -34.19 3.13
C PHE H 141 -45.09 -35.21 3.22
N GLY H 142 -44.65 -35.52 4.43
CA GLY H 142 -43.61 -36.50 4.65
C GLY H 142 -42.22 -35.89 4.64
N ALA H 143 -41.21 -36.72 4.91
CA ALA H 143 -39.84 -36.26 4.97
C ALA H 143 -39.29 -35.92 3.60
N GLY H 144 -39.32 -34.64 3.25
CA GLY H 144 -38.82 -34.17 1.98
C GLY H 144 -38.31 -32.73 2.07
N ILE H 145 -37.88 -32.20 0.94
CA ILE H 145 -37.43 -30.81 0.88
C ILE H 145 -38.60 -29.92 0.46
N TYR H 146 -38.91 -28.95 1.30
CA TYR H 146 -40.09 -28.11 1.11
C TYR H 146 -39.75 -26.72 0.58
N PHE H 147 -40.62 -26.22 -0.31
CA PHE H 147 -40.48 -24.90 -0.88
C PHE H 147 -41.82 -24.18 -0.87
N ALA H 148 -41.78 -22.86 -0.96
CA ALA H 148 -43.00 -22.06 -0.97
C ALA H 148 -42.94 -21.01 -2.07
N GLU H 149 -44.08 -20.74 -2.69
CA GLU H 149 -44.17 -19.71 -3.71
C GLU H 149 -44.27 -18.34 -3.06
N ASN H 150 -44.58 -18.33 -1.76
CA ASN H 150 -44.62 -17.10 -0.99
C ASN H 150 -43.38 -16.95 -0.12
N SER H 151 -42.66 -15.85 -0.32
CA SER H 151 -41.40 -15.62 0.38
C SER H 151 -41.58 -15.53 1.90
N SER H 152 -42.77 -15.14 2.33
CA SER H 152 -43.05 -15.02 3.76
C SER H 152 -43.04 -16.38 4.44
N LYS H 153 -43.58 -17.37 3.75
CA LYS H 153 -43.69 -18.73 4.29
C LYS H 153 -42.31 -19.35 4.45
N SER H 154 -41.37 -18.98 3.57
CA SER H 154 -40.00 -19.42 3.69
C SER H 154 -39.28 -18.61 4.76
N ASN H 155 -39.69 -17.36 4.92
CA ASN H 155 -39.18 -16.50 5.97
C ASN H 155 -39.56 -17.05 7.33
N GLN H 156 -40.64 -17.82 7.36
CA GLN H 156 -41.09 -18.48 8.58
C GLN H 156 -40.14 -19.59 9.03
N TYR H 157 -39.29 -20.04 8.11
CA TYR H 157 -38.38 -21.15 8.42
C TYR H 157 -36.91 -20.74 8.34
N VAL H 158 -36.65 -19.45 8.17
CA VAL H 158 -35.28 -18.95 8.04
C VAL H 158 -34.48 -19.20 9.32
N TYR H 159 -35.04 -18.82 10.46
CA TYR H 159 -34.37 -19.01 11.74
C TYR H 159 -34.68 -20.37 12.35
N GLY H 160 -35.22 -21.27 11.52
CA GLY H 160 -35.55 -22.62 11.97
C GLY H 160 -37.03 -22.92 11.88
N ILE H 161 -37.41 -24.14 12.25
CA ILE H 161 -38.80 -24.56 12.23
C ILE H 161 -39.65 -23.72 13.18
N GLY H 162 -40.51 -22.89 12.62
CA GLY H 162 -41.34 -22.00 13.42
C GLY H 162 -40.56 -20.81 13.94
N GLY H 163 -39.41 -20.55 13.33
CA GLY H 163 -38.57 -19.44 13.72
C GLY H 163 -37.49 -19.83 14.72
N GLY H 164 -37.58 -21.05 15.23
CA GLY H 164 -36.61 -21.53 16.20
C GLY H 164 -36.56 -20.67 17.44
N THR H 165 -35.41 -20.06 17.69
CA THR H 165 -35.25 -19.14 18.80
C THR H 165 -35.01 -17.73 18.29
N GLY H 166 -35.42 -17.48 17.05
CA GLY H 166 -35.27 -16.17 16.44
C GLY H 166 -33.86 -15.91 15.95
N CYS H 167 -33.50 -14.63 15.87
CA CYS H 167 -32.15 -14.24 15.47
C CYS H 167 -31.13 -14.75 16.48
N PRO H 168 -29.92 -15.10 16.01
CA PRO H 168 -28.89 -15.64 16.88
C PRO H 168 -28.34 -14.63 17.88
N THR H 169 -28.62 -13.34 17.66
CA THR H 169 -28.06 -12.29 18.50
C THR H 169 -29.02 -11.86 19.61
N HIS H 170 -30.21 -11.40 19.24
CA HIS H 170 -31.14 -10.83 20.21
C HIS H 170 -32.27 -11.80 20.57
N LYS H 171 -32.21 -13.00 20.02
CA LYS H 171 -33.24 -14.03 20.26
C LYS H 171 -34.64 -13.51 19.93
N ASP H 172 -34.77 -12.91 18.75
CA ASP H 172 -36.04 -12.32 18.34
C ASP H 172 -36.49 -12.88 16.99
N ARG H 173 -37.68 -13.47 16.96
CA ARG H 173 -38.22 -14.00 15.72
C ARG H 173 -38.77 -12.90 14.84
N SER H 174 -38.97 -11.73 15.42
CA SER H 174 -39.46 -10.56 14.68
C SER H 174 -38.44 -9.43 14.72
N CYS H 175 -37.16 -9.79 14.63
CA CYS H 175 -36.09 -8.80 14.65
C CYS H 175 -36.01 -8.02 13.35
N TYR H 176 -35.98 -6.70 13.46
CA TYR H 176 -35.88 -5.84 12.30
C TYR H 176 -34.46 -5.31 12.12
N ILE H 177 -33.55 -5.78 12.98
CA ILE H 177 -32.17 -5.31 12.97
C ILE H 177 -31.24 -6.29 12.26
N CYS H 178 -31.26 -7.55 12.70
CA CYS H 178 -30.39 -8.58 12.15
C CYS H 178 -30.68 -8.86 10.68
N HIS H 179 -29.62 -9.09 9.91
CA HIS H 179 -29.75 -9.43 8.49
C HIS H 179 -30.27 -10.86 8.32
N ARG H 180 -31.43 -11.00 7.71
CA ARG H 180 -31.99 -12.31 7.40
C ARG H 180 -31.54 -12.77 6.02
N GLN H 181 -31.68 -14.06 5.75
CA GLN H 181 -31.30 -14.60 4.46
C GLN H 181 -32.19 -15.77 4.03
N MET H 182 -32.50 -15.81 2.75
CA MET H 182 -33.27 -16.93 2.19
C MET H 182 -32.77 -17.26 0.78
N LEU H 183 -33.41 -18.25 0.15
CA LEU H 183 -32.97 -18.71 -1.16
C LEU H 183 -34.09 -18.65 -2.20
N PHE H 184 -33.74 -18.21 -3.40
CA PHE H 184 -34.66 -18.25 -4.53
C PHE H 184 -34.14 -19.25 -5.55
N CYS H 185 -34.65 -20.48 -5.46
CA CYS H 185 -34.07 -21.60 -6.20
C CYS H 185 -34.87 -22.04 -7.42
N ARG H 186 -34.18 -22.69 -8.35
CA ARG H 186 -34.82 -23.37 -9.46
C ARG H 186 -35.17 -24.78 -9.03
N VAL H 187 -36.46 -25.08 -8.94
CA VAL H 187 -36.89 -26.39 -8.45
C VAL H 187 -37.50 -27.24 -9.57
N THR H 188 -36.87 -28.38 -9.86
CA THR H 188 -37.37 -29.31 -10.86
C THR H 188 -38.50 -30.15 -10.29
N LEU H 189 -39.73 -29.87 -10.72
CA LEU H 189 -40.90 -30.60 -10.22
C LEU H 189 -41.25 -31.78 -11.11
N GLY H 190 -41.36 -31.53 -12.42
CA GLY H 190 -41.76 -32.57 -13.35
C GLY H 190 -43.22 -32.96 -13.15
N LYS H 191 -43.50 -34.26 -13.21
CA LYS H 191 -44.85 -34.75 -12.97
C LYS H 191 -45.16 -34.71 -11.48
N SER H 192 -45.93 -33.70 -11.08
CA SER H 192 -46.24 -33.49 -9.67
C SER H 192 -47.52 -34.23 -9.24
N PHE H 193 -47.60 -34.51 -7.95
CA PHE H 193 -48.79 -35.14 -7.37
C PHE H 193 -49.52 -34.15 -6.48
N LEU H 194 -50.72 -33.78 -6.89
CA LEU H 194 -51.52 -32.81 -6.12
C LEU H 194 -52.22 -33.48 -4.95
N GLN H 195 -51.97 -32.96 -3.76
CA GLN H 195 -52.59 -33.49 -2.54
C GLN H 195 -52.98 -32.35 -1.61
N PHE H 196 -54.12 -32.50 -0.95
CA PHE H 196 -54.62 -31.47 -0.04
C PHE H 196 -54.48 -31.89 1.41
N SER H 197 -54.72 -33.17 1.68
CA SER H 197 -54.65 -33.70 3.05
C SER H 197 -53.24 -34.13 3.40
N THR H 198 -53.01 -34.38 4.70
CA THR H 198 -51.70 -34.78 5.19
C THR H 198 -51.41 -36.25 4.87
N ILE H 199 -50.67 -36.49 3.79
CA ILE H 199 -50.27 -37.83 3.40
C ILE H 199 -48.75 -37.97 3.47
N LYS H 200 -48.24 -38.27 4.65
CA LYS H 200 -46.79 -38.38 4.86
C LYS H 200 -46.20 -39.56 4.10
N MET H 201 -45.13 -39.29 3.36
CA MET H 201 -44.45 -40.32 2.58
C MET H 201 -42.94 -40.13 2.59
N ALA H 202 -42.20 -41.21 2.31
CA ALA H 202 -40.75 -41.16 2.34
C ALA H 202 -40.16 -40.56 1.07
N HIS H 203 -40.72 -40.95 -0.07
CA HIS H 203 -40.25 -40.45 -1.35
C HIS H 203 -41.42 -40.00 -2.22
N ALA H 204 -41.12 -39.69 -3.49
CA ALA H 204 -42.14 -39.28 -4.43
C ALA H 204 -43.10 -40.43 -4.73
N PRO H 205 -44.37 -40.11 -5.00
CA PRO H 205 -45.37 -41.13 -5.38
C PRO H 205 -44.97 -41.85 -6.67
N PRO H 206 -45.47 -43.08 -6.86
CA PRO H 206 -45.15 -43.88 -8.05
C PRO H 206 -45.43 -43.14 -9.35
N GLY H 207 -44.40 -42.95 -10.17
CA GLY H 207 -44.55 -42.29 -11.45
C GLY H 207 -44.48 -40.77 -11.36
N HIS H 208 -44.24 -40.27 -10.15
CA HIS H 208 -44.15 -38.83 -9.94
C HIS H 208 -42.76 -38.44 -9.46
N HIS H 209 -42.50 -37.13 -9.41
CA HIS H 209 -41.18 -36.64 -9.04
C HIS H 209 -41.26 -35.57 -7.96
N SER H 210 -42.49 -35.15 -7.63
CA SER H 210 -42.70 -34.14 -6.61
C SER H 210 -44.14 -34.18 -6.08
N VAL H 211 -44.35 -33.52 -4.95
CA VAL H 211 -45.67 -33.43 -4.34
C VAL H 211 -46.08 -31.98 -4.16
N ILE H 212 -47.15 -31.57 -4.83
CA ILE H 212 -47.63 -30.20 -4.72
C ILE H 212 -48.89 -30.14 -3.84
N GLY H 213 -48.85 -29.27 -2.84
CA GLY H 213 -49.98 -29.09 -1.94
C GLY H 213 -50.62 -27.73 -2.10
N ARG H 214 -51.82 -27.71 -2.67
CA ARG H 214 -52.57 -26.47 -2.83
C ARG H 214 -53.47 -26.24 -1.62
N PRO H 215 -53.71 -24.96 -1.27
CA PRO H 215 -54.55 -24.60 -0.13
C PRO H 215 -55.96 -25.18 -0.22
N SER H 216 -56.50 -25.59 0.92
CA SER H 216 -57.86 -26.13 0.99
C SER H 216 -58.50 -25.77 2.32
N VAL H 217 -59.83 -25.74 2.34
CA VAL H 217 -60.58 -25.43 3.56
C VAL H 217 -60.33 -26.48 4.62
N ASN H 218 -60.00 -26.03 5.83
CA ASN H 218 -59.66 -26.92 6.93
C ASN H 218 -58.51 -27.86 6.58
N GLY H 219 -57.53 -27.34 5.86
CA GLY H 219 -56.41 -28.15 5.41
C GLY H 219 -55.09 -27.41 5.40
N LEU H 220 -54.83 -26.67 4.32
CA LEU H 220 -53.54 -26.01 4.13
C LEU H 220 -53.70 -24.50 3.90
N ALA H 221 -52.82 -23.74 4.54
CA ALA H 221 -52.84 -22.28 4.41
C ALA H 221 -52.39 -21.84 3.02
N TYR H 222 -51.10 -22.01 2.74
CA TYR H 222 -50.55 -21.61 1.45
C TYR H 222 -49.84 -22.78 0.76
N ALA H 223 -49.59 -22.63 -0.54
CA ALA H 223 -49.05 -23.71 -1.36
C ALA H 223 -47.68 -24.20 -0.89
N GLU H 224 -47.49 -25.52 -0.93
CA GLU H 224 -46.20 -26.11 -0.61
C GLU H 224 -45.70 -26.98 -1.77
N TYR H 225 -44.40 -26.99 -1.99
CA TYR H 225 -43.80 -27.78 -3.06
C TYR H 225 -42.72 -28.70 -2.52
N VAL H 226 -42.98 -30.01 -2.54
CA VAL H 226 -42.08 -30.98 -1.92
C VAL H 226 -41.32 -31.82 -2.94
N ILE H 227 -39.99 -31.83 -2.83
CA ILE H 227 -39.19 -32.73 -3.65
C ILE H 227 -38.31 -33.60 -2.76
N TYR H 228 -38.21 -34.88 -3.11
CA TYR H 228 -37.53 -35.85 -2.25
C TYR H 228 -36.15 -36.22 -2.80
N ARG H 229 -35.58 -35.32 -3.58
CA ARG H 229 -34.22 -35.50 -4.11
C ARG H 229 -33.47 -34.18 -4.13
N GLY H 230 -32.25 -34.19 -3.59
CA GLY H 230 -31.46 -32.98 -3.46
C GLY H 230 -31.08 -32.34 -4.79
N GLU H 231 -30.95 -33.16 -5.83
CA GLU H 231 -30.54 -32.66 -7.13
C GLU H 231 -31.73 -32.19 -7.97
N GLN H 232 -32.87 -32.02 -7.34
CA GLN H 232 -34.04 -31.46 -8.02
C GLN H 232 -34.22 -29.99 -7.64
N ALA H 233 -33.19 -29.42 -7.03
CA ALA H 233 -33.22 -28.01 -6.64
C ALA H 233 -31.82 -27.41 -6.63
N TYR H 234 -31.68 -26.26 -7.29
CA TYR H 234 -30.41 -25.54 -7.31
C TYR H 234 -30.59 -24.14 -6.76
N PRO H 235 -29.85 -23.82 -5.70
CA PRO H 235 -29.92 -22.48 -5.07
C PRO H 235 -29.47 -21.39 -6.03
N GLU H 236 -30.38 -20.95 -6.89
CA GLU H 236 -30.05 -19.99 -7.94
C GLU H 236 -29.72 -18.62 -7.37
N TYR H 237 -30.48 -18.20 -6.37
CA TYR H 237 -30.27 -16.88 -5.77
C TYR H 237 -30.15 -16.93 -4.25
N LEU H 238 -29.18 -16.19 -3.72
CA LEU H 238 -29.02 -16.02 -2.28
C LEU H 238 -29.44 -14.61 -1.90
N ILE H 239 -30.57 -14.51 -1.21
CA ILE H 239 -31.13 -13.19 -0.87
C ILE H 239 -30.84 -12.81 0.58
N THR H 240 -30.09 -11.72 0.74
CA THR H 240 -29.84 -11.12 2.04
C THR H 240 -30.76 -9.90 2.20
N TYR H 241 -31.59 -9.93 3.23
CA TYR H 241 -32.64 -8.93 3.37
C TYR H 241 -32.92 -8.56 4.83
N GLN H 242 -33.95 -7.74 5.02
CA GLN H 242 -34.43 -7.36 6.34
C GLN H 242 -35.94 -7.17 6.29
N ILE H 243 -36.62 -7.46 7.39
CA ILE H 243 -38.05 -7.18 7.48
C ILE H 243 -38.25 -5.76 7.97
N MET H 244 -39.23 -5.06 7.40
CA MET H 244 -39.49 -3.67 7.75
C MET H 244 -40.62 -3.55 8.77
N LYS H 245 -40.41 -2.73 9.78
CA LYS H 245 -41.44 -2.46 10.77
C LYS H 245 -42.44 -1.44 10.23
N PRO H 246 -43.74 -1.75 10.32
CA PRO H 246 -44.81 -0.87 9.83
C PRO H 246 -44.75 0.52 10.46
N GLU H 247 -45.22 1.52 9.74
CA GLU H 247 -45.19 2.91 10.21
C GLU H 247 -46.20 3.12 11.34
ZN ZN I . -5.59 -39.17 16.54
C1 GOL J . 0.57 -18.70 19.26
O1 GOL J . 0.24 -19.84 18.50
C2 GOL J . 2.09 -18.51 19.29
O2 GOL J . 2.46 -17.83 20.46
C3 GOL J . 2.52 -17.72 18.07
O3 GOL J . 3.55 -16.82 18.43
C1 EDO K . 6.61 -40.79 30.63
O1 EDO K . 6.43 -41.00 29.23
C2 EDO K . 5.56 -39.82 31.14
O2 EDO K . 5.68 -38.56 30.45
O1 92R L . 6.41 -24.17 23.23
C9 92R L . 5.62 -23.67 24.03
C5 92R L . 5.87 -23.57 25.48
C4 92R L . 7.07 -24.06 26.00
C3 92R L . 7.33 -23.97 27.36
C2 92R L . 6.40 -23.39 28.21
N 92R L . 4.42 -23.15 23.61
C8 92R L . 3.47 -22.57 24.42
C7 92R L . 3.70 -22.47 25.76
C6 92R L . 4.93 -22.98 26.32
C1 92R L . 5.21 -22.90 27.69
O 92R L . 4.23 -22.32 28.45
C 92R L . 4.47 -22.20 29.85
C10 92R L . 2.25 -22.06 23.77
C18 92R L . 2.33 -21.19 22.69
C17 92R L . 1.18 -20.72 22.08
C13 92R L . -0.07 -21.09 22.52
C12 92R L . -0.15 -21.95 23.61
C11 92R L . 0.99 -22.43 24.22
C14 92R L . -1.32 -20.58 21.86
ZN ZN M . -37.42 4.66 13.38
O1 92R N . -26.40 19.74 20.75
C9 92R N . -27.24 20.24 21.49
C5 92R N . -27.08 20.33 22.96
C4 92R N . -25.92 19.86 23.55
C3 92R N . -25.76 19.95 24.93
C2 92R N . -26.76 20.51 25.71
N 92R N . -28.40 20.75 20.99
C8 92R N . -29.41 21.33 21.73
C7 92R N . -29.28 21.41 23.08
C6 92R N . -28.10 20.91 23.73
C1 92R N . -27.91 20.99 25.12
O 92R N . -28.95 21.55 25.81
C 92R N . -28.82 21.65 27.22
C10 92R N . -30.57 21.86 20.99
C18 92R N . -30.42 22.93 20.11
C17 92R N . -31.51 23.45 19.44
C13 92R N . -32.79 22.93 19.63
C12 92R N . -32.93 21.87 20.51
C11 92R N . -31.85 21.34 21.19
C14 92R N . -33.97 23.52 18.92
N1 92R N . -33.88 24.97 18.75
C16 92R N . -34.84 25.66 19.61
C15 92R N . -34.10 25.34 17.35
ZN ZN O . -2.67 44.79 -20.19
C1 GOL P . -7.27 22.31 -20.51
O1 GOL P . -7.70 21.04 -20.09
C2 GOL P . -5.76 22.29 -20.72
O2 GOL P . -5.31 23.57 -21.09
C3 GOL P . -5.42 21.28 -21.82
O3 GOL P . -4.39 21.81 -22.63
C1 EDO Q . 7.07 14.55 -23.06
O1 EDO Q . 6.73 13.83 -24.26
C2 EDO Q . 7.20 16.03 -23.38
O2 EDO Q . 8.21 16.21 -24.38
O1 92R R . 1.33 24.95 -17.34
C9 92R R . 1.64 24.77 -18.51
C5 92R R . 2.96 24.30 -18.95
C4 92R R . 3.96 24.04 -18.01
C3 92R R . 5.21 23.61 -18.42
C2 92R R . 5.48 23.42 -19.76
N 92R R . 0.72 25.00 -19.52
C8 92R R . 0.96 24.82 -20.87
C7 92R R . 2.17 24.39 -21.28
C6 92R R . 3.22 24.12 -20.33
C1 92R R . 4.49 23.68 -20.71
O 92R R . 4.67 23.53 -22.05
C 92R R . 5.96 23.10 -22.51
C10 92R R . -0.15 25.11 -21.79
C18 92R R . -1.47 24.86 -21.41
C17 92R R . -2.51 25.14 -22.27
C13 92R R . -2.28 25.67 -23.53
C12 92R R . -0.97 25.91 -23.91
C11 92R R . 0.08 25.64 -23.05
C14 92R R . -3.42 25.98 -24.47
N1 92R R . -4.11 24.79 -24.97
C16 92R R . -4.28 24.86 -26.41
C15 92R R . -5.40 24.63 -24.31
ZN ZN S . 30.07 -5.91 -19.74
C1 GOL T . 25.69 -28.93 -20.31
O1 GOL T . 24.87 -29.34 -19.23
C2 GOL T . 27.10 -28.67 -19.82
O2 GOL T . 27.10 -27.64 -18.87
C3 GOL T . 27.99 -28.29 -21.00
O3 GOL T . 28.81 -29.38 -21.35
O1 92R U . 33.43 -25.21 -16.67
C9 92R U . 33.82 -25.54 -17.78
C5 92R U . 35.16 -26.12 -18.03
C4 92R U . 36.03 -26.33 -16.97
C3 92R U . 37.28 -26.88 -17.21
C2 92R U . 37.67 -27.23 -18.48
N 92R U . 33.03 -25.38 -18.90
C8 92R U . 33.38 -25.71 -20.19
C7 92R U . 34.60 -26.25 -20.43
C6 92R U . 35.53 -26.47 -19.35
C1 92R U . 36.81 -27.02 -19.54
O 92R U . 37.11 -27.33 -20.84
C 92R U . 38.39 -27.88 -21.11
C10 92R U . 32.38 -25.45 -21.24
C18 92R U . 31.23 -26.23 -21.33
C17 92R U . 30.28 -25.98 -22.31
C13 92R U . 30.46 -24.94 -23.22
C12 92R U . 31.61 -24.18 -23.13
C11 92R U . 32.56 -24.43 -22.16
C14 92R U . 29.42 -24.67 -24.27
ZN ZN V . -1.03 -24.84 -34.44
O1 92R W . -9.62 -6.70 -32.46
C9 92R W . -8.72 -5.93 -32.77
C5 92R W . -8.83 -4.92 -33.84
C4 92R W . -10.01 -4.81 -34.57
C3 92R W . -10.12 -3.85 -35.56
C2 92R W . -9.06 -3.03 -35.87
N 92R W . -7.51 -5.96 -32.11
C8 92R W . -6.42 -5.14 -32.38
C7 92R W . -6.52 -4.22 -33.36
C6 92R W . -7.72 -4.09 -34.13
C1 92R W . -7.87 -3.14 -35.16
O 92R W . -6.77 -2.37 -35.39
C 92R W . -6.85 -1.38 -36.41
C10 92R W . -5.23 -5.30 -31.53
C18 92R W . -5.36 -5.49 -30.16
C17 92R W . -4.24 -5.60 -29.35
C13 92R W . -2.97 -5.53 -29.89
C12 92R W . -2.85 -5.36 -31.26
C11 92R W . -3.96 -5.25 -32.07
C14 92R W . -1.75 -5.61 -29.00
N1 92R W . -1.59 -4.46 -28.12
C16 92R W . -0.86 -3.40 -28.80
C15 92R W . -0.90 -4.84 -26.89
ZN ZN X . 39.14 3.53 -10.55
O1 92R Y . 31.23 21.32 -9.14
C9 92R Y . 32.11 22.11 -9.47
C5 92R Y . 31.96 23.08 -10.57
C4 92R Y . 30.76 23.15 -11.28
C3 92R Y . 30.62 24.08 -12.30
C2 92R Y . 31.66 24.92 -12.64
N 92R Y . 33.32 22.12 -8.83
C8 92R Y . 34.39 22.95 -9.13
C7 92R Y . 34.25 23.85 -10.14
C6 92R Y . 33.03 23.93 -10.89
C1 92R Y . 32.85 24.85 -11.94
O 92R Y . 33.94 25.64 -12.20
C 92R Y . 33.82 26.59 -13.26
C10 92R Y . 35.60 22.84 -8.29
C18 92R Y . 35.51 22.37 -6.98
C17 92R Y . 36.64 22.29 -6.19
C13 92R Y . 37.88 22.68 -6.68
C12 92R Y . 37.97 23.14 -7.99
C11 92R Y . 36.83 23.21 -8.78
C14 92R Y . 39.11 22.62 -5.80
N1 92R Y . 39.23 23.77 -4.90
C16 92R Y . 40.48 24.48 -5.15
C15 92R Y . 39.17 23.35 -3.51
ZN ZN Z . 9.34 25.93 40.46
C1 EDO AA . 2.17 -4.30 18.11
O1 EDO AA . 2.16 -2.92 18.47
C2 EDO AA . 2.97 -5.10 19.13
O2 EDO AA . 2.51 -4.80 20.45
O1 92R BA . 2.38 12.15 27.83
C9 92R BA . 2.07 11.24 28.60
C5 92R BA . 0.71 10.68 28.70
C4 92R BA . -0.31 11.18 27.88
C3 92R BA . -1.59 10.67 27.97
C2 92R BA . -1.87 9.65 28.87
N 92R BA . 3.01 10.67 29.44
C8 92R BA . 2.75 9.65 30.34
C7 92R BA . 1.50 9.14 30.44
C6 92R BA . 0.44 9.65 29.62
C1 92R BA . -0.88 9.16 29.68
O 92R BA . -1.07 8.16 30.61
C 92R BA . -2.38 7.65 30.76
C10 92R BA . 3.90 9.16 31.12
C18 92R BA . 5.20 9.26 30.64
C17 92R BA . 6.26 8.76 31.36
C13 92R BA . 6.07 8.13 32.58
C12 92R BA . 4.78 8.05 33.08
C11 92R BA . 3.71 8.55 32.36
C14 92R BA . 7.23 7.54 33.33
N1 92R BA . 7.78 6.34 32.71
C16 92R BA . 7.79 5.22 33.65
C15 92R BA . 9.12 6.58 32.20
ZN ZN CA . -31.82 -9.59 16.08
O1 92R DA . -38.75 -22.72 3.30
C9 92R DA . -39.11 -23.69 3.96
C5 92R DA . -40.49 -24.22 3.95
C4 92R DA . -41.45 -23.61 3.15
C3 92R DA . -42.75 -24.11 3.13
C2 92R DA . -43.09 -25.20 3.90
N 92R DA . -38.23 -24.35 4.78
C8 92R DA . -38.53 -25.45 5.56
C7 92R DA . -39.80 -25.94 5.56
C6 92R DA . -40.81 -25.33 4.74
C1 92R DA . -42.14 -25.80 4.71
O 92R DA . -42.39 -26.88 5.52
C 92R DA . -43.72 -27.39 5.54
C10 92R DA . -37.44 -26.03 6.36
C18 92R DA . -36.45 -26.81 5.76
C17 92R DA . -35.43 -27.35 6.51
C13 92R DA . -35.34 -27.12 7.88
C12 92R DA . -36.32 -26.35 8.47
C11 92R DA . -37.35 -25.81 7.73
C14 92R DA . -34.21 -27.71 8.68
N1 92R DA . -33.72 -28.98 8.16
C16 92R DA . -33.79 -30.02 9.19
C15 92R DA . -32.35 -28.85 7.69
#